data_7NG8
#
_entry.id   7NG8
#
_cell.length_a   1.00
_cell.length_b   1.00
_cell.length_c   1.00
_cell.angle_alpha   90.00
_cell.angle_beta   90.00
_cell.angle_gamma   90.00
#
_symmetry.space_group_name_H-M   'P 1'
#
loop_
_entity.id
_entity.type
_entity.pdbx_description
1 polymer 'Outer membrane channel protein'
2 polymer 'Klebicin C activity'
#
loop_
_entity_poly.entity_id
_entity_poly.type
_entity_poly.pdbx_seq_one_letter_code
_entity_poly.pdbx_strand_id
1 'polypeptide(L)'
;MKKLLPILIGLSLTGFSAMSQAENLLQVYQQARISNPDLRKSAADRDAAFEKINEARSPLLPQLGLGADYTYTSGFRDYK
DQNSNVTSGSLQLTQVLFDMSKWRALTLQEKAAGIQDVTYQTDQQTLILNTATAYFKVLAAIDTLSYTEAQKQAIYRQLD
QTTQRFNVGLVAITDVQNARSQYDAVLANEVTARNDLDNAVEELRQVTGNYYPELASLNVDGFKTSKPQAVNALLKEAEN
RNLSLLQARLNQDLAREQIRQAQDGHLPTLDLNASSGVSNNRYSGSKSISQDADIGQNKIGLSFSLPLYQGGMVNSQVKQ
AQYNFVGASEQLESAHRSVVQTVRSSFNNVNASISSINAYKQAVVSAQSSLDAMEAGYSVGTRTIVDVLDATTTLYNAKQ
QLSNARYNYLINELNIKSALGTLNEQDLIALNNTLGKPISTSADSVAPENPQQDATADGYGNTTAAMKPASARTTTHSSG
SNPFRQLEHHHHHH
;
A,B,C
2 'polypeptide(L)'
;MADNQPVPLTPAPPGMVSLGVNENGEEEMTVIGGDGSGTGFSGNEAPIIPGSGSLQADLGKKSLTRLQAESSAAIHATAK
WTTENLAKTQAAQAERAKAAMLSQQAAKAKQAKLTQHLKDVVDRALQNNKTRPTVIDLAHQNNQQMAAMAEFIGRQKAIE
EARKKAEREAKRAEEAYQAALRAQEEEQRKQAEIERKLQEARKQEAAAKAKAEADRIAAEKAEAEARAKAEAERRKAEEA
RKALFAKAGIKDTPGCLEHHHHHH
;
D
#
# COMPACT_ATOMS: atom_id res chain seq x y z
N GLU A 23 -5.90 3.39 32.80
CA GLU A 23 -5.78 3.03 34.24
C GLU A 23 -4.79 1.89 34.41
N ASN A 24 -4.76 1.00 33.42
CA ASN A 24 -3.81 -0.10 33.33
C ASN A 24 -3.96 -0.67 31.93
N LEU A 25 -3.30 -1.78 31.66
CA LEU A 25 -3.29 -2.30 30.30
C LEU A 25 -4.51 -3.17 30.00
N LEU A 26 -5.02 -3.94 30.97
CA LEU A 26 -6.21 -4.73 30.72
C LEU A 26 -7.43 -3.86 30.49
N GLN A 27 -7.65 -2.86 31.34
CA GLN A 27 -8.82 -2.01 31.17
C GLN A 27 -8.74 -1.24 29.86
N VAL A 28 -7.55 -0.73 29.53
CA VAL A 28 -7.38 -0.04 28.26
C VAL A 28 -7.69 -0.98 27.10
N TYR A 29 -7.15 -2.19 27.15
CA TYR A 29 -7.39 -3.12 26.05
C TYR A 29 -8.86 -3.50 25.97
N GLN A 30 -9.56 -3.56 27.10
CA GLN A 30 -10.98 -3.88 27.07
C GLN A 30 -11.79 -2.78 26.42
N GLN A 31 -11.57 -1.52 26.82
CA GLN A 31 -12.25 -0.43 26.11
C GLN A 31 -11.94 -0.48 24.63
N ALA A 32 -10.67 -0.73 24.27
CA ALA A 32 -10.32 -0.77 22.85
C ALA A 32 -11.06 -1.88 22.13
N ARG A 33 -10.95 -3.11 22.64
CA ARG A 33 -11.63 -4.24 22.02
C ARG A 33 -13.12 -4.01 21.87
N ILE A 34 -13.73 -3.32 22.84
CA ILE A 34 -15.17 -3.10 22.77
C ILE A 34 -15.52 -2.01 21.77
N SER A 35 -14.66 -0.99 21.61
CA SER A 35 -14.98 0.17 20.81
C SER A 35 -14.19 0.28 19.51
N ASN A 36 -13.01 -0.32 19.43
CA ASN A 36 -12.13 -0.15 18.29
C ASN A 36 -12.89 -0.46 17.00
N PRO A 37 -12.97 0.49 16.05
CA PRO A 37 -13.79 0.27 14.85
C PRO A 37 -13.15 -0.64 13.82
N ASP A 38 -11.81 -0.72 13.81
CA ASP A 38 -11.14 -1.63 12.87
C ASP A 38 -11.56 -3.08 13.10
N LEU A 39 -11.58 -3.52 14.36
CA LEU A 39 -12.05 -4.87 14.64
C LEU A 39 -13.50 -5.05 14.20
N ARG A 40 -14.36 -4.09 14.48
CA ARG A 40 -15.76 -4.29 14.11
C ARG A 40 -15.93 -4.33 12.61
N LYS A 41 -15.11 -3.59 11.86
CA LYS A 41 -15.16 -3.71 10.41
C LYS A 41 -14.66 -5.07 9.95
N SER A 42 -13.57 -5.57 10.54
CA SER A 42 -13.09 -6.90 10.19
C SER A 42 -14.13 -7.97 10.51
N ALA A 43 -14.84 -7.82 11.62
CA ALA A 43 -15.91 -8.74 11.96
C ALA A 43 -17.05 -8.65 10.95
N ALA A 44 -17.39 -7.43 10.53
CA ALA A 44 -18.39 -7.26 9.49
C ALA A 44 -18.00 -7.99 8.22
N ASP A 45 -16.73 -7.88 7.80
CA ASP A 45 -16.28 -8.58 6.61
C ASP A 45 -16.35 -10.10 6.79
N ARG A 46 -15.90 -10.58 7.95
CA ARG A 46 -16.00 -12.01 8.25
C ARG A 46 -17.44 -12.50 8.12
N ASP A 47 -18.37 -11.79 8.75
CA ASP A 47 -19.77 -12.19 8.72
C ASP A 47 -20.33 -12.10 7.31
N ALA A 48 -19.92 -11.08 6.55
CA ALA A 48 -20.37 -10.97 5.17
C ALA A 48 -19.95 -12.17 4.34
N ALA A 49 -18.73 -12.65 4.54
CA ALA A 49 -18.29 -13.86 3.82
C ALA A 49 -19.08 -15.08 4.28
N PHE A 50 -19.20 -15.26 5.59
CA PHE A 50 -19.93 -16.41 6.11
C PHE A 50 -21.39 -16.39 5.71
N GLU A 51 -21.91 -15.24 5.31
CA GLU A 51 -23.27 -15.16 4.78
C GLU A 51 -23.30 -15.34 3.26
N LYS A 52 -22.27 -14.86 2.56
CA LYS A 52 -22.15 -15.12 1.15
C LYS A 52 -22.08 -16.60 0.86
N ILE A 53 -21.68 -17.40 1.85
CA ILE A 53 -21.78 -18.85 1.69
C ILE A 53 -23.19 -19.24 1.25
N ASN A 54 -24.21 -18.62 1.84
CA ASN A 54 -25.58 -18.99 1.51
C ASN A 54 -25.97 -18.52 0.12
N GLU A 55 -25.52 -17.34 -0.29
CA GLU A 55 -25.74 -16.91 -1.66
C GLU A 55 -25.10 -17.88 -2.65
N ALA A 56 -23.94 -18.45 -2.27
CA ALA A 56 -23.28 -19.41 -3.14
C ALA A 56 -24.01 -20.75 -3.15
N ARG A 57 -24.68 -21.09 -2.04
CA ARG A 57 -25.47 -22.32 -2.00
C ARG A 57 -26.82 -22.17 -2.69
N SER A 58 -27.29 -20.94 -2.87
CA SER A 58 -28.63 -20.74 -3.41
C SER A 58 -28.84 -21.32 -4.80
N PRO A 59 -27.90 -21.23 -5.76
CA PRO A 59 -28.18 -21.79 -7.09
C PRO A 59 -28.51 -23.27 -7.07
N LEU A 60 -27.87 -24.04 -6.18
CA LEU A 60 -28.15 -25.47 -6.11
C LEU A 60 -29.59 -25.75 -5.72
N LEU A 61 -30.19 -24.89 -4.90
CA LEU A 61 -31.56 -25.10 -4.42
C LEU A 61 -32.55 -24.74 -5.52
N PRO A 62 -33.83 -25.09 -5.35
CA PRO A 62 -34.81 -24.84 -6.40
C PRO A 62 -34.99 -23.35 -6.64
N GLN A 63 -35.32 -22.99 -7.88
CA GLN A 63 -35.43 -21.60 -8.30
C GLN A 63 -36.81 -21.41 -8.95
N LEU A 64 -37.83 -21.31 -8.11
CA LEU A 64 -39.17 -21.04 -8.62
C LEU A 64 -39.23 -19.62 -9.18
N GLY A 65 -40.03 -19.45 -10.23
CA GLY A 65 -40.21 -18.14 -10.84
C GLY A 65 -41.55 -18.09 -11.53
N LEU A 66 -42.02 -16.86 -11.77
CA LEU A 66 -43.30 -16.65 -12.42
C LEU A 66 -43.11 -15.73 -13.62
N GLY A 67 -44.04 -15.85 -14.57
CA GLY A 67 -44.02 -15.00 -15.75
C GLY A 67 -45.42 -14.76 -16.23
N ALA A 68 -45.59 -13.69 -16.99
CA ALA A 68 -46.86 -13.40 -17.62
C ALA A 68 -46.64 -12.43 -18.77
N ASP A 69 -47.28 -12.71 -19.90
CA ASP A 69 -47.10 -11.96 -21.12
C ASP A 69 -48.45 -11.63 -21.72
N TYR A 70 -48.52 -10.47 -22.38
CA TYR A 70 -49.69 -10.08 -23.14
C TYR A 70 -49.20 -9.50 -24.46
N THR A 71 -49.63 -10.10 -25.57
CA THR A 71 -49.16 -9.70 -26.89
C THR A 71 -50.33 -9.49 -27.83
N TYR A 72 -50.21 -8.49 -28.70
CA TYR A 72 -51.18 -8.21 -29.75
C TYR A 72 -50.43 -8.29 -31.07
N THR A 73 -50.58 -9.41 -31.77
CA THR A 73 -49.89 -9.64 -33.03
C THR A 73 -50.77 -9.25 -34.20
N SER A 74 -50.18 -8.59 -35.19
CA SER A 74 -50.89 -8.17 -36.39
C SER A 74 -50.01 -8.45 -37.59
N GLY A 75 -50.56 -9.11 -38.59
CA GLY A 75 -49.83 -9.47 -39.79
C GLY A 75 -50.09 -8.47 -40.90
N PHE A 76 -49.12 -8.35 -41.81
CA PHE A 76 -49.22 -7.37 -42.89
C PHE A 76 -48.73 -7.91 -44.23
N ARG A 77 -48.40 -9.19 -44.32
CA ARG A 77 -47.94 -9.78 -45.58
C ARG A 77 -48.44 -11.22 -45.60
N ASP A 78 -49.37 -11.50 -46.50
CA ASP A 78 -50.11 -12.76 -46.58
C ASP A 78 -50.92 -13.04 -45.31
N TYR A 79 -50.96 -12.09 -44.37
CA TYR A 79 -51.69 -12.23 -43.11
C TYR A 79 -52.54 -11.01 -42.79
N LYS A 80 -52.72 -10.07 -43.71
CA LYS A 80 -53.51 -8.90 -43.36
C LYS A 80 -54.84 -9.32 -42.78
N ASP A 81 -55.34 -8.54 -41.83
CA ASP A 81 -56.61 -8.82 -41.16
C ASP A 81 -56.59 -10.15 -40.42
N GLN A 82 -55.39 -10.64 -40.06
CA GLN A 82 -55.24 -11.82 -39.21
C GLN A 82 -54.51 -11.37 -37.95
N ASN A 83 -55.27 -10.86 -36.98
CA ASN A 83 -54.72 -10.36 -35.73
C ASN A 83 -55.03 -11.33 -34.61
N SER A 84 -54.18 -11.30 -33.57
CA SER A 84 -54.29 -12.22 -32.45
C SER A 84 -53.98 -11.47 -31.16
N ASN A 85 -54.67 -11.84 -30.10
CA ASN A 85 -54.41 -11.30 -28.76
C ASN A 85 -54.16 -12.47 -27.81
N VAL A 86 -52.93 -12.62 -27.37
CA VAL A 86 -52.51 -13.75 -26.53
C VAL A 86 -52.22 -13.22 -25.13
N THR A 87 -52.73 -13.89 -24.12
CA THR A 87 -52.47 -13.57 -22.72
C THR A 87 -52.05 -14.84 -22.01
N SER A 88 -50.78 -14.94 -21.65
CA SER A 88 -50.22 -16.16 -21.09
C SER A 88 -49.64 -15.91 -19.71
N GLY A 89 -49.62 -16.96 -18.90
CA GLY A 89 -49.05 -16.91 -17.57
C GLY A 89 -48.43 -18.25 -17.21
N SER A 90 -47.17 -18.22 -16.78
CA SER A 90 -46.41 -19.43 -16.54
C SER A 90 -45.79 -19.42 -15.15
N LEU A 91 -45.68 -20.59 -14.56
CA LEU A 91 -45.03 -20.80 -13.27
C LEU A 91 -43.92 -21.81 -13.52
N GLN A 92 -42.70 -21.32 -13.69
CA GLN A 92 -41.54 -22.15 -14.04
C GLN A 92 -40.78 -22.52 -12.77
N LEU A 93 -40.26 -23.75 -12.74
CA LEU A 93 -39.45 -24.23 -11.64
C LEU A 93 -38.19 -24.86 -12.21
N THR A 94 -37.10 -24.76 -11.46
CA THR A 94 -35.82 -25.27 -11.92
C THR A 94 -35.05 -25.86 -10.75
N GLN A 95 -34.46 -27.02 -10.98
CA GLN A 95 -33.62 -27.70 -10.00
C GLN A 95 -32.40 -28.23 -10.73
N VAL A 96 -31.28 -28.30 -10.01
CA VAL A 96 -30.00 -28.68 -10.59
C VAL A 96 -29.65 -30.05 -10.03
N LEU A 97 -29.64 -31.06 -10.89
CA LEU A 97 -29.34 -32.42 -10.47
C LEU A 97 -27.85 -32.74 -10.57
N PHE A 98 -27.15 -32.10 -11.51
CA PHE A 98 -25.72 -32.34 -11.69
C PHE A 98 -25.12 -31.09 -12.30
N ASP A 99 -24.38 -30.33 -11.49
CA ASP A 99 -23.63 -29.17 -12.00
C ASP A 99 -22.43 -28.97 -11.07
N MET A 100 -21.27 -29.45 -11.50
CA MET A 100 -20.12 -29.45 -10.61
C MET A 100 -19.53 -28.06 -10.46
N SER A 101 -19.71 -27.19 -11.46
CA SER A 101 -19.19 -25.83 -11.34
C SER A 101 -19.80 -25.13 -10.12
N LYS A 102 -21.07 -25.39 -9.85
CA LYS A 102 -21.73 -24.73 -8.72
C LYS A 102 -21.32 -25.33 -7.38
N TRP A 103 -21.12 -26.64 -7.31
CA TRP A 103 -20.56 -27.22 -6.09
C TRP A 103 -19.17 -26.67 -5.82
N ARG A 104 -18.35 -26.53 -6.87
CA ARG A 104 -17.02 -25.97 -6.69
C ARG A 104 -17.10 -24.51 -6.27
N ALA A 105 -18.08 -23.76 -6.79
CA ALA A 105 -18.26 -22.39 -6.34
C ALA A 105 -18.61 -22.33 -4.86
N LEU A 106 -19.51 -23.22 -4.42
CA LEU A 106 -19.85 -23.28 -3.00
C LEU A 106 -18.63 -23.58 -2.15
N THR A 107 -17.82 -24.56 -2.55
CA THR A 107 -16.63 -24.91 -1.79
C THR A 107 -15.63 -23.75 -1.78
N LEU A 108 -15.50 -23.06 -2.92
CA LEU A 108 -14.63 -21.90 -2.98
C LEU A 108 -15.09 -20.84 -1.98
N GLN A 109 -16.40 -20.60 -1.92
CA GLN A 109 -16.91 -19.60 -0.99
C GLN A 109 -16.63 -20.02 0.44
N GLU A 110 -16.75 -21.31 0.74
CA GLU A 110 -16.46 -21.77 2.09
C GLU A 110 -15.00 -21.52 2.46
N LYS A 111 -14.09 -21.81 1.52
CA LYS A 111 -12.67 -21.54 1.77
C LYS A 111 -12.41 -20.05 1.93
N ALA A 112 -13.08 -19.21 1.12
CA ALA A 112 -12.93 -17.77 1.27
C ALA A 112 -13.41 -17.31 2.64
N ALA A 113 -14.47 -17.91 3.15
CA ALA A 113 -14.93 -17.59 4.50
C ALA A 113 -13.88 -17.99 5.54
N GLY A 114 -13.25 -19.15 5.36
CA GLY A 114 -12.16 -19.50 6.25
C GLY A 114 -11.03 -18.50 6.22
N ILE A 115 -10.66 -18.04 5.03
CA ILE A 115 -9.60 -17.04 4.91
C ILE A 115 -10.00 -15.74 5.60
N GLN A 116 -11.27 -15.35 5.48
CA GLN A 116 -11.73 -14.15 6.17
C GLN A 116 -11.66 -14.32 7.68
N ASP A 117 -11.98 -15.51 8.17
CA ASP A 117 -11.86 -15.76 9.60
C ASP A 117 -10.40 -15.62 10.06
N VAL A 118 -9.47 -16.14 9.26
CA VAL A 118 -8.06 -16.00 9.64
C VAL A 118 -7.65 -14.53 9.62
N THR A 119 -8.16 -13.76 8.65
CA THR A 119 -7.85 -12.33 8.63
C THR A 119 -8.41 -11.64 9.87
N TYR A 120 -9.58 -12.05 10.32
CA TYR A 120 -10.14 -11.50 11.55
C TYR A 120 -9.25 -11.80 12.75
N GLN A 121 -8.74 -13.04 12.83
CA GLN A 121 -7.81 -13.37 13.91
C GLN A 121 -6.56 -12.50 13.85
N THR A 122 -6.01 -12.31 12.65
CA THR A 122 -4.85 -11.43 12.51
C THR A 122 -5.17 -10.03 12.98
N ASP A 123 -6.40 -9.56 12.73
CA ASP A 123 -6.78 -8.22 13.15
C ASP A 123 -6.92 -8.13 14.67
N GLN A 124 -7.44 -9.18 15.30
CA GLN A 124 -7.44 -9.23 16.77
C GLN A 124 -6.02 -9.08 17.31
N GLN A 125 -5.08 -9.87 16.79
CA GLN A 125 -3.72 -9.75 17.27
C GLN A 125 -3.16 -8.36 17.02
N THR A 126 -3.46 -7.80 15.85
CA THR A 126 -3.00 -6.44 15.54
C THR A 126 -3.54 -5.44 16.55
N LEU A 127 -4.80 -5.58 16.96
CA LEU A 127 -5.35 -4.65 17.95
C LEU A 127 -4.62 -4.80 19.27
N ILE A 128 -4.40 -6.04 19.72
CA ILE A 128 -3.68 -6.23 20.98
C ILE A 128 -2.32 -5.55 20.91
N LEU A 129 -1.59 -5.79 19.82
CA LEU A 129 -0.25 -5.24 19.69
C LEU A 129 -0.27 -3.72 19.63
N ASN A 130 -1.21 -3.15 18.88
CA ASN A 130 -1.29 -1.70 18.77
C ASN A 130 -1.66 -1.07 20.10
N THR A 131 -2.60 -1.65 20.83
CA THR A 131 -2.96 -1.13 22.14
C THR A 131 -1.75 -1.13 23.06
N ALA A 132 -1.03 -2.24 23.13
CA ALA A 132 0.14 -2.30 24.00
C ALA A 132 1.20 -1.29 23.57
N THR A 133 1.45 -1.19 22.26
CA THR A 133 2.45 -0.26 21.77
C THR A 133 2.07 1.18 22.11
N ALA A 134 0.80 1.54 21.97
CA ALA A 134 0.37 2.89 22.30
C ALA A 134 0.49 3.16 23.80
N TYR A 135 0.06 2.20 24.63
CA TYR A 135 0.21 2.36 26.07
C TYR A 135 1.66 2.62 26.45
N PHE A 136 2.57 1.77 25.98
CA PHE A 136 3.97 1.94 26.35
C PHE A 136 4.63 3.11 25.65
N LYS A 137 4.11 3.56 24.51
CA LYS A 137 4.58 4.80 23.93
C LYS A 137 4.23 5.98 24.82
N VAL A 138 3.04 5.96 25.40
CA VAL A 138 2.64 7.03 26.30
C VAL A 138 3.52 6.99 27.55
N LEU A 139 3.75 5.79 28.09
CA LEU A 139 4.59 5.68 29.27
C LEU A 139 6.02 6.16 28.98
N ALA A 140 6.55 5.79 27.82
CA ALA A 140 7.89 6.22 27.44
C ALA A 140 7.95 7.72 27.31
N ALA A 141 6.90 8.34 26.74
CA ALA A 141 6.89 9.78 26.61
C ALA A 141 6.89 10.44 27.98
N ILE A 142 6.08 9.91 28.90
CA ILE A 142 6.02 10.49 30.24
C ILE A 142 7.39 10.42 30.90
N ASP A 143 8.07 9.29 30.76
CA ASP A 143 9.41 9.13 31.34
C ASP A 143 10.40 10.09 30.68
N THR A 144 10.31 10.25 29.36
CA THR A 144 11.22 11.14 28.65
C THR A 144 11.05 12.57 29.13
N LEU A 145 9.80 12.98 29.37
CA LEU A 145 9.58 14.35 29.83
C LEU A 145 9.95 14.50 31.28
N SER A 146 9.88 13.42 32.05
CA SER A 146 10.32 13.48 33.44
C SER A 146 11.83 13.65 33.51
N TYR A 147 12.56 12.99 32.61
CA TYR A 147 14.00 13.06 32.68
C TYR A 147 14.53 14.32 31.99
N THR A 148 13.76 14.89 31.07
CA THR A 148 14.15 16.18 30.52
C THR A 148 13.91 17.28 31.54
N GLU A 149 12.80 17.22 32.29
CA GLU A 149 12.59 18.18 33.36
C GLU A 149 13.67 18.05 34.43
N ALA A 150 14.06 16.81 34.75
CA ALA A 150 15.12 16.61 35.74
C ALA A 150 16.45 17.18 35.24
N GLN A 151 16.79 16.95 33.98
CA GLN A 151 17.99 17.55 33.42
C GLN A 151 17.94 19.06 33.47
N LYS A 152 16.79 19.64 33.12
CA LYS A 152 16.63 21.09 33.19
C LYS A 152 16.87 21.60 34.59
N GLN A 153 16.28 20.94 35.59
CA GLN A 153 16.47 21.38 36.96
C GLN A 153 17.92 21.27 37.40
N ALA A 154 18.60 20.19 37.02
CA ALA A 154 20.01 20.04 37.41
C ALA A 154 20.86 21.15 36.79
N ILE A 155 20.66 21.41 35.49
CA ILE A 155 21.44 22.45 34.84
C ILE A 155 21.09 23.82 35.41
N TYR A 156 19.84 24.04 35.79
CA TYR A 156 19.49 25.30 36.42
C TYR A 156 20.14 25.45 37.78
N ARG A 157 20.26 24.37 38.56
CA ARG A 157 20.98 24.46 39.82
C ARG A 157 22.43 24.87 39.56
N GLN A 158 23.08 24.22 38.60
CA GLN A 158 24.46 24.59 38.30
C GLN A 158 24.55 26.05 37.86
N LEU A 159 23.60 26.49 37.02
CA LEU A 159 23.62 27.87 36.53
C LEU A 159 23.43 28.87 37.67
N ASP A 160 22.52 28.56 38.59
CA ASP A 160 22.28 29.45 39.72
C ASP A 160 23.49 29.50 40.65
N GLN A 161 24.09 28.35 40.94
CA GLN A 161 25.31 28.34 41.74
C GLN A 161 26.38 29.19 41.10
N THR A 162 26.57 29.06 39.78
CA THR A 162 27.59 29.84 39.11
C THR A 162 27.26 31.33 39.14
N THR A 163 25.99 31.69 38.94
CA THR A 163 25.61 33.09 38.97
C THR A 163 25.86 33.69 40.35
N GLN A 164 25.58 32.94 41.41
CA GLN A 164 25.86 33.43 42.75
C GLN A 164 27.36 33.60 42.97
N ARG A 165 28.13 32.55 42.66
CA ARG A 165 29.58 32.63 42.85
C ARG A 165 30.20 33.74 42.00
N PHE A 166 29.51 34.16 40.93
CA PHE A 166 30.01 35.26 40.12
C PHE A 166 29.64 36.61 40.74
N ASN A 167 28.37 36.78 41.09
CA ASN A 167 27.94 37.99 41.79
C ASN A 167 28.74 38.22 43.07
N VAL A 168 29.30 37.16 43.64
CA VAL A 168 30.18 37.33 44.79
C VAL A 168 31.62 37.61 44.35
N GLY A 169 32.02 37.13 43.17
CA GLY A 169 33.35 37.35 42.65
C GLY A 169 34.29 36.16 42.65
N LEU A 170 33.79 34.94 42.82
CA LEU A 170 34.64 33.75 42.85
C LEU A 170 34.76 33.07 41.49
N VAL A 171 34.16 33.61 40.44
CA VAL A 171 34.19 32.98 39.13
C VAL A 171 33.95 34.05 38.08
N ALA A 172 34.29 33.75 36.84
CA ALA A 172 34.17 34.70 35.75
C ALA A 172 32.84 34.53 35.03
N ILE A 173 32.54 35.46 34.13
CA ILE A 173 31.28 35.42 33.40
C ILE A 173 31.26 34.31 32.35
N THR A 174 32.43 33.76 32.01
CA THR A 174 32.48 32.69 31.03
C THR A 174 31.60 31.52 31.45
N ASP A 175 31.74 31.09 32.72
CA ASP A 175 30.94 29.98 33.20
C ASP A 175 29.45 30.30 33.18
N VAL A 176 29.10 31.53 33.57
CA VAL A 176 27.69 31.91 33.54
C VAL A 176 27.13 31.80 32.14
N GLN A 177 27.86 32.29 31.14
CA GLN A 177 27.34 32.27 29.78
C GLN A 177 27.28 30.85 29.23
N ASN A 178 28.23 30.00 29.59
CA ASN A 178 28.18 28.61 29.13
C ASN A 178 27.01 27.88 29.77
N ALA A 179 26.80 28.08 31.07
CA ALA A 179 25.66 27.46 31.72
C ALA A 179 24.36 27.95 31.11
N ARG A 180 24.31 29.23 30.73
CA ARG A 180 23.10 29.76 30.10
C ARG A 180 22.83 29.08 28.76
N SER A 181 23.88 28.90 27.96
CA SER A 181 23.68 28.26 26.66
C SER A 181 23.19 26.83 26.82
N GLN A 182 23.78 26.09 27.76
CA GLN A 182 23.35 24.72 28.01
C GLN A 182 21.91 24.69 28.50
N TYR A 183 21.56 25.63 29.38
CA TYR A 183 20.22 25.66 29.92
C TYR A 183 19.19 25.90 28.82
N ASP A 184 19.49 26.84 27.92
CA ASP A 184 18.53 27.14 26.85
C ASP A 184 18.37 25.95 25.91
N ALA A 185 19.46 25.23 25.65
CA ALA A 185 19.34 24.04 24.82
C ALA A 185 18.41 23.02 25.49
N VAL A 186 18.54 22.87 26.81
CA VAL A 186 17.67 21.93 27.50
C VAL A 186 16.22 22.41 27.45
N LEU A 187 15.98 23.72 27.51
CA LEU A 187 14.59 24.19 27.41
C LEU A 187 13.99 23.85 26.05
N ALA A 188 14.79 23.91 24.99
CA ALA A 188 14.23 23.54 23.69
C ALA A 188 13.93 22.05 23.63
N ASN A 189 14.80 21.23 24.23
CA ASN A 189 14.51 19.80 24.30
C ASN A 189 13.25 19.54 25.11
N GLU A 190 13.04 20.30 26.18
CA GLU A 190 11.84 20.15 27.00
C GLU A 190 10.58 20.45 26.20
N VAL A 191 10.61 21.52 25.40
CA VAL A 191 9.47 21.82 24.54
C VAL A 191 9.16 20.62 23.65
N THR A 192 10.19 20.10 22.97
CA THR A 192 9.98 18.94 22.11
C THR A 192 9.37 17.77 22.87
N ALA A 193 9.85 17.53 24.09
CA ALA A 193 9.37 16.38 24.87
C ALA A 193 7.91 16.54 25.27
N ARG A 194 7.52 17.75 25.68
CA ARG A 194 6.11 17.99 26.00
C ARG A 194 5.23 17.73 24.79
N ASN A 195 5.65 18.22 23.62
CA ASN A 195 4.85 17.99 22.42
C ASN A 195 4.73 16.50 22.13
N ASP A 196 5.82 15.76 22.26
CA ASP A 196 5.79 14.33 21.99
C ASP A 196 4.84 13.62 22.95
N LEU A 197 4.84 14.00 24.22
CA LEU A 197 3.92 13.37 25.18
C LEU A 197 2.47 13.65 24.78
N ASP A 198 2.16 14.90 24.42
CA ASP A 198 0.79 15.21 24.03
C ASP A 198 0.36 14.38 22.84
N ASN A 199 1.22 14.26 21.82
CA ASN A 199 0.87 13.48 20.65
C ASN A 199 0.73 11.99 20.98
N ALA A 200 1.53 11.50 21.93
CA ALA A 200 1.41 10.10 22.35
C ALA A 200 0.07 9.86 23.00
N VAL A 201 -0.44 10.84 23.73
CA VAL A 201 -1.75 10.69 24.35
C VAL A 201 -2.83 10.72 23.26
N GLU A 202 -2.66 11.59 22.27
CA GLU A 202 -3.64 11.65 21.19
C GLU A 202 -3.72 10.33 20.45
N GLU A 203 -2.57 9.73 20.16
CA GLU A 203 -2.56 8.45 19.45
C GLU A 203 -3.15 7.34 20.32
N LEU A 204 -2.89 7.37 21.63
CA LEU A 204 -3.49 6.37 22.50
C LEU A 204 -5.01 6.50 22.49
N ARG A 205 -5.51 7.74 22.45
CA ARG A 205 -6.95 7.94 22.39
C ARG A 205 -7.50 7.49 21.04
N GLN A 206 -6.72 7.66 19.97
CA GLN A 206 -7.15 7.14 18.67
C GLN A 206 -7.29 5.63 18.72
N VAL A 207 -6.39 4.96 19.43
CA VAL A 207 -6.41 3.50 19.47
C VAL A 207 -7.56 3.02 20.32
N THR A 208 -7.66 3.51 21.56
CA THR A 208 -8.69 3.03 22.47
C THR A 208 -10.01 3.72 22.19
N GLY A 209 -10.05 5.03 22.33
CA GLY A 209 -11.28 5.80 22.14
C GLY A 209 -11.59 6.72 23.29
N ASN A 210 -10.73 6.70 24.30
CA ASN A 210 -10.90 7.51 25.50
C ASN A 210 -9.61 8.26 25.79
N TYR A 211 -9.75 9.38 26.51
CA TYR A 211 -8.61 10.15 26.95
C TYR A 211 -8.27 9.70 28.36
N TYR A 212 -7.05 9.19 28.55
CA TYR A 212 -6.64 8.62 29.83
C TYR A 212 -5.74 9.59 30.56
N PRO A 213 -6.23 10.29 31.60
CA PRO A 213 -5.35 11.22 32.33
C PRO A 213 -4.42 10.53 33.29
N GLU A 214 -4.69 9.28 33.66
CA GLU A 214 -3.82 8.50 34.53
C GLU A 214 -3.68 7.10 33.97
N LEU A 215 -2.44 6.64 33.83
CA LEU A 215 -2.14 5.30 33.34
C LEU A 215 -1.24 4.59 34.33
N ALA A 216 -1.42 3.28 34.48
CA ALA A 216 -0.54 2.52 35.37
C ALA A 216 0.88 2.58 34.84
N SER A 217 1.81 2.86 35.72
CA SER A 217 3.21 3.05 35.33
C SER A 217 3.98 1.75 35.50
N LEU A 218 5.14 1.70 34.86
CA LEU A 218 5.99 0.52 34.96
C LEU A 218 6.64 0.46 36.32
N ASN A 219 6.68 -0.75 36.89
CA ASN A 219 7.31 -0.99 38.18
C ASN A 219 8.76 -1.37 37.91
N VAL A 220 9.64 -0.36 37.91
CA VAL A 220 11.03 -0.59 37.57
C VAL A 220 11.77 -1.36 38.66
N ASP A 221 11.28 -1.30 39.90
CA ASP A 221 11.90 -2.06 40.98
C ASP A 221 11.72 -3.56 40.75
N GLY A 222 10.48 -4.00 40.58
CA GLY A 222 10.20 -5.39 40.29
C GLY A 222 10.14 -5.68 38.80
N PHE A 223 11.16 -5.26 38.06
CA PHE A 223 11.24 -5.49 36.62
C PHE A 223 12.26 -6.57 36.35
N LYS A 224 11.83 -7.65 35.70
CA LYS A 224 12.68 -8.80 35.41
C LYS A 224 12.74 -9.01 33.91
N THR A 225 13.89 -9.48 33.43
CA THR A 225 14.09 -9.81 32.02
C THR A 225 14.40 -11.29 31.91
N SER A 226 13.48 -12.04 31.31
CA SER A 226 13.63 -13.49 31.12
C SER A 226 14.01 -13.80 29.68
N LYS A 227 14.99 -14.68 29.50
CA LYS A 227 15.41 -15.07 28.16
C LYS A 227 14.30 -15.84 27.47
N PRO A 228 14.00 -15.54 26.20
CA PRO A 228 12.96 -16.29 25.49
C PRO A 228 13.44 -17.71 25.22
N GLN A 229 12.48 -18.59 24.96
CA GLN A 229 12.84 -19.98 24.72
C GLN A 229 13.67 -20.08 23.44
N ALA A 230 14.31 -21.24 23.27
CA ALA A 230 15.21 -21.44 22.15
C ALA A 230 14.52 -21.09 20.83
N VAL A 231 15.31 -20.62 19.87
CA VAL A 231 14.74 -20.15 18.61
C VAL A 231 14.17 -21.31 17.80
N ASN A 232 14.64 -22.52 18.03
CA ASN A 232 14.08 -23.67 17.32
C ASN A 232 12.64 -23.91 17.74
N ALA A 233 12.38 -23.85 19.04
CA ALA A 233 11.00 -23.98 19.52
C ALA A 233 10.14 -22.83 19.00
N LEU A 234 10.68 -21.63 18.97
CA LEU A 234 9.94 -20.50 18.40
C LEU A 234 9.58 -20.77 16.94
N LEU A 235 10.53 -21.28 16.16
CA LEU A 235 10.27 -21.53 14.75
C LEU A 235 9.24 -22.63 14.56
N LYS A 236 9.31 -23.69 15.37
CA LYS A 236 8.31 -24.74 15.30
C LYS A 236 6.93 -24.19 15.60
N GLU A 237 6.79 -23.49 16.73
CA GLU A 237 5.50 -22.92 17.10
C GLU A 237 5.00 -21.94 16.06
N ALA A 238 5.91 -21.22 15.40
CA ALA A 238 5.49 -20.26 14.38
C ALA A 238 4.97 -20.98 13.15
N GLU A 239 5.74 -21.96 12.65
CA GLU A 239 5.26 -22.74 11.52
C GLU A 239 3.92 -23.39 11.81
N ASN A 240 3.66 -23.75 13.07
CA ASN A 240 2.42 -24.42 13.39
C ASN A 240 1.26 -23.45 13.68
N ARG A 241 1.54 -22.22 14.09
CA ARG A 241 0.50 -21.35 14.62
C ARG A 241 0.44 -19.99 13.94
N ASN A 242 1.57 -19.52 13.40
CA ASN A 242 1.62 -18.18 12.81
C ASN A 242 0.50 -18.01 11.79
N LEU A 243 -0.12 -16.83 11.80
CA LEU A 243 -1.32 -16.61 10.98
C LEU A 243 -0.99 -16.23 9.55
N SER A 244 0.10 -15.49 9.33
CA SER A 244 0.53 -15.21 7.96
C SER A 244 0.79 -16.50 7.19
N LEU A 245 1.02 -17.61 7.88
CA LEU A 245 1.15 -18.91 7.24
C LEU A 245 -0.19 -19.61 7.06
N LEU A 246 -1.10 -19.49 8.02
CA LEU A 246 -2.41 -20.08 7.82
C LEU A 246 -3.10 -19.44 6.63
N GLN A 247 -3.00 -18.12 6.49
CA GLN A 247 -3.55 -17.45 5.32
C GLN A 247 -2.94 -18.00 4.04
N ALA A 248 -1.62 -18.20 4.02
CA ALA A 248 -0.96 -18.67 2.81
C ALA A 248 -1.35 -20.10 2.47
N ARG A 249 -1.43 -20.98 3.47
CA ARG A 249 -1.85 -22.34 3.22
C ARG A 249 -3.29 -22.39 2.73
N LEU A 250 -4.16 -21.56 3.30
CA LEU A 250 -5.54 -21.54 2.85
C LEU A 250 -5.65 -20.98 1.45
N ASN A 251 -4.81 -19.99 1.10
CA ASN A 251 -4.80 -19.50 -0.28
C ASN A 251 -4.28 -20.55 -1.24
N GLN A 252 -3.32 -21.38 -0.82
CA GLN A 252 -2.87 -22.48 -1.66
C GLN A 252 -3.99 -23.48 -1.90
N ASP A 253 -4.70 -23.85 -0.83
CA ASP A 253 -5.84 -24.75 -0.98
C ASP A 253 -6.90 -24.14 -1.87
N LEU A 254 -7.12 -22.82 -1.75
CA LEU A 254 -8.08 -22.14 -2.61
C LEU A 254 -7.67 -22.19 -4.07
N ALA A 255 -6.37 -22.03 -4.35
CA ALA A 255 -5.91 -22.11 -5.72
C ALA A 255 -6.05 -23.52 -6.28
N ARG A 256 -5.76 -24.53 -5.46
CA ARG A 256 -6.00 -25.90 -5.89
C ARG A 256 -7.47 -26.13 -6.22
N GLU A 257 -8.36 -25.66 -5.34
CA GLU A 257 -9.78 -25.83 -5.59
C GLU A 257 -10.21 -25.05 -6.83
N GLN A 258 -9.54 -23.93 -7.12
CA GLN A 258 -9.82 -23.21 -8.36
C GLN A 258 -9.41 -24.02 -9.58
N ILE A 259 -8.27 -24.71 -9.51
CA ILE A 259 -7.92 -25.63 -10.59
C ILE A 259 -9.04 -26.64 -10.79
N ARG A 260 -9.51 -27.23 -9.69
CA ARG A 260 -10.56 -28.22 -9.79
C ARG A 260 -11.81 -27.63 -10.43
N GLN A 261 -12.21 -26.44 -10.00
CA GLN A 261 -13.36 -25.77 -10.59
C GLN A 261 -13.15 -25.55 -12.09
N ALA A 262 -11.94 -25.21 -12.49
CA ALA A 262 -11.66 -24.92 -13.89
C ALA A 262 -11.78 -26.17 -14.74
N GLN A 263 -11.15 -27.27 -14.32
CA GLN A 263 -11.26 -28.51 -15.07
C GLN A 263 -12.57 -29.24 -14.82
N ASP A 264 -13.55 -28.59 -14.18
CA ASP A 264 -14.90 -29.11 -14.09
C ASP A 264 -15.82 -28.49 -15.13
N GLY A 265 -15.25 -27.89 -16.17
CA GLY A 265 -16.03 -27.34 -17.26
C GLY A 265 -16.26 -28.33 -18.37
N HIS A 266 -15.40 -29.34 -18.47
CA HIS A 266 -15.61 -30.42 -19.44
C HIS A 266 -16.86 -31.25 -19.13
N LEU A 267 -17.40 -31.13 -17.92
CA LEU A 267 -18.45 -32.04 -17.49
C LEU A 267 -19.82 -31.57 -17.95
N PRO A 268 -20.77 -32.47 -18.08
CA PRO A 268 -22.13 -32.09 -18.47
C PRO A 268 -22.89 -31.50 -17.28
N THR A 269 -24.14 -31.11 -17.53
CA THR A 269 -25.03 -30.62 -16.49
C THR A 269 -26.44 -31.12 -16.75
N LEU A 270 -27.16 -31.38 -15.67
CA LEU A 270 -28.56 -31.78 -15.74
C LEU A 270 -29.44 -30.76 -15.03
N ASP A 271 -30.67 -30.64 -15.51
CA ASP A 271 -31.64 -29.71 -14.96
C ASP A 271 -33.00 -30.37 -14.97
N LEU A 272 -33.86 -29.94 -14.05
CA LEU A 272 -35.18 -30.55 -13.86
C LEU A 272 -36.26 -29.52 -14.16
N ASN A 273 -36.12 -28.82 -15.27
CA ASN A 273 -37.04 -27.76 -15.63
C ASN A 273 -38.48 -28.27 -15.63
N ALA A 274 -39.30 -27.71 -14.74
CA ALA A 274 -40.73 -27.95 -14.72
C ALA A 274 -41.47 -26.65 -14.99
N SER A 275 -42.73 -26.76 -15.38
CA SER A 275 -43.50 -25.58 -15.78
C SER A 275 -44.98 -25.89 -15.65
N SER A 276 -45.75 -24.89 -15.23
CA SER A 276 -47.20 -24.93 -15.29
C SER A 276 -47.67 -23.67 -16.01
N GLY A 277 -48.13 -23.81 -17.25
CA GLY A 277 -48.47 -22.68 -18.08
C GLY A 277 -49.94 -22.67 -18.46
N VAL A 278 -50.46 -21.46 -18.67
CA VAL A 278 -51.84 -21.25 -19.11
C VAL A 278 -51.82 -20.11 -20.10
N SER A 279 -52.77 -20.14 -21.04
CA SER A 279 -52.78 -19.17 -22.12
C SER A 279 -54.21 -18.94 -22.56
N ASN A 280 -54.47 -17.73 -23.07
CA ASN A 280 -55.76 -17.38 -23.64
C ASN A 280 -55.49 -16.67 -24.97
N ASN A 281 -55.80 -17.35 -26.06
CA ASN A 281 -55.64 -16.79 -27.40
C ASN A 281 -57.00 -16.35 -27.92
N ARG A 282 -57.06 -15.12 -28.44
CA ARG A 282 -58.28 -14.57 -29.01
C ARG A 282 -57.92 -14.05 -30.39
N TYR A 283 -58.31 -14.79 -31.43
CA TYR A 283 -58.02 -14.42 -32.80
C TYR A 283 -59.16 -13.58 -33.35
N SER A 284 -58.84 -12.38 -33.84
CA SER A 284 -59.85 -11.40 -34.24
C SER A 284 -59.39 -10.74 -35.54
N GLY A 285 -59.98 -11.18 -36.66
CA GLY A 285 -59.69 -10.57 -37.94
C GLY A 285 -60.62 -11.07 -39.03
N SER A 286 -60.83 -10.27 -40.07
CA SER A 286 -61.73 -10.67 -41.14
C SER A 286 -61.23 -11.93 -41.83
N LYS A 287 -59.92 -12.00 -42.10
CA LYS A 287 -59.30 -13.20 -42.65
C LYS A 287 -58.80 -14.16 -41.58
N SER A 288 -59.19 -13.95 -40.32
CA SER A 288 -58.75 -14.80 -39.24
C SER A 288 -59.45 -16.15 -39.28
N ILE A 289 -58.82 -17.14 -39.92
CA ILE A 289 -59.45 -18.45 -40.04
C ILE A 289 -59.41 -19.20 -38.72
N SER A 290 -58.34 -19.03 -37.94
CA SER A 290 -58.19 -19.77 -36.70
C SER A 290 -59.27 -19.36 -35.69
N GLN A 291 -59.38 -20.14 -34.62
CA GLN A 291 -60.39 -19.92 -33.59
C GLN A 291 -59.74 -19.63 -32.24
N ASP A 292 -60.52 -19.03 -31.36
CA ASP A 292 -60.08 -18.73 -30.00
C ASP A 292 -59.72 -20.00 -29.26
N ALA A 293 -58.87 -19.87 -28.24
CA ALA A 293 -58.44 -21.02 -27.47
C ALA A 293 -58.15 -20.62 -26.03
N ASP A 294 -58.38 -21.56 -25.11
CA ASP A 294 -58.07 -21.41 -23.69
C ASP A 294 -57.20 -22.60 -23.33
N ILE A 295 -55.89 -22.40 -23.32
CA ILE A 295 -54.92 -23.49 -23.31
C ILE A 295 -54.28 -23.64 -21.93
N GLY A 296 -53.91 -24.89 -21.61
CA GLY A 296 -53.16 -25.16 -20.40
C GLY A 296 -52.13 -26.24 -20.67
N GLN A 297 -51.08 -26.26 -19.85
CA GLN A 297 -50.01 -27.23 -20.03
C GLN A 297 -49.25 -27.40 -18.73
N ASN A 298 -48.75 -28.61 -18.52
CA ASN A 298 -47.96 -28.94 -17.33
C ASN A 298 -46.76 -29.77 -17.78
N LYS A 299 -45.59 -29.15 -17.87
CA LYS A 299 -44.38 -29.82 -18.32
C LYS A 299 -43.54 -30.21 -17.11
N ILE A 300 -42.96 -31.40 -17.18
CA ILE A 300 -41.96 -31.86 -16.20
C ILE A 300 -40.76 -32.33 -17.03
N GLY A 301 -39.82 -31.44 -17.28
CA GLY A 301 -38.72 -31.71 -18.19
C GLY A 301 -37.46 -32.18 -17.49
N LEU A 302 -36.49 -32.55 -18.31
CA LEU A 302 -35.17 -32.98 -17.85
C LEU A 302 -34.20 -32.59 -18.94
N SER A 303 -33.41 -31.55 -18.70
CA SER A 303 -32.49 -31.02 -19.70
C SER A 303 -31.07 -31.47 -19.42
N PHE A 304 -30.34 -31.81 -20.48
CA PHE A 304 -28.97 -32.26 -20.37
C PHE A 304 -28.10 -31.42 -21.30
N SER A 305 -26.99 -30.91 -20.77
CA SER A 305 -26.10 -30.04 -21.51
C SER A 305 -24.70 -30.62 -21.46
N LEU A 306 -23.99 -30.55 -22.58
CA LEU A 306 -22.64 -31.08 -22.65
C LEU A 306 -21.83 -30.31 -23.69
N PRO A 307 -20.88 -29.48 -23.27
CA PRO A 307 -20.02 -28.80 -24.24
C PRO A 307 -18.89 -29.73 -24.68
N LEU A 308 -18.74 -29.86 -25.99
CA LEU A 308 -17.74 -30.75 -26.57
C LEU A 308 -16.49 -30.02 -27.04
N TYR A 309 -16.63 -28.75 -27.41
CA TYR A 309 -15.50 -27.96 -27.85
C TYR A 309 -15.87 -26.49 -27.73
N GLN A 310 -14.90 -25.68 -27.30
CA GLN A 310 -15.13 -24.25 -27.13
C GLN A 310 -13.97 -23.41 -27.64
N GLY A 311 -12.92 -24.02 -28.17
CA GLY A 311 -11.81 -23.27 -28.72
C GLY A 311 -10.68 -23.17 -27.72
N GLY A 312 -10.48 -24.24 -26.95
CA GLY A 312 -9.44 -24.22 -25.95
C GLY A 312 -9.75 -23.34 -24.76
N MET A 313 -11.01 -22.96 -24.58
CA MET A 313 -11.39 -22.13 -23.44
C MET A 313 -11.10 -22.86 -22.13
N VAL A 314 -11.58 -24.10 -22.01
CA VAL A 314 -11.45 -24.81 -20.74
C VAL A 314 -9.99 -25.20 -20.50
N ASN A 315 -9.29 -25.64 -21.53
CA ASN A 315 -7.87 -25.96 -21.36
C ASN A 315 -7.08 -24.73 -20.94
N SER A 316 -7.39 -23.57 -21.55
CA SER A 316 -6.71 -22.35 -21.18
C SER A 316 -7.02 -21.96 -19.74
N GLN A 317 -8.28 -22.09 -19.32
CA GLN A 317 -8.63 -21.80 -17.94
C GLN A 317 -7.91 -22.74 -16.98
N VAL A 318 -7.78 -24.01 -17.34
CA VAL A 318 -7.09 -24.96 -16.47
C VAL A 318 -5.62 -24.60 -16.35
N LYS A 319 -4.98 -24.24 -17.46
CA LYS A 319 -3.57 -23.85 -17.39
C LYS A 319 -3.39 -22.57 -16.60
N GLN A 320 -4.30 -21.60 -16.76
CA GLN A 320 -4.23 -20.39 -15.94
C GLN A 320 -4.39 -20.71 -14.47
N ALA A 321 -5.29 -21.64 -14.14
CA ALA A 321 -5.47 -22.03 -12.74
C ALA A 321 -4.24 -22.73 -12.20
N GLN A 322 -3.58 -23.55 -13.02
CA GLN A 322 -2.34 -24.20 -12.58
C GLN A 322 -1.25 -23.17 -12.32
N TYR A 323 -1.14 -22.17 -13.19
CA TYR A 323 -0.15 -21.12 -12.97
C TYR A 323 -0.49 -20.30 -11.72
N ASN A 324 -1.78 -20.08 -11.48
CA ASN A 324 -2.19 -19.39 -10.26
C ASN A 324 -1.86 -20.21 -9.03
N PHE A 325 -1.99 -21.54 -9.11
CA PHE A 325 -1.60 -22.39 -8.00
C PHE A 325 -0.10 -22.33 -7.77
N VAL A 326 0.69 -22.28 -8.85
CA VAL A 326 2.13 -22.10 -8.68
C VAL A 326 2.41 -20.77 -7.98
N GLY A 327 1.71 -19.72 -8.40
CA GLY A 327 1.88 -18.43 -7.73
C GLY A 327 1.50 -18.50 -6.26
N ALA A 328 0.46 -19.25 -5.94
CA ALA A 328 0.04 -19.39 -4.53
C ALA A 328 1.07 -20.18 -3.74
N SER A 329 1.65 -21.22 -4.32
CA SER A 329 2.72 -21.95 -3.65
C SER A 329 3.91 -21.05 -3.40
N GLU A 330 4.22 -20.17 -4.35
CA GLU A 330 5.34 -19.25 -4.17
C GLU A 330 5.02 -18.20 -3.11
N GLN A 331 3.76 -17.74 -3.05
CA GLN A 331 3.35 -16.88 -1.95
C GLN A 331 3.51 -17.60 -0.61
N LEU A 332 3.22 -18.89 -0.57
CA LEU A 332 3.39 -19.65 0.65
C LEU A 332 4.86 -19.71 1.05
N GLU A 333 5.74 -19.94 0.09
CA GLU A 333 7.18 -19.96 0.39
C GLU A 333 7.65 -18.59 0.87
N SER A 334 7.17 -17.52 0.23
CA SER A 334 7.51 -16.18 0.67
C SER A 334 7.02 -15.93 2.09
N ALA A 335 5.82 -16.38 2.41
CA ALA A 335 5.30 -16.22 3.77
C ALA A 335 6.13 -17.00 4.77
N HIS A 336 6.55 -18.21 4.41
CA HIS A 336 7.41 -18.99 5.29
C HIS A 336 8.71 -18.26 5.56
N ARG A 337 9.33 -17.69 4.51
CA ARG A 337 10.57 -16.97 4.71
C ARG A 337 10.36 -15.75 5.59
N SER A 338 9.26 -15.01 5.38
CA SER A 338 8.98 -13.85 6.21
C SER A 338 8.76 -14.25 7.65
N VAL A 339 8.07 -15.37 7.89
CA VAL A 339 7.86 -15.85 9.25
C VAL A 339 9.19 -16.20 9.91
N VAL A 340 10.04 -16.96 9.21
CA VAL A 340 11.34 -17.29 9.77
C VAL A 340 12.11 -16.02 10.12
N GLN A 341 12.14 -15.07 9.17
CA GLN A 341 12.88 -13.84 9.38
C GLN A 341 12.37 -13.10 10.61
N THR A 342 11.04 -12.93 10.71
CA THR A 342 10.50 -12.13 11.80
C THR A 342 10.67 -12.85 13.13
N VAL A 343 10.54 -14.18 13.16
CA VAL A 343 10.74 -14.91 14.41
C VAL A 343 12.17 -14.75 14.90
N ARG A 344 13.14 -14.99 14.00
CA ARG A 344 14.53 -14.87 14.41
C ARG A 344 14.88 -13.43 14.76
N SER A 345 14.33 -12.47 14.02
CA SER A 345 14.56 -11.06 14.34
C SER A 345 14.02 -10.71 15.71
N SER A 346 12.83 -11.19 16.06
CA SER A 346 12.26 -10.88 17.36
C SER A 346 13.06 -11.55 18.48
N PHE A 347 13.53 -12.77 18.23
CA PHE A 347 14.42 -13.42 19.20
C PHE A 347 15.66 -12.58 19.44
N ASN A 348 16.34 -12.19 18.36
CA ASN A 348 17.54 -11.39 18.49
C ASN A 348 17.25 -10.05 19.15
N ASN A 349 16.10 -9.46 18.85
CA ASN A 349 15.78 -8.16 19.43
C ASN A 349 15.50 -8.26 20.92
N VAL A 350 14.86 -9.34 21.36
CA VAL A 350 14.68 -9.52 22.80
C VAL A 350 16.02 -9.72 23.49
N ASN A 351 16.87 -10.57 22.93
CA ASN A 351 18.18 -10.78 23.53
C ASN A 351 18.97 -9.47 23.58
N ALA A 352 18.88 -8.68 22.51
CA ALA A 352 19.57 -7.40 22.46
C ALA A 352 19.00 -6.42 23.48
N SER A 353 17.68 -6.42 23.67
CA SER A 353 17.09 -5.52 24.65
C SER A 353 17.49 -5.90 26.07
N ILE A 354 17.61 -7.20 26.35
CA ILE A 354 18.14 -7.64 27.64
C ILE A 354 19.55 -7.11 27.84
N SER A 355 20.43 -7.39 26.86
CA SER A 355 21.81 -6.92 26.97
C SER A 355 21.87 -5.40 27.11
N SER A 356 20.95 -4.69 26.44
CA SER A 356 20.96 -3.24 26.49
C SER A 356 20.48 -2.73 27.85
N ILE A 357 19.48 -3.39 28.44
CA ILE A 357 19.08 -3.03 29.79
C ILE A 357 20.27 -3.13 30.73
N ASN A 358 20.99 -4.25 30.67
CA ASN A 358 22.14 -4.41 31.56
C ASN A 358 23.21 -3.35 31.27
N ALA A 359 23.53 -3.15 29.99
CA ALA A 359 24.55 -2.19 29.61
C ALA A 359 24.20 -0.79 30.06
N TYR A 360 22.94 -0.39 29.89
CA TYR A 360 22.53 0.95 30.25
C TYR A 360 22.41 1.14 31.75
N LYS A 361 22.10 0.08 32.50
CA LYS A 361 22.21 0.16 33.94
C LYS A 361 23.64 0.49 34.35
N GLN A 362 24.60 -0.29 33.84
CA GLN A 362 25.99 -0.01 34.17
C GLN A 362 26.41 1.38 33.70
N ALA A 363 25.88 1.81 32.56
CA ALA A 363 26.22 3.13 32.04
C ALA A 363 25.67 4.24 32.93
N VAL A 364 24.45 4.06 33.44
CA VAL A 364 23.88 5.05 34.36
C VAL A 364 24.72 5.13 35.62
N VAL A 365 25.12 3.98 36.16
CA VAL A 365 25.95 3.99 37.37
C VAL A 365 27.27 4.73 37.10
N SER A 366 27.95 4.35 36.02
CA SER A 366 29.22 4.98 35.68
C SER A 366 29.06 6.47 35.43
N ALA A 367 27.93 6.87 34.83
CA ALA A 367 27.73 8.28 34.51
C ALA A 367 27.47 9.09 35.76
N GLN A 368 26.73 8.53 36.73
CA GLN A 368 26.56 9.21 38.00
C GLN A 368 27.90 9.37 38.71
N SER A 369 28.72 8.32 38.70
CA SER A 369 30.05 8.42 39.30
C SER A 369 30.87 9.50 38.62
N SER A 370 30.87 9.52 37.28
CA SER A 370 31.64 10.51 36.54
C SER A 370 31.12 11.92 36.78
N LEU A 371 29.81 12.09 36.98
CA LEU A 371 29.27 13.40 37.28
C LEU A 371 29.76 13.88 38.64
N ASP A 372 29.72 13.01 39.65
CA ASP A 372 30.29 13.37 40.94
C ASP A 372 31.77 13.73 40.80
N ALA A 373 32.50 12.96 39.99
CA ALA A 373 33.92 13.24 39.78
C ALA A 373 34.13 14.61 39.14
N MET A 374 33.31 14.95 38.15
CA MET A 374 33.41 16.27 37.53
C MET A 374 33.09 17.38 38.51
N GLU A 375 32.08 17.17 39.37
CA GLU A 375 31.76 18.19 40.36
C GLU A 375 32.93 18.41 41.31
N ALA A 376 33.54 17.31 41.79
CA ALA A 376 34.72 17.43 42.64
C ALA A 376 35.84 18.16 41.93
N GLY A 377 36.17 17.73 40.70
CA GLY A 377 37.25 18.38 39.96
C GLY A 377 37.00 19.86 39.72
N TYR A 378 35.75 20.21 39.41
CA TYR A 378 35.41 21.62 39.21
C TYR A 378 35.58 22.39 40.51
N SER A 379 35.23 21.78 41.64
CA SER A 379 35.44 22.44 42.92
C SER A 379 36.91 22.68 43.18
N VAL A 380 37.77 21.71 42.85
CA VAL A 380 39.21 21.87 43.06
C VAL A 380 39.92 22.48 41.87
N GLY A 381 39.21 22.78 40.78
CA GLY A 381 39.78 23.46 39.64
C GLY A 381 40.37 22.56 38.58
N THR A 382 40.39 21.24 38.78
CA THR A 382 40.96 20.36 37.77
C THR A 382 40.15 20.35 36.48
N ARG A 383 38.85 20.56 36.57
CA ARG A 383 37.95 20.53 35.43
C ARG A 383 37.33 21.91 35.23
N THR A 384 36.43 22.00 34.26
CA THR A 384 35.68 23.22 33.96
C THR A 384 34.20 22.97 34.15
N ILE A 385 33.38 23.98 33.84
CA ILE A 385 31.95 23.84 34.03
C ILE A 385 31.29 23.23 32.80
N VAL A 386 31.81 23.50 31.61
CA VAL A 386 31.30 22.80 30.42
C VAL A 386 31.39 21.30 30.60
N ASP A 387 32.45 20.84 31.27
CA ASP A 387 32.57 19.41 31.54
C ASP A 387 31.48 18.95 32.50
N VAL A 388 31.18 19.74 33.53
CA VAL A 388 30.13 19.38 34.48
C VAL A 388 28.79 19.25 33.76
N LEU A 389 28.47 20.23 32.91
CA LEU A 389 27.19 20.19 32.22
C LEU A 389 27.14 19.08 31.18
N ASP A 390 28.27 18.80 30.52
CA ASP A 390 28.32 17.65 29.62
C ASP A 390 28.09 16.35 30.38
N ALA A 391 28.66 16.24 31.58
CA ALA A 391 28.44 15.04 32.39
C ALA A 391 26.98 14.92 32.80
N THR A 392 26.35 16.03 33.16
CA THR A 392 24.91 16.00 33.49
C THR A 392 24.10 15.52 32.29
N THR A 393 24.36 16.09 31.12
CA THR A 393 23.67 15.66 29.92
C THR A 393 23.88 14.17 29.66
N THR A 394 25.13 13.71 29.81
CA THR A 394 25.42 12.29 29.60
C THR A 394 24.63 11.42 30.56
N LEU A 395 24.62 11.79 31.84
CA LEU A 395 23.89 11.02 32.83
C LEU A 395 22.42 10.89 32.45
N TYR A 396 21.78 12.01 32.12
CA TYR A 396 20.35 11.94 31.88
C TYR A 396 20.02 11.29 30.53
N ASN A 397 20.93 11.40 29.55
CA ASN A 397 20.76 10.62 28.33
C ASN A 397 20.83 9.14 28.63
N ALA A 398 21.75 8.73 29.51
CA ALA A 398 21.84 7.32 29.89
C ALA A 398 20.56 6.87 30.57
N LYS A 399 19.99 7.71 31.44
CA LYS A 399 18.73 7.35 32.09
C LYS A 399 17.61 7.18 31.08
N GLN A 400 17.49 8.12 30.14
CA GLN A 400 16.46 7.99 29.10
C GLN A 400 16.67 6.72 28.30
N GLN A 401 17.92 6.40 27.96
CA GLN A 401 18.19 5.20 27.18
C GLN A 401 17.81 3.94 27.96
N LEU A 402 18.06 3.93 29.26
CA LEU A 402 17.66 2.78 30.08
C LEU A 402 16.14 2.61 30.05
N SER A 403 15.39 3.70 30.24
CA SER A 403 13.95 3.61 30.20
C SER A 403 13.47 3.07 28.86
N ASN A 404 13.97 3.66 27.77
CA ASN A 404 13.58 3.19 26.44
C ASN A 404 13.94 1.73 26.25
N ALA A 405 15.04 1.27 26.83
CA ALA A 405 15.42 -0.13 26.72
C ALA A 405 14.41 -1.03 27.40
N ARG A 406 13.96 -0.65 28.59
CA ARG A 406 12.93 -1.43 29.27
C ARG A 406 11.66 -1.53 28.43
N TYR A 407 11.18 -0.38 27.94
CA TYR A 407 9.92 -0.40 27.18
C TYR A 407 10.08 -1.18 25.89
N ASN A 408 11.24 -1.07 25.23
CA ASN A 408 11.48 -1.84 24.02
C ASN A 408 11.57 -3.32 24.31
N TYR A 409 12.11 -3.70 25.48
CA TYR A 409 12.08 -5.11 25.85
C TYR A 409 10.66 -5.63 25.94
N LEU A 410 9.77 -4.86 26.56
CA LEU A 410 8.38 -5.30 26.65
C LEU A 410 7.76 -5.43 25.27
N ILE A 411 7.95 -4.42 24.42
CA ILE A 411 7.38 -4.47 23.08
C ILE A 411 7.97 -5.64 22.28
N ASN A 412 9.23 -5.99 22.53
CA ASN A 412 9.84 -7.08 21.78
C ASN A 412 9.33 -8.44 22.24
N GLU A 413 9.07 -8.58 23.55
CA GLU A 413 8.35 -9.76 24.01
C GLU A 413 7.03 -9.90 23.29
N LEU A 414 6.28 -8.80 23.20
CA LEU A 414 5.00 -8.86 22.48
C LEU A 414 5.21 -9.23 21.02
N ASN A 415 6.27 -8.72 20.39
CA ASN A 415 6.51 -9.03 18.99
C ASN A 415 6.81 -10.51 18.79
N ILE A 416 7.62 -11.12 19.66
CA ILE A 416 7.76 -12.57 19.61
C ILE A 416 6.40 -13.23 19.70
N LYS A 417 5.64 -12.92 20.75
CA LYS A 417 4.37 -13.61 20.94
C LYS A 417 3.43 -13.40 19.75
N SER A 418 3.61 -12.32 19.00
CA SER A 418 2.85 -12.10 17.78
C SER A 418 3.36 -12.97 16.63
N ALA A 419 4.68 -13.11 16.51
CA ALA A 419 5.23 -13.97 15.46
C ALA A 419 4.72 -15.39 15.58
N LEU A 420 4.64 -15.92 16.79
CA LEU A 420 4.11 -17.27 16.99
C LEU A 420 2.60 -17.36 16.79
N GLY A 421 1.93 -16.23 16.59
CA GLY A 421 0.48 -16.24 16.49
C GLY A 421 -0.25 -16.55 17.78
N THR A 422 0.45 -16.55 18.91
CA THR A 422 -0.13 -16.86 20.22
C THR A 422 -0.32 -15.60 21.07
N LEU A 423 -0.70 -14.49 20.45
CA LEU A 423 -0.93 -13.25 21.17
C LEU A 423 -2.40 -13.15 21.54
N ASN A 424 -2.69 -13.11 22.83
CA ASN A 424 -4.06 -13.10 23.35
C ASN A 424 -4.08 -12.33 24.66
N GLU A 425 -5.22 -12.34 25.34
CA GLU A 425 -5.37 -11.50 26.54
C GLU A 425 -4.44 -11.92 27.67
N GLN A 426 -4.07 -13.20 27.75
CA GLN A 426 -3.18 -13.61 28.84
C GLN A 426 -1.79 -13.01 28.68
N ASP A 427 -1.33 -12.86 27.44
CA ASP A 427 -0.07 -12.16 27.20
C ASP A 427 -0.15 -10.71 27.64
N LEU A 428 -1.35 -10.13 27.69
CA LEU A 428 -1.52 -8.80 28.24
C LEU A 428 -1.66 -8.82 29.76
N ILE A 429 -2.18 -9.91 30.31
CA ILE A 429 -2.24 -10.05 31.76
C ILE A 429 -0.83 -10.11 32.35
N ALA A 430 0.07 -10.82 31.67
CA ALA A 430 1.47 -10.82 32.10
C ALA A 430 1.99 -9.40 32.26
N LEU A 431 1.85 -8.58 31.21
CA LEU A 431 2.31 -7.19 31.29
C LEU A 431 1.61 -6.45 32.41
N ASN A 432 0.28 -6.41 32.38
CA ASN A 432 -0.47 -5.71 33.40
C ASN A 432 -0.04 -6.09 34.81
N ASN A 433 0.45 -7.31 34.99
CA ASN A 433 1.08 -7.65 36.27
C ASN A 433 2.46 -7.02 36.37
N THR A 434 3.15 -6.83 35.24
CA THR A 434 4.43 -6.14 35.27
C THR A 434 4.28 -4.66 35.62
N LEU A 435 3.09 -4.09 35.53
CA LEU A 435 2.89 -2.67 35.74
C LEU A 435 2.69 -2.38 37.24
N GLY A 436 2.49 -1.10 37.56
CA GLY A 436 2.44 -0.68 38.94
C GLY A 436 1.58 0.54 39.22
N LYS A 437 2.13 1.47 40.00
CA LYS A 437 1.36 2.62 40.47
C LYS A 437 0.99 3.54 39.32
N PRO A 438 -0.12 4.27 39.43
CA PRO A 438 -0.53 5.16 38.34
C PRO A 438 0.34 6.40 38.24
N ILE A 439 0.28 7.03 37.07
CA ILE A 439 1.06 8.22 36.75
C ILE A 439 0.24 9.05 35.78
N SER A 440 0.38 10.37 35.88
CA SER A 440 -0.44 11.28 35.10
C SER A 440 0.14 11.48 33.71
N THR A 441 -0.75 11.55 32.71
CA THR A 441 -0.35 11.77 31.33
C THR A 441 -0.32 13.24 30.95
N SER A 442 -0.75 14.13 31.84
CA SER A 442 -0.72 15.56 31.52
C SER A 442 0.71 16.06 31.47
N ALA A 443 0.99 16.90 30.47
CA ALA A 443 2.33 17.46 30.31
C ALA A 443 2.53 18.65 31.23
N ASP A 444 2.29 18.46 32.52
CA ASP A 444 2.48 19.51 33.51
C ASP A 444 2.98 18.91 34.82
N GLU B 23 9.66 31.37 -8.34
CA GLU B 23 9.84 32.83 -8.12
C GLU B 23 9.20 33.24 -6.81
N ASN B 24 8.12 32.56 -6.45
CA ASN B 24 7.43 32.73 -5.18
C ASN B 24 6.44 31.57 -5.08
N LEU B 25 5.58 31.60 -4.06
CA LEU B 25 4.72 30.45 -3.84
C LEU B 25 3.48 30.46 -4.71
N LEU B 26 2.92 31.65 -5.01
CA LEU B 26 1.75 31.68 -5.88
C LEU B 26 2.10 31.25 -7.30
N GLN B 27 3.18 31.79 -7.87
CA GLN B 27 3.51 31.41 -9.24
C GLN B 27 3.87 29.93 -9.32
N VAL B 28 4.60 29.43 -8.33
CA VAL B 28 4.91 28.00 -8.29
C VAL B 28 3.63 27.18 -8.24
N TYR B 29 2.71 27.54 -7.35
CA TYR B 29 1.48 26.78 -7.24
C TYR B 29 0.63 26.85 -8.50
N GLN B 30 0.65 27.99 -9.19
CA GLN B 30 -0.14 28.10 -10.41
C GLN B 30 0.44 27.21 -11.51
N GLN B 31 1.76 27.29 -11.71
CA GLN B 31 2.39 26.37 -12.66
C GLN B 31 2.09 24.92 -12.31
N ALA B 32 2.16 24.57 -11.02
CA ALA B 32 1.89 23.20 -10.62
C ALA B 32 0.45 22.81 -10.94
N ARG B 33 -0.51 23.60 -10.47
CA ARG B 33 -1.92 23.31 -10.73
C ARG B 33 -2.19 23.17 -12.22
N ILE B 34 -1.50 23.95 -13.05
CA ILE B 34 -1.76 23.88 -14.48
C ILE B 34 -1.12 22.64 -15.10
N SER B 35 0.02 22.19 -14.58
CA SER B 35 0.77 21.12 -15.22
C SER B 35 0.76 19.81 -14.46
N ASN B 36 0.56 19.84 -13.14
CA ASN B 36 0.66 18.64 -12.33
C ASN B 36 -0.19 17.51 -12.89
N PRO B 37 0.39 16.36 -13.22
CA PRO B 37 -0.38 15.29 -13.88
C PRO B 37 -1.29 14.51 -12.94
N ASP B 38 -0.96 14.45 -11.65
CA ASP B 38 -1.81 13.75 -10.70
C ASP B 38 -3.21 14.36 -10.65
N LEU B 39 -3.29 15.69 -10.59
CA LEU B 39 -4.61 16.33 -10.64
C LEU B 39 -5.33 16.01 -11.93
N ARG B 40 -4.64 16.04 -13.06
CA ARG B 40 -5.33 15.81 -14.31
C ARG B 40 -5.83 14.37 -14.40
N LYS B 41 -5.11 13.41 -13.82
CA LYS B 41 -5.63 12.05 -13.76
C LYS B 41 -6.84 11.97 -12.84
N SER B 42 -6.79 12.61 -11.67
CA SER B 42 -7.95 12.58 -10.78
C SER B 42 -9.16 13.24 -11.43
N ALA B 43 -8.93 14.31 -12.20
CA ALA B 43 -10.02 14.95 -12.94
C ALA B 43 -10.57 14.00 -14.00
N ALA B 44 -9.68 13.28 -14.69
CA ALA B 44 -10.14 12.28 -15.63
C ALA B 44 -11.03 11.24 -14.96
N ASP B 45 -10.64 10.78 -13.77
CA ASP B 45 -11.48 9.82 -13.06
C ASP B 45 -12.83 10.42 -12.69
N ARG B 46 -12.83 11.65 -12.18
CA ARG B 46 -14.08 12.34 -11.87
C ARG B 46 -15.00 12.38 -13.08
N ASP B 47 -14.47 12.83 -14.22
CA ASP B 47 -15.28 12.93 -15.42
C ASP B 47 -15.74 11.57 -15.92
N ALA B 48 -14.88 10.56 -15.80
CA ALA B 48 -15.28 9.21 -16.20
C ALA B 48 -16.45 8.73 -15.38
N ALA B 49 -16.46 9.00 -14.07
CA ALA B 49 -17.61 8.61 -13.26
C ALA B 49 -18.86 9.39 -13.64
N PHE B 50 -18.73 10.71 -13.76
CA PHE B 50 -19.88 11.54 -14.13
C PHE B 50 -20.42 11.19 -15.51
N GLU B 51 -19.62 10.53 -16.35
CA GLU B 51 -20.11 10.07 -17.63
C GLU B 51 -20.68 8.65 -17.52
N LYS B 52 -20.09 7.81 -16.68
CA LYS B 52 -20.65 6.50 -16.43
C LYS B 52 -22.06 6.60 -15.86
N ILE B 53 -22.39 7.75 -15.27
CA ILE B 53 -23.80 7.96 -14.89
C ILE B 53 -24.72 7.68 -16.06
N ASN B 54 -24.34 8.13 -17.26
CA ASN B 54 -25.20 7.95 -18.43
C ASN B 54 -25.24 6.50 -18.88
N GLU B 55 -24.11 5.80 -18.81
CA GLU B 55 -24.10 4.37 -19.10
C GLU B 55 -25.02 3.62 -18.15
N ALA B 56 -25.08 4.06 -16.89
CA ALA B 56 -25.94 3.40 -15.91
C ALA B 56 -27.40 3.76 -16.15
N ARG B 57 -27.69 4.97 -16.64
CA ARG B 57 -29.06 5.35 -16.94
C ARG B 57 -29.57 4.74 -18.24
N SER B 58 -28.68 4.36 -19.15
CA SER B 58 -29.12 3.89 -20.46
C SER B 58 -30.11 2.73 -20.40
N PRO B 59 -29.89 1.67 -19.61
CA PRO B 59 -30.84 0.54 -19.66
C PRO B 59 -32.28 0.90 -19.39
N LEU B 60 -32.56 2.10 -18.85
CA LEU B 60 -33.93 2.53 -18.63
C LEU B 60 -34.56 3.16 -19.87
N LEU B 61 -33.78 3.43 -20.91
CA LEU B 61 -34.25 4.14 -22.10
C LEU B 61 -34.58 3.13 -23.18
N PRO B 62 -35.40 3.49 -24.17
CA PRO B 62 -35.80 2.50 -25.17
C PRO B 62 -34.58 1.94 -25.88
N GLN B 63 -34.52 0.63 -25.98
CA GLN B 63 -33.43 -0.08 -26.64
C GLN B 63 -33.94 -0.73 -27.91
N LEU B 64 -33.53 -0.17 -29.05
CA LEU B 64 -33.91 -0.68 -30.36
C LEU B 64 -32.79 -1.58 -30.88
N GLY B 65 -33.17 -2.69 -31.50
CA GLY B 65 -32.21 -3.55 -32.15
C GLY B 65 -32.78 -4.12 -33.43
N LEU B 66 -31.87 -4.64 -34.27
CA LEU B 66 -32.24 -5.21 -35.55
C LEU B 66 -31.58 -6.57 -35.69
N GLY B 67 -32.32 -7.52 -36.27
CA GLY B 67 -31.79 -8.85 -36.47
C GLY B 67 -32.21 -9.37 -37.83
N ALA B 68 -31.42 -10.31 -38.34
CA ALA B 68 -31.69 -10.91 -39.64
C ALA B 68 -31.11 -12.31 -39.66
N ASP B 69 -31.88 -13.27 -40.16
CA ASP B 69 -31.51 -14.67 -40.13
C ASP B 69 -31.72 -15.30 -41.49
N TYR B 70 -30.87 -16.27 -41.81
CA TYR B 70 -30.99 -17.08 -43.01
C TYR B 70 -30.74 -18.53 -42.61
N THR B 71 -31.72 -19.40 -42.84
CA THR B 71 -31.64 -20.78 -42.42
C THR B 71 -32.02 -21.71 -43.57
N TYR B 72 -31.30 -22.82 -43.67
CA TYR B 72 -31.61 -23.89 -44.62
C TYR B 72 -31.83 -25.18 -43.83
N THR B 73 -33.08 -25.55 -43.61
CA THR B 73 -33.44 -26.71 -42.82
C THR B 73 -33.64 -27.93 -43.70
N SER B 74 -33.11 -29.07 -43.26
CA SER B 74 -33.24 -30.33 -44.00
C SER B 74 -33.55 -31.45 -43.01
N GLY B 75 -34.59 -32.23 -43.30
CA GLY B 75 -35.00 -33.33 -42.46
C GLY B 75 -34.46 -34.67 -42.93
N PHE B 76 -34.33 -35.62 -41.99
CA PHE B 76 -33.76 -36.92 -42.35
C PHE B 76 -34.47 -38.11 -41.71
N ARG B 77 -35.61 -37.92 -41.03
CA ARG B 77 -36.33 -39.03 -40.42
C ARG B 77 -37.81 -38.68 -40.46
N ASP B 78 -38.56 -39.38 -41.31
CA ASP B 78 -39.96 -39.06 -41.62
C ASP B 78 -40.11 -37.66 -42.20
N TYR B 79 -39.00 -36.99 -42.48
CA TYR B 79 -39.01 -35.64 -43.02
C TYR B 79 -38.10 -35.53 -44.23
N LYS B 80 -37.59 -36.66 -44.73
CA LYS B 80 -36.69 -36.63 -45.86
C LYS B 80 -37.33 -35.86 -47.01
N ASP B 81 -36.49 -35.17 -47.78
CA ASP B 81 -36.95 -34.41 -48.94
C ASP B 81 -37.94 -33.32 -48.54
N GLN B 82 -37.91 -32.87 -47.29
CA GLN B 82 -38.69 -31.74 -46.82
C GLN B 82 -37.68 -30.69 -46.35
N ASN B 83 -37.21 -29.88 -47.29
CA ASN B 83 -36.21 -28.85 -47.02
C ASN B 83 -36.89 -27.49 -47.07
N SER B 84 -36.29 -26.53 -46.36
CA SER B 84 -36.86 -25.21 -46.22
C SER B 84 -35.74 -24.19 -46.28
N ASN B 85 -36.05 -23.03 -46.87
CA ASN B 85 -35.16 -21.89 -46.93
C ASN B 85 -35.89 -20.70 -46.33
N VAL B 86 -35.47 -20.27 -45.14
CA VAL B 86 -36.11 -19.20 -44.40
C VAL B 86 -35.19 -18.00 -44.40
N THR B 87 -35.75 -16.82 -44.69
CA THR B 87 -35.02 -15.56 -44.64
C THR B 87 -35.87 -14.58 -43.85
N SER B 88 -35.44 -14.25 -42.64
CA SER B 88 -36.22 -13.44 -41.74
C SER B 88 -35.47 -12.17 -41.35
N GLY B 89 -36.24 -11.13 -41.02
CA GLY B 89 -35.68 -9.88 -40.57
C GLY B 89 -36.61 -9.23 -39.56
N SER B 90 -36.09 -8.89 -38.39
CA SER B 90 -36.90 -8.38 -37.30
C SER B 90 -36.31 -7.07 -36.78
N LEU B 91 -37.20 -6.20 -36.32
CA LEU B 91 -36.84 -4.94 -35.70
C LEU B 91 -37.46 -4.95 -34.32
N GLN B 92 -36.64 -5.30 -33.32
CA GLN B 92 -37.10 -5.47 -31.95
C GLN B 92 -36.89 -4.20 -31.17
N LEU B 93 -37.83 -3.88 -30.28
CA LEU B 93 -37.72 -2.74 -29.39
C LEU B 93 -38.05 -3.20 -27.98
N THR B 94 -37.41 -2.58 -27.00
CA THR B 94 -37.61 -2.96 -25.61
C THR B 94 -37.58 -1.72 -24.74
N GLN B 95 -38.54 -1.66 -23.82
CA GLN B 95 -38.62 -0.57 -22.86
C GLN B 95 -38.94 -1.16 -21.50
N VAL B 96 -38.46 -0.49 -20.46
CA VAL B 96 -38.57 -0.97 -19.09
C VAL B 96 -39.57 -0.06 -18.39
N LEU B 97 -40.72 -0.63 -18.03
CA LEU B 97 -41.75 0.14 -17.34
C LEU B 97 -41.59 0.08 -15.83
N PHE B 98 -41.04 -1.01 -15.31
CA PHE B 98 -40.83 -1.17 -13.88
C PHE B 98 -39.67 -2.14 -13.68
N ASP B 99 -38.52 -1.61 -13.29
CA ASP B 99 -37.37 -2.44 -12.91
C ASP B 99 -36.56 -1.63 -11.91
N MET B 100 -36.76 -1.92 -10.63
CA MET B 100 -36.17 -1.09 -9.59
C MET B 100 -34.68 -1.35 -9.43
N SER B 101 -34.21 -2.54 -9.80
CA SER B 101 -32.77 -2.81 -9.70
C SER B 101 -31.98 -1.82 -10.55
N LYS B 102 -32.52 -1.44 -11.71
CA LYS B 102 -31.81 -0.53 -12.60
C LYS B 102 -31.89 0.91 -12.10
N TRP B 103 -33.01 1.31 -11.52
CA TRP B 103 -33.07 2.63 -10.88
C TRP B 103 -32.07 2.71 -9.74
N ARG B 104 -31.96 1.64 -8.95
CA ARG B 104 -30.98 1.63 -7.87
C ARG B 104 -29.56 1.66 -8.43
N ALA B 105 -29.32 1.00 -9.56
CA ALA B 105 -28.00 1.08 -10.17
C ALA B 105 -27.68 2.51 -10.59
N LEU B 106 -28.65 3.20 -11.20
CA LEU B 106 -28.45 4.59 -11.57
C LEU B 106 -28.15 5.46 -10.36
N THR B 107 -28.92 5.30 -9.28
CA THR B 107 -28.69 6.09 -8.07
C THR B 107 -27.32 5.77 -7.47
N LEU B 108 -26.96 4.49 -7.44
CA LEU B 108 -25.65 4.07 -6.98
C LEU B 108 -24.55 4.77 -7.77
N GLN B 109 -24.72 4.87 -9.09
CA GLN B 109 -23.69 5.52 -9.90
C GLN B 109 -23.63 7.01 -9.63
N GLU B 110 -24.78 7.64 -9.39
CA GLU B 110 -24.75 9.05 -8.99
C GLU B 110 -23.96 9.23 -7.69
N LYS B 111 -24.20 8.36 -6.71
CA LYS B 111 -23.46 8.46 -5.45
C LYS B 111 -21.97 8.20 -5.65
N ALA B 112 -21.62 7.24 -6.50
CA ALA B 112 -20.21 6.98 -6.79
C ALA B 112 -19.56 8.19 -7.46
N ALA B 113 -20.30 8.88 -8.33
CA ALA B 113 -19.79 10.11 -8.92
C ALA B 113 -19.56 11.18 -7.86
N GLY B 114 -20.47 11.29 -6.90
CA GLY B 114 -20.24 12.22 -5.79
C GLY B 114 -18.97 11.88 -5.02
N ILE B 115 -18.76 10.59 -4.76
CA ILE B 115 -17.55 10.17 -4.05
C ILE B 115 -16.32 10.52 -4.86
N GLN B 116 -16.38 10.35 -6.18
CA GLN B 116 -15.24 10.72 -7.02
C GLN B 116 -14.98 12.21 -6.97
N ASP B 117 -16.04 13.02 -6.93
CA ASP B 117 -15.85 14.46 -6.80
C ASP B 117 -15.16 14.81 -5.49
N VAL B 118 -15.54 14.15 -4.40
CA VAL B 118 -14.88 14.41 -3.13
C VAL B 118 -13.42 13.99 -3.17
N THR B 119 -13.14 12.86 -3.85
CA THR B 119 -11.75 12.45 -4.01
C THR B 119 -10.95 13.48 -4.80
N TYR B 120 -11.58 14.06 -5.82
CA TYR B 120 -10.91 15.12 -6.58
C TYR B 120 -10.60 16.32 -5.70
N GLN B 121 -11.53 16.70 -4.82
CA GLN B 121 -11.25 17.79 -3.88
C GLN B 121 -10.06 17.43 -2.99
N THR B 122 -10.05 16.20 -2.48
CA THR B 122 -8.92 15.77 -1.66
C THR B 122 -7.61 15.87 -2.43
N ASP B 123 -7.64 15.55 -3.73
CA ASP B 123 -6.42 15.64 -4.53
C ASP B 123 -5.99 17.07 -4.77
N GLN B 124 -6.94 17.99 -4.95
CA GLN B 124 -6.59 19.41 -5.01
C GLN B 124 -5.86 19.84 -3.73
N GLN B 125 -6.42 19.49 -2.58
CA GLN B 125 -5.75 19.85 -1.33
C GLN B 125 -4.37 19.21 -1.23
N THR B 126 -4.26 17.95 -1.64
CA THR B 126 -2.97 17.28 -1.61
C THR B 126 -1.95 18.01 -2.49
N LEU B 127 -2.38 18.49 -3.65
CA LEU B 127 -1.45 19.24 -4.50
C LEU B 127 -1.01 20.52 -3.83
N ILE B 128 -1.95 21.26 -3.25
CA ILE B 128 -1.58 22.51 -2.57
C ILE B 128 -0.55 22.22 -1.50
N LEU B 129 -0.82 21.21 -0.68
CA LEU B 129 0.07 20.90 0.44
C LEU B 129 1.43 20.42 -0.05
N ASN B 130 1.46 19.56 -1.09
CA ASN B 130 2.73 19.07 -1.60
C ASN B 130 3.55 20.19 -2.22
N THR B 131 2.92 21.08 -2.98
CA THR B 131 3.64 22.21 -3.55
C THR B 131 4.26 23.07 -2.46
N ALA B 132 3.48 23.40 -1.43
CA ALA B 132 4.00 24.22 -0.35
C ALA B 132 5.14 23.51 0.36
N THR B 133 4.97 22.22 0.63
CA THR B 133 6.00 21.47 1.35
C THR B 133 7.29 21.41 0.55
N ALA B 134 7.20 21.13 -0.75
CA ALA B 134 8.39 21.06 -1.58
C ALA B 134 9.09 22.41 -1.67
N TYR B 135 8.32 23.49 -1.81
CA TYR B 135 8.91 24.81 -1.90
C TYR B 135 9.65 25.15 -0.62
N PHE B 136 9.03 24.87 0.53
CA PHE B 136 9.67 25.20 1.79
C PHE B 136 10.81 24.25 2.10
N LYS B 137 10.77 23.02 1.57
CA LYS B 137 11.89 22.10 1.71
C LYS B 137 13.09 22.67 0.98
N VAL B 138 12.87 23.24 -0.20
CA VAL B 138 13.97 23.85 -0.93
C VAL B 138 14.52 25.03 -0.15
N LEU B 139 13.63 25.85 0.43
CA LEU B 139 14.10 27.00 1.20
C LEU B 139 14.89 26.56 2.42
N ALA B 140 14.42 25.52 3.12
CA ALA B 140 15.12 25.00 4.27
C ALA B 140 16.48 24.45 3.88
N ALA B 141 16.58 23.85 2.70
CA ALA B 141 17.85 23.29 2.26
C ALA B 141 18.83 24.41 1.91
N ILE B 142 18.32 25.50 1.35
CA ILE B 142 19.17 26.66 1.08
C ILE B 142 19.69 27.23 2.39
N ASP B 143 18.83 27.32 3.41
CA ASP B 143 19.29 27.85 4.69
C ASP B 143 20.31 26.91 5.33
N THR B 144 20.07 25.61 5.22
CA THR B 144 20.98 24.65 5.84
C THR B 144 22.35 24.76 5.19
N LEU B 145 22.40 24.88 3.86
CA LEU B 145 23.68 24.99 3.19
C LEU B 145 24.36 26.30 3.56
N SER B 146 23.59 27.39 3.65
CA SER B 146 24.19 28.67 4.00
C SER B 146 24.81 28.63 5.39
N TYR B 147 24.16 27.95 6.33
CA TYR B 147 24.71 27.87 7.68
C TYR B 147 25.85 26.86 7.77
N THR B 148 25.85 25.83 6.93
CA THR B 148 27.01 24.95 6.91
C THR B 148 28.22 25.67 6.35
N GLU B 149 28.00 26.56 5.38
CA GLU B 149 29.12 27.31 4.81
C GLU B 149 29.60 28.36 5.80
N ALA B 150 28.69 28.99 6.53
CA ALA B 150 29.09 29.93 7.57
C ALA B 150 29.89 29.23 8.66
N GLN B 151 29.45 28.05 9.09
CA GLN B 151 30.21 27.29 10.08
C GLN B 151 31.59 26.95 9.55
N LYS B 152 31.67 26.53 8.29
CA LYS B 152 32.98 26.24 7.70
C LYS B 152 33.87 27.48 7.72
N GLN B 153 33.33 28.63 7.35
CA GLN B 153 34.13 29.85 7.33
C GLN B 153 34.62 30.19 8.73
N ALA B 154 33.76 30.05 9.74
CA ALA B 154 34.17 30.36 11.10
C ALA B 154 35.28 29.43 11.57
N ILE B 155 35.12 28.12 11.34
CA ILE B 155 36.14 27.18 11.79
C ILE B 155 37.43 27.37 11.01
N TYR B 156 37.33 27.71 9.72
CA TYR B 156 38.54 27.98 8.95
C TYR B 156 39.23 29.24 9.44
N ARG B 157 38.46 30.25 9.86
CA ARG B 157 39.05 31.43 10.44
C ARG B 157 39.84 31.08 11.70
N GLN B 158 39.24 30.29 12.59
CA GLN B 158 39.95 29.87 13.78
C GLN B 158 41.20 29.06 13.43
N LEU B 159 41.08 28.19 12.43
CA LEU B 159 42.22 27.36 12.03
C LEU B 159 43.36 28.22 11.49
N ASP B 160 43.03 29.24 10.70
CA ASP B 160 44.06 30.13 10.17
C ASP B 160 44.72 30.93 11.28
N GLN B 161 43.92 31.46 12.21
CA GLN B 161 44.49 32.18 13.34
C GLN B 161 45.46 31.28 14.11
N THR B 162 45.07 30.04 14.37
CA THR B 162 45.94 29.13 15.11
C THR B 162 47.19 28.78 14.32
N THR B 163 47.05 28.55 13.02
CA THR B 163 48.21 28.24 12.19
C THR B 163 49.20 29.40 12.18
N GLN B 164 48.70 30.63 12.10
CA GLN B 164 49.59 31.78 12.15
C GLN B 164 50.27 31.89 13.50
N ARG B 165 49.48 31.82 14.59
CA ARG B 165 50.07 31.92 15.92
C ARG B 165 51.06 30.79 16.19
N PHE B 166 50.96 29.69 15.45
CA PHE B 166 51.93 28.61 15.60
C PHE B 166 53.19 28.88 14.80
N ASN B 167 53.03 29.22 13.51
CA ASN B 167 54.18 29.59 12.70
C ASN B 167 54.96 30.74 13.34
N VAL B 168 54.32 31.54 14.19
CA VAL B 168 55.04 32.57 14.94
C VAL B 168 55.63 32.00 16.22
N GLY B 169 55.02 30.97 16.80
CA GLY B 169 55.51 30.36 18.01
C GLY B 169 54.70 30.64 19.27
N LEU B 170 53.48 31.14 19.14
CA LEU B 170 52.65 31.49 20.29
C LEU B 170 51.69 30.38 20.69
N VAL B 171 51.74 29.22 20.02
CA VAL B 171 50.81 28.13 20.31
C VAL B 171 51.45 26.84 19.84
N ALA B 172 50.94 25.71 20.34
CA ALA B 172 51.48 24.40 20.01
C ALA B 172 50.72 23.78 18.84
N ILE B 173 51.23 22.66 18.35
CA ILE B 173 50.59 21.99 17.21
C ILE B 173 49.30 21.32 17.61
N THR B 174 49.05 21.12 18.90
CA THR B 174 47.81 20.47 19.33
C THR B 174 46.60 21.25 18.82
N ASP B 175 46.62 22.57 19.01
CA ASP B 175 45.49 23.39 18.57
C ASP B 175 45.34 23.35 17.06
N VAL B 176 46.45 23.42 16.32
CA VAL B 176 46.37 23.36 14.87
C VAL B 176 45.72 22.07 14.42
N GLN B 177 46.18 20.93 14.97
CA GLN B 177 45.65 19.64 14.55
C GLN B 177 44.17 19.51 14.91
N ASN B 178 43.78 19.99 16.09
CA ASN B 178 42.38 19.91 16.48
C ASN B 178 41.50 20.76 15.57
N ALA B 179 41.95 21.97 15.26
CA ALA B 179 41.19 22.83 14.37
C ALA B 179 41.07 22.19 13.00
N ARG B 180 42.14 21.54 12.53
CA ARG B 180 42.08 20.89 11.23
C ARG B 180 41.06 19.76 11.22
N SER B 181 41.02 18.98 12.30
CA SER B 181 40.07 17.87 12.34
C SER B 181 38.64 18.39 12.34
N GLN B 182 38.37 19.44 13.11
CA GLN B 182 37.03 20.02 13.11
C GLN B 182 36.68 20.56 11.73
N TYR B 183 37.64 21.20 11.07
CA TYR B 183 37.40 21.77 9.75
C TYR B 183 37.03 20.67 8.76
N ASP B 184 37.74 19.55 8.81
CA ASP B 184 37.46 18.46 7.87
C ASP B 184 36.08 17.86 8.11
N ALA B 185 35.68 17.78 9.38
CA ALA B 185 34.33 17.28 9.67
C ALA B 185 33.28 18.23 9.06
N VAL B 186 33.51 19.53 9.19
CA VAL B 186 32.57 20.48 8.61
C VAL B 186 32.57 20.39 7.09
N LEU B 187 33.71 20.08 6.49
CA LEU B 187 33.75 19.92 5.03
C LEU B 187 32.85 18.77 4.60
N ALA B 188 32.83 17.69 5.36
CA ALA B 188 31.96 16.57 5.01
C ALA B 188 30.50 16.93 5.19
N ASN B 189 30.20 17.71 6.24
CA ASN B 189 28.83 18.20 6.41
C ASN B 189 28.41 19.08 5.24
N GLU B 190 29.33 19.91 4.73
CA GLU B 190 29.00 20.74 3.58
C GLU B 190 28.65 19.88 2.37
N VAL B 191 29.42 18.82 2.14
CA VAL B 191 29.09 17.92 1.02
C VAL B 191 27.66 17.41 1.17
N THR B 192 27.33 16.89 2.35
CA THR B 192 25.98 16.39 2.58
C THR B 192 24.93 17.47 2.31
N ALA B 193 25.18 18.69 2.77
CA ALA B 193 24.18 19.76 2.63
C ALA B 193 23.97 20.15 1.18
N ARG B 194 25.05 20.23 0.40
CA ARG B 194 24.92 20.53 -1.02
C ARG B 194 24.08 19.46 -1.71
N ASN B 195 24.35 18.19 -1.41
CA ASN B 195 23.58 17.13 -2.04
C ASN B 195 22.11 17.23 -1.66
N ASP B 196 21.82 17.50 -0.39
CA ASP B 196 20.43 17.63 0.03
C ASP B 196 19.72 18.77 -0.68
N LEU B 197 20.42 19.90 -0.86
CA LEU B 197 19.82 21.02 -1.59
C LEU B 197 19.50 20.62 -3.03
N ASP B 198 20.42 19.95 -3.70
CA ASP B 198 20.18 19.52 -5.07
C ASP B 198 18.95 18.61 -5.14
N ASN B 199 18.86 17.65 -4.23
CA ASN B 199 17.71 16.75 -4.25
C ASN B 199 16.41 17.48 -3.93
N ALA B 200 16.47 18.51 -3.08
CA ALA B 200 15.26 19.29 -2.80
C ALA B 200 14.79 20.01 -4.05
N VAL B 201 15.74 20.50 -4.85
CA VAL B 201 15.35 21.20 -6.08
C VAL B 201 14.77 20.21 -7.07
N GLU B 202 15.36 19.01 -7.16
CA GLU B 202 14.81 18.00 -8.07
C GLU B 202 13.39 17.61 -7.67
N GLU B 203 13.14 17.46 -6.37
CA GLU B 203 11.78 17.12 -5.94
C GLU B 203 10.80 18.27 -6.23
N LEU B 204 11.25 19.51 -6.04
CA LEU B 204 10.37 20.64 -6.34
C LEU B 204 10.02 20.65 -7.82
N ARG B 205 10.99 20.34 -8.68
CA ARG B 205 10.68 20.32 -10.10
C ARG B 205 9.77 19.16 -10.46
N GLN B 206 9.92 18.02 -9.78
CA GLN B 206 8.98 16.93 -10.01
C GLN B 206 7.56 17.35 -9.65
N VAL B 207 7.40 18.09 -8.56
CA VAL B 207 6.07 18.53 -8.15
C VAL B 207 5.51 19.53 -9.16
N THR B 208 6.26 20.59 -9.45
CA THR B 208 5.76 21.64 -10.33
C THR B 208 5.92 21.26 -11.79
N GLY B 209 7.16 21.07 -12.24
CA GLY B 209 7.42 20.75 -13.62
C GLY B 209 8.47 21.64 -14.24
N ASN B 210 8.99 22.59 -13.46
CA ASN B 210 9.98 23.54 -13.93
C ASN B 210 11.15 23.57 -12.96
N TYR B 211 12.30 24.00 -13.48
CA TYR B 211 13.49 24.18 -12.66
C TYR B 211 13.53 25.65 -12.23
N TYR B 212 13.50 25.88 -10.92
CA TYR B 212 13.44 27.24 -10.38
C TYR B 212 14.79 27.67 -9.87
N PRO B 213 15.53 28.52 -10.58
CA PRO B 213 16.84 28.94 -10.07
C PRO B 213 16.74 30.01 -8.98
N GLU B 214 15.62 30.70 -8.87
CA GLU B 214 15.40 31.70 -7.83
C GLU B 214 14.02 31.51 -7.23
N LEU B 215 13.97 31.45 -5.90
CA LEU B 215 12.71 31.30 -5.17
C LEU B 215 12.61 32.42 -4.16
N ALA B 216 11.40 32.92 -3.93
CA ALA B 216 11.22 33.94 -2.91
C ALA B 216 11.57 33.36 -1.56
N SER B 217 12.37 34.11 -0.79
CA SER B 217 12.86 33.61 0.48
C SER B 217 11.97 34.08 1.62
N LEU B 218 12.10 33.42 2.76
CA LEU B 218 11.31 33.78 3.92
C LEU B 218 11.82 35.09 4.51
N ASN B 219 10.89 35.96 4.91
CA ASN B 219 11.21 37.23 5.53
C ASN B 219 11.23 37.02 7.04
N VAL B 220 12.42 36.72 7.57
CA VAL B 220 12.54 36.41 8.99
C VAL B 220 12.35 37.64 9.85
N ASP B 221 12.59 38.84 9.31
CA ASP B 221 12.36 40.05 10.08
C ASP B 221 10.88 40.25 10.37
N GLY B 222 10.05 40.24 9.32
CA GLY B 222 8.61 40.34 9.50
C GLY B 222 7.95 38.98 9.60
N PHE B 223 8.46 38.13 10.48
CA PHE B 223 7.91 36.79 10.69
C PHE B 223 7.14 36.78 12.01
N LYS B 224 5.86 36.43 11.94
CA LYS B 224 4.99 36.41 13.10
C LYS B 224 4.44 35.01 13.29
N THR B 225 4.25 34.64 14.56
CA THR B 225 3.67 33.35 14.94
C THR B 225 2.37 33.62 15.70
N SER B 226 1.25 33.24 15.10
CA SER B 226 -0.06 33.43 15.70
C SER B 226 -0.60 32.09 16.22
N LYS B 227 -1.12 32.10 17.43
CA LYS B 227 -1.69 30.89 18.00
C LYS B 227 -2.95 30.49 17.23
N PRO B 228 -3.11 29.21 16.90
CA PRO B 228 -4.34 28.80 16.20
C PRO B 228 -5.53 28.90 17.13
N GLN B 229 -6.71 28.95 16.54
CA GLN B 229 -7.91 29.08 17.34
C GLN B 229 -8.08 27.84 18.22
N ALA B 230 -8.97 27.96 19.20
CA ALA B 230 -9.18 26.88 20.16
C ALA B 230 -9.43 25.57 19.43
N VAL B 231 -9.02 24.47 20.06
CA VAL B 231 -9.11 23.17 19.40
C VAL B 231 -10.55 22.73 19.25
N ASN B 232 -11.47 23.23 20.08
CA ASN B 232 -12.86 22.87 19.94
C ASN B 232 -13.45 23.43 18.65
N ALA B 233 -13.13 24.69 18.33
CA ALA B 233 -13.57 25.25 17.06
C ALA B 233 -12.95 24.51 15.89
N LEU B 234 -11.68 24.14 16.00
CA LEU B 234 -11.04 23.34 14.96
C LEU B 234 -11.76 22.03 14.76
N LEU B 235 -12.13 21.35 15.85
CA LEU B 235 -12.80 20.06 15.74
C LEU B 235 -14.19 20.21 15.13
N LYS B 236 -14.91 21.26 15.52
CA LYS B 236 -16.22 21.50 14.92
C LYS B 236 -16.10 21.72 13.42
N GLU B 237 -15.22 22.64 13.01
CA GLU B 237 -15.04 22.90 11.59
C GLU B 237 -14.56 21.66 10.85
N ALA B 238 -13.76 20.82 11.50
CA ALA B 238 -13.28 19.61 10.85
C ALA B 238 -14.40 18.60 10.65
N GLU B 239 -15.17 18.34 11.70
CA GLU B 239 -16.33 17.47 11.56
C GLU B 239 -17.28 17.97 10.47
N ASN B 240 -17.36 19.28 10.29
CA ASN B 240 -18.27 19.83 9.29
C ASN B 240 -17.69 19.87 7.88
N ARG B 241 -16.36 19.93 7.73
CA ARG B 241 -15.76 20.24 6.43
C ARG B 241 -14.72 19.22 5.98
N ASN B 242 -14.07 18.53 6.92
CA ASN B 242 -12.99 17.61 6.58
C ASN B 242 -13.46 16.62 5.51
N LEU B 243 -12.58 16.33 4.56
CA LEU B 243 -12.96 15.53 3.41
C LEU B 243 -12.90 14.03 3.67
N SER B 244 -11.95 13.58 4.50
CA SER B 244 -11.93 12.19 4.89
C SER B 244 -13.22 11.78 5.58
N LEU B 245 -13.97 12.74 6.12
CA LEU B 245 -15.28 12.47 6.68
C LEU B 245 -16.39 12.54 5.64
N LEU B 246 -16.32 13.47 4.69
CA LEU B 246 -17.34 13.48 3.65
C LEU B 246 -17.30 12.19 2.84
N GLN B 247 -16.09 11.71 2.54
CA GLN B 247 -15.98 10.42 1.86
C GLN B 247 -16.62 9.31 2.67
N ALA B 248 -16.40 9.29 3.98
CA ALA B 248 -16.96 8.22 4.81
C ALA B 248 -18.47 8.30 4.89
N ARG B 249 -19.02 9.51 5.05
CA ARG B 249 -20.47 9.67 5.07
C ARG B 249 -21.09 9.26 3.75
N LEU B 250 -20.44 9.61 2.64
CA LEU B 250 -20.96 9.24 1.33
C LEU B 250 -20.86 7.74 1.11
N ASN B 251 -19.81 7.10 1.61
CA ASN B 251 -19.71 5.65 1.53
C ASN B 251 -20.78 4.98 2.39
N GLN B 252 -21.12 5.57 3.53
CA GLN B 252 -22.21 5.05 4.34
C GLN B 252 -23.54 5.15 3.59
N ASP B 253 -23.81 6.30 2.97
CA ASP B 253 -25.02 6.43 2.18
C ASP B 253 -25.03 5.44 1.02
N LEU B 254 -23.87 5.22 0.42
CA LEU B 254 -23.76 4.24 -0.67
C LEU B 254 -24.07 2.85 -0.18
N ALA B 255 -23.62 2.50 1.02
CA ALA B 255 -23.93 1.19 1.59
C ALA B 255 -25.42 1.05 1.89
N ARG B 256 -26.05 2.11 2.37
CA ARG B 256 -27.49 2.09 2.56
C ARG B 256 -28.21 1.83 1.23
N GLU B 257 -27.80 2.56 0.19
CA GLU B 257 -28.43 2.36 -1.11
C GLU B 257 -28.15 0.97 -1.65
N GLN B 258 -27.00 0.39 -1.30
CA GLN B 258 -26.73 -0.99 -1.69
C GLN B 258 -27.67 -1.96 -0.98
N ILE B 259 -27.95 -1.74 0.30
CA ILE B 259 -28.98 -2.55 0.97
C ILE B 259 -30.28 -2.46 0.19
N ARG B 260 -30.69 -1.24 -0.15
CA ARG B 260 -31.95 -1.06 -0.87
C ARG B 260 -31.93 -1.79 -2.20
N GLN B 261 -30.84 -1.67 -2.95
CA GLN B 261 -30.72 -2.38 -4.22
C GLN B 261 -30.82 -3.89 -4.02
N ALA B 262 -30.25 -4.40 -2.92
CA ALA B 262 -30.25 -5.83 -2.68
C ALA B 262 -31.66 -6.33 -2.37
N GLN B 263 -32.37 -5.65 -1.48
CA GLN B 263 -33.74 -6.05 -1.17
C GLN B 263 -34.74 -5.58 -2.22
N ASP B 264 -34.27 -5.12 -3.38
CA ASP B 264 -35.13 -4.85 -4.53
C ASP B 264 -35.15 -6.01 -5.52
N GLY B 265 -34.73 -7.19 -5.10
CA GLY B 265 -34.79 -8.36 -5.96
C GLY B 265 -36.09 -9.12 -5.81
N HIS B 266 -36.76 -8.95 -4.67
CA HIS B 266 -38.08 -9.54 -4.48
C HIS B 266 -39.13 -8.94 -5.42
N LEU B 267 -38.85 -7.79 -6.02
CA LEU B 267 -39.88 -7.06 -6.73
C LEU B 267 -40.02 -7.58 -8.16
N PRO B 268 -41.19 -7.40 -8.77
CA PRO B 268 -41.38 -7.83 -10.15
C PRO B 268 -40.76 -6.85 -11.14
N THR B 269 -40.88 -7.17 -12.42
CA THR B 269 -40.42 -6.29 -13.48
C THR B 269 -41.39 -6.37 -14.64
N LEU B 270 -41.57 -5.24 -15.32
CA LEU B 270 -42.39 -5.15 -16.52
C LEU B 270 -41.54 -4.71 -17.70
N ASP B 271 -41.92 -5.17 -18.88
CA ASP B 271 -41.23 -4.82 -20.11
C ASP B 271 -42.25 -4.65 -21.22
N LEU B 272 -41.92 -3.82 -22.20
CA LEU B 272 -42.84 -3.47 -23.27
C LEU B 272 -42.28 -3.91 -24.62
N ASN B 273 -41.81 -5.16 -24.69
CA ASN B 273 -41.19 -5.67 -25.90
C ASN B 273 -42.13 -5.52 -27.09
N ALA B 274 -41.71 -4.73 -28.08
CA ALA B 274 -42.41 -4.62 -29.35
C ALA B 274 -41.52 -5.15 -30.45
N SER B 275 -42.12 -5.45 -31.60
CA SER B 275 -41.38 -6.08 -32.67
C SER B 275 -42.10 -5.86 -34.00
N SER B 276 -41.31 -5.66 -35.06
CA SER B 276 -41.82 -5.67 -36.42
C SER B 276 -41.00 -6.66 -37.23
N GLY B 277 -41.60 -7.80 -37.56
CA GLY B 277 -40.87 -8.88 -38.21
C GLY B 277 -41.43 -9.18 -39.59
N VAL B 278 -40.55 -9.67 -40.46
CA VAL B 278 -40.92 -10.08 -41.81
C VAL B 278 -40.13 -11.34 -42.13
N SER B 279 -40.70 -12.21 -42.96
CA SER B 279 -40.11 -13.50 -43.21
C SER B 279 -40.45 -13.95 -44.62
N ASN B 280 -39.56 -14.76 -45.19
CA ASN B 280 -39.78 -15.37 -46.50
C ASN B 280 -39.42 -16.85 -46.37
N ASN B 281 -40.43 -17.70 -46.42
CA ASN B 281 -40.25 -19.15 -46.35
C ASN B 281 -40.39 -19.73 -47.75
N ARG B 282 -39.43 -20.57 -48.14
CA ARG B 282 -39.44 -21.24 -49.43
C ARG B 282 -39.21 -22.72 -49.18
N TYR B 283 -40.28 -23.52 -49.28
CA TYR B 283 -40.18 -24.96 -49.07
C TYR B 283 -39.90 -25.65 -50.39
N SER B 284 -38.82 -26.44 -50.44
CA SER B 284 -38.35 -27.04 -51.68
C SER B 284 -37.95 -28.49 -51.39
N GLY B 285 -38.82 -29.43 -51.75
CA GLY B 285 -38.52 -30.84 -51.59
C GLY B 285 -39.56 -31.71 -52.25
N SER B 286 -39.18 -32.93 -52.63
CA SER B 286 -40.13 -33.82 -53.30
C SER B 286 -41.33 -34.13 -52.41
N LYS B 287 -41.08 -34.40 -51.13
CA LYS B 287 -42.14 -34.59 -50.15
C LYS B 287 -42.55 -33.30 -49.46
N SER B 288 -42.11 -32.15 -49.99
CA SER B 288 -42.42 -30.86 -49.38
C SER B 288 -43.87 -30.48 -49.63
N ILE B 289 -44.74 -30.78 -48.67
CA ILE B 289 -46.17 -30.49 -48.84
C ILE B 289 -46.45 -29.00 -48.67
N SER B 290 -45.71 -28.31 -47.79
CA SER B 290 -45.98 -26.92 -47.53
C SER B 290 -45.73 -26.07 -48.78
N GLN B 291 -46.21 -24.83 -48.73
CA GLN B 291 -46.08 -23.88 -49.82
C GLN B 291 -45.25 -22.69 -49.38
N ASP B 292 -44.73 -21.95 -50.38
CA ASP B 292 -43.97 -20.76 -50.09
C ASP B 292 -44.84 -19.73 -49.36
N ALA B 293 -44.19 -18.86 -48.60
CA ALA B 293 -44.92 -17.86 -47.85
C ALA B 293 -44.08 -16.58 -47.71
N ASP B 294 -44.77 -15.45 -47.67
CA ASP B 294 -44.18 -14.14 -47.44
C ASP B 294 -44.93 -13.55 -46.24
N ILE B 295 -44.32 -13.68 -45.07
CA ILE B 295 -45.01 -13.50 -43.80
C ILE B 295 -44.63 -12.15 -43.21
N GLY B 296 -45.55 -11.56 -42.46
CA GLY B 296 -45.27 -10.35 -41.74
C GLY B 296 -45.98 -10.36 -40.40
N GLN B 297 -45.43 -9.58 -39.46
CA GLN B 297 -46.01 -9.53 -38.12
C GLN B 297 -45.58 -8.25 -37.44
N ASN B 298 -46.48 -7.74 -36.59
CA ASN B 298 -46.22 -6.54 -35.79
C ASN B 298 -46.75 -6.85 -34.39
N LYS B 299 -45.84 -7.17 -33.48
CA LYS B 299 -46.20 -7.52 -32.12
C LYS B 299 -45.98 -6.32 -31.21
N ILE B 300 -46.90 -6.12 -30.27
CA ILE B 300 -46.75 -5.14 -29.21
C ILE B 300 -47.02 -5.89 -27.90
N GLY B 301 -45.96 -6.41 -27.29
CA GLY B 301 -46.09 -7.28 -26.15
C GLY B 301 -45.89 -6.54 -24.84
N LEU B 302 -46.15 -7.27 -23.75
CA LEU B 302 -45.97 -6.75 -22.40
C LEU B 302 -45.64 -7.92 -21.50
N SER B 303 -44.38 -8.04 -21.09
CA SER B 303 -43.94 -9.18 -20.30
C SER B 303 -43.80 -8.78 -18.84
N PHE B 304 -44.19 -9.69 -17.95
CA PHE B 304 -44.14 -9.48 -16.51
C PHE B 304 -43.38 -10.62 -15.87
N SER B 305 -42.44 -10.30 -15.00
CA SER B 305 -41.59 -11.27 -14.35
C SER B 305 -41.68 -11.07 -12.84
N LEU B 306 -41.71 -12.16 -12.08
CA LEU B 306 -41.77 -12.08 -10.63
C LEU B 306 -41.10 -13.30 -10.02
N PRO B 307 -39.84 -13.20 -9.62
CA PRO B 307 -39.20 -14.33 -8.95
C PRO B 307 -39.86 -14.60 -7.60
N LEU B 308 -40.24 -15.85 -7.36
CA LEU B 308 -40.91 -16.20 -6.12
C LEU B 308 -39.96 -16.82 -5.11
N TYR B 309 -39.17 -17.80 -5.52
CA TYR B 309 -38.16 -18.39 -4.65
C TYR B 309 -36.88 -18.55 -5.47
N GLN B 310 -35.79 -18.01 -4.96
CA GLN B 310 -34.50 -18.04 -5.65
C GLN B 310 -33.47 -18.88 -4.91
N GLY B 311 -33.91 -19.76 -4.02
CA GLY B 311 -32.96 -20.52 -3.22
C GLY B 311 -32.36 -19.74 -2.08
N GLY B 312 -32.99 -18.65 -1.67
CA GLY B 312 -32.44 -17.79 -0.64
C GLY B 312 -31.35 -16.86 -1.10
N MET B 313 -31.21 -16.65 -2.41
CA MET B 313 -30.19 -15.75 -2.91
C MET B 313 -30.45 -14.31 -2.47
N VAL B 314 -31.71 -13.88 -2.50
CA VAL B 314 -32.01 -12.49 -2.21
C VAL B 314 -31.82 -12.18 -0.73
N ASN B 315 -32.27 -13.08 0.15
CA ASN B 315 -32.09 -12.86 1.57
C ASN B 315 -30.61 -12.81 1.93
N SER B 316 -29.82 -13.70 1.35
CA SER B 316 -28.38 -13.69 1.61
C SER B 316 -27.75 -12.40 1.10
N GLN B 317 -28.15 -11.94 -0.08
CA GLN B 317 -27.61 -10.68 -0.59
C GLN B 317 -27.98 -9.52 0.32
N VAL B 318 -29.20 -9.52 0.85
CA VAL B 318 -29.61 -8.45 1.75
C VAL B 318 -28.80 -8.49 3.03
N LYS B 319 -28.57 -9.67 3.59
CA LYS B 319 -27.78 -9.78 4.81
C LYS B 319 -26.33 -9.36 4.56
N GLN B 320 -25.77 -9.73 3.42
CA GLN B 320 -24.43 -9.26 3.09
C GLN B 320 -24.39 -7.75 2.97
N ALA B 321 -25.43 -7.15 2.38
CA ALA B 321 -25.46 -5.70 2.26
C ALA B 321 -25.57 -5.04 3.62
N GLN B 322 -26.33 -5.64 4.54
CA GLN B 322 -26.42 -5.10 5.89
C GLN B 322 -25.07 -5.18 6.60
N TYR B 323 -24.35 -6.29 6.43
CA TYR B 323 -23.03 -6.39 7.03
C TYR B 323 -22.06 -5.39 6.41
N ASN B 324 -22.19 -5.14 5.11
CA ASN B 324 -21.36 -4.12 4.48
C ASN B 324 -21.70 -2.74 4.99
N PHE B 325 -22.97 -2.47 5.28
CA PHE B 325 -23.35 -1.20 5.87
C PHE B 325 -22.77 -1.04 7.27
N VAL B 326 -22.77 -2.13 8.05
CA VAL B 326 -22.12 -2.08 9.36
C VAL B 326 -20.63 -1.76 9.19
N GLY B 327 -19.98 -2.43 8.24
CA GLY B 327 -18.58 -2.14 7.98
C GLY B 327 -18.35 -0.71 7.57
N ALA B 328 -19.27 -0.14 6.78
CA ALA B 328 -19.14 1.25 6.35
C ALA B 328 -19.34 2.21 7.52
N SER B 329 -20.27 1.91 8.41
CA SER B 329 -20.44 2.72 9.61
C SER B 329 -19.18 2.68 10.47
N GLU B 330 -18.55 1.51 10.56
CA GLU B 330 -17.33 1.41 11.35
C GLU B 330 -16.18 2.15 10.66
N GLN B 331 -16.13 2.12 9.33
CA GLN B 331 -15.18 2.97 8.62
C GLN B 331 -15.43 4.44 8.91
N LEU B 332 -16.69 4.83 9.02
CA LEU B 332 -17.01 6.21 9.34
C LEU B 332 -16.50 6.57 10.74
N GLU B 333 -16.68 5.67 11.70
CA GLU B 333 -16.15 5.93 13.04
C GLU B 333 -14.63 6.00 13.03
N SER B 334 -13.99 5.11 12.29
CA SER B 334 -12.53 5.15 12.17
C SER B 334 -12.07 6.47 11.55
N ALA B 335 -12.79 6.94 10.52
CA ALA B 335 -12.44 8.21 9.91
C ALA B 335 -12.62 9.37 10.88
N HIS B 336 -13.70 9.33 11.67
CA HIS B 336 -13.90 10.37 12.68
C HIS B 336 -12.75 10.38 13.69
N ARG B 337 -12.33 9.19 14.13
CA ARG B 337 -11.22 9.13 15.09
C ARG B 337 -9.93 9.65 14.46
N SER B 338 -9.66 9.29 13.21
CA SER B 338 -8.46 9.78 12.56
C SER B 338 -8.50 11.29 12.39
N VAL B 339 -9.67 11.84 12.06
CA VAL B 339 -9.81 13.29 11.92
C VAL B 339 -9.55 13.97 13.26
N VAL B 340 -10.17 13.49 14.33
CA VAL B 340 -9.94 14.09 15.64
C VAL B 340 -8.45 14.03 15.98
N GLN B 341 -7.84 12.87 15.78
CA GLN B 341 -6.43 12.70 16.11
C GLN B 341 -5.58 13.69 15.33
N THR B 342 -5.80 13.79 14.02
CA THR B 342 -4.95 14.66 13.20
C THR B 342 -5.18 16.12 13.51
N VAL B 343 -6.43 16.52 13.79
CA VAL B 343 -6.70 17.91 14.14
C VAL B 343 -5.98 18.27 15.43
N ARG B 344 -6.15 17.46 16.47
CA ARG B 344 -5.50 17.75 17.74
C ARG B 344 -3.98 17.67 17.62
N SER B 345 -3.48 16.72 16.83
CA SER B 345 -2.04 16.62 16.61
C SER B 345 -1.51 17.88 15.93
N SER B 346 -2.22 18.39 14.92
CA SER B 346 -1.76 19.59 14.23
C SER B 346 -1.82 20.80 15.14
N PHE B 347 -2.85 20.88 15.98
CA PHE B 347 -2.91 21.94 16.97
C PHE B 347 -1.68 21.90 17.88
N ASN B 348 -1.41 20.71 18.44
CA ASN B 348 -0.27 20.58 19.34
C ASN B 348 1.04 20.87 18.61
N ASN B 349 1.13 20.48 17.34
CA ASN B 349 2.37 20.68 16.60
C ASN B 349 2.60 22.15 16.30
N VAL B 350 1.55 22.91 15.99
CA VAL B 350 1.71 24.35 15.81
C VAL B 350 2.12 25.01 17.11
N ASN B 351 1.44 24.68 18.21
CA ASN B 351 1.81 25.27 19.50
C ASN B 351 3.26 24.94 19.85
N ALA B 352 3.67 23.70 19.57
CA ALA B 352 5.04 23.29 19.84
C ALA B 352 6.02 24.03 18.95
N SER B 353 5.67 24.27 17.69
CA SER B 353 6.56 24.99 16.79
C SER B 353 6.72 26.44 17.24
N ILE B 354 5.65 27.06 17.74
CA ILE B 354 5.77 28.40 18.30
C ILE B 354 6.74 28.38 19.48
N SER B 355 6.49 27.49 20.44
CA SER B 355 7.37 27.40 21.60
C SER B 355 8.80 27.12 21.18
N SER B 356 8.99 26.34 20.12
CA SER B 356 10.32 25.99 19.67
C SER B 356 11.00 27.19 19.03
N ILE B 357 10.26 27.97 18.24
CA ILE B 357 10.84 29.17 17.65
C ILE B 357 11.38 30.07 18.75
N ASN B 358 10.56 30.30 19.79
CA ASN B 358 11.01 31.17 20.88
C ASN B 358 12.21 30.57 21.61
N ALA B 359 12.16 29.26 21.87
CA ALA B 359 13.25 28.60 22.58
C ALA B 359 14.54 28.69 21.79
N TYR B 360 14.47 28.47 20.48
CA TYR B 360 15.67 28.48 19.65
C TYR B 360 16.19 29.90 19.47
N LYS B 361 15.32 30.90 19.49
CA LYS B 361 15.81 32.27 19.45
C LYS B 361 16.65 32.55 20.68
N GLN B 362 16.16 32.12 21.84
CA GLN B 362 16.91 32.31 23.07
C GLN B 362 18.20 31.50 23.03
N ALA B 363 18.13 30.27 22.52
CA ALA B 363 19.30 29.41 22.45
C ALA B 363 20.36 30.01 21.54
N VAL B 364 19.95 30.57 20.40
CA VAL B 364 20.91 31.19 19.49
C VAL B 364 21.57 32.37 20.15
N VAL B 365 20.81 33.19 20.88
CA VAL B 365 21.39 34.35 21.55
C VAL B 365 22.39 33.90 22.61
N SER B 366 22.01 32.90 23.42
CA SER B 366 22.88 32.45 24.48
C SER B 366 24.08 31.69 23.94
N ALA B 367 23.96 31.10 22.75
CA ALA B 367 25.08 30.37 22.16
C ALA B 367 26.07 31.34 21.52
N GLN B 368 25.58 32.49 21.06
CA GLN B 368 26.49 33.52 20.58
C GLN B 368 27.23 34.12 21.75
N SER B 369 26.52 34.39 22.85
CA SER B 369 27.18 34.88 24.05
C SER B 369 28.23 33.90 24.53
N SER B 370 27.89 32.61 24.58
CA SER B 370 28.84 31.60 25.02
C SER B 370 30.02 31.47 24.07
N LEU B 371 29.82 31.67 22.77
CA LEU B 371 30.94 31.63 21.84
C LEU B 371 31.90 32.79 22.10
N ASP B 372 31.35 33.98 22.30
CA ASP B 372 32.19 35.11 22.67
C ASP B 372 32.95 34.82 23.98
N ALA B 373 32.26 34.21 24.94
CA ALA B 373 32.89 33.88 26.21
C ALA B 373 34.04 32.90 26.02
N MET B 374 33.85 31.88 25.19
CA MET B 374 34.93 30.94 24.91
C MET B 374 36.09 31.61 24.21
N GLU B 375 35.81 32.52 23.28
CA GLU B 375 36.92 33.22 22.63
C GLU B 375 37.71 34.03 23.64
N ALA B 376 37.03 34.75 24.53
CA ALA B 376 37.71 35.49 25.57
C ALA B 376 38.54 34.56 26.46
N GLY B 377 37.92 33.48 26.95
CA GLY B 377 38.64 32.55 27.81
C GLY B 377 39.86 31.95 27.14
N TYR B 378 39.73 31.60 25.86
CA TYR B 378 40.87 31.06 25.13
C TYR B 378 41.96 32.09 24.99
N SER B 379 41.59 33.36 24.77
CA SER B 379 42.58 34.42 24.70
C SER B 379 43.32 34.56 26.02
N VAL B 380 42.61 34.45 27.14
CA VAL B 380 43.24 34.57 28.46
C VAL B 380 43.72 33.22 29.00
N GLY B 381 43.51 32.13 28.27
CA GLY B 381 44.02 30.84 28.64
C GLY B 381 43.09 30.00 29.51
N THR B 382 41.94 30.54 29.90
CA THR B 382 41.03 29.77 30.75
C THR B 382 40.44 28.57 30.02
N ARG B 383 40.28 28.66 28.71
CA ARG B 383 39.68 27.60 27.91
C ARG B 383 40.72 27.06 26.92
N THR B 384 40.27 26.14 26.08
CA THR B 384 41.08 25.54 25.02
C THR B 384 40.44 25.86 23.68
N ILE B 385 41.02 25.33 22.61
CA ILE B 385 40.48 25.60 21.29
C ILE B 385 39.38 24.61 20.93
N VAL B 386 39.48 23.37 21.40
CA VAL B 386 38.38 22.44 21.21
C VAL B 386 37.10 23.01 21.77
N ASP B 387 37.18 23.74 22.89
CA ASP B 387 35.99 24.39 23.43
C ASP B 387 35.48 25.48 22.50
N VAL B 388 36.38 26.27 21.93
CA VAL B 388 35.97 27.33 21.01
C VAL B 388 35.24 26.74 19.81
N LEU B 389 35.80 25.66 19.24
CA LEU B 389 35.18 25.07 18.06
C LEU B 389 33.88 24.36 18.41
N ASP B 390 33.80 23.74 19.59
CA ASP B 390 32.54 23.18 20.04
C ASP B 390 31.48 24.26 20.19
N ALA B 391 31.87 25.41 20.73
CA ALA B 391 30.93 26.52 20.87
C ALA B 391 30.47 27.03 19.51
N THR B 392 31.38 27.10 18.54
CA THR B 392 30.99 27.49 17.19
C THR B 392 29.98 26.51 16.61
N THR B 393 30.27 25.22 16.73
CA THR B 393 29.32 24.20 16.27
C THR B 393 27.97 24.35 16.95
N THR B 394 27.98 24.57 18.27
CA THR B 394 26.72 24.74 19.00
C THR B 394 25.94 25.94 18.47
N LEU B 395 26.62 27.07 18.27
CA LEU B 395 25.96 28.26 17.75
C LEU B 395 25.28 27.97 16.42
N TYR B 396 26.01 27.36 15.48
CA TYR B 396 25.45 27.18 14.14
C TYR B 396 24.40 26.08 14.11
N ASN B 397 24.50 25.09 14.99
CA ASN B 397 23.41 24.13 15.12
C ASN B 397 22.16 24.82 15.65
N ALA B 398 22.31 25.74 16.60
CA ALA B 398 21.16 26.48 17.10
C ALA B 398 20.52 27.30 16.00
N LYS B 399 21.33 27.94 15.16
CA LYS B 399 20.79 28.71 14.04
C LYS B 399 20.04 27.82 13.06
N GLN B 400 20.63 26.68 12.69
CA GLN B 400 19.93 25.75 11.81
C GLN B 400 18.61 25.29 12.42
N GLN B 401 18.60 24.99 13.70
CA GLN B 401 17.38 24.54 14.35
C GLN B 401 16.32 25.63 14.34
N LEU B 402 16.72 26.88 14.58
CA LEU B 402 15.77 27.99 14.50
C LEU B 402 15.14 28.08 13.12
N SER B 403 15.96 28.04 12.07
CA SER B 403 15.42 28.10 10.72
C SER B 403 14.44 26.98 10.46
N ASN B 404 14.84 25.74 10.78
CA ASN B 404 13.94 24.61 10.59
C ASN B 404 12.67 24.78 11.40
N ALA B 405 12.75 25.40 12.57
CA ALA B 405 11.56 25.62 13.38
C ALA B 405 10.60 26.56 12.68
N ARG B 406 11.11 27.64 12.09
CA ARG B 406 10.24 28.54 11.35
C ARG B 406 9.54 27.82 10.20
N TYR B 407 10.31 27.08 9.40
CA TYR B 407 9.70 26.42 8.25
C TYR B 407 8.70 25.36 8.69
N ASN B 408 8.99 24.66 9.79
CA ASN B 408 8.06 23.66 10.29
C ASN B 408 6.80 24.33 10.84
N TYR B 409 6.92 25.52 11.42
CA TYR B 409 5.72 26.24 11.85
C TYR B 409 4.83 26.54 10.65
N LEU B 410 5.42 27.00 9.55
CA LEU B 410 4.62 27.28 8.36
C LEU B 410 3.93 26.01 7.85
N ILE B 411 4.69 24.92 7.74
CA ILE B 411 4.09 23.67 7.27
C ILE B 411 3.01 23.17 8.22
N ASN B 412 3.16 23.43 9.51
CA ASN B 412 2.16 22.95 10.48
C ASN B 412 0.88 23.79 10.41
N GLU B 413 1.01 25.09 10.17
CA GLU B 413 -0.17 25.88 9.85
C GLU B 413 -0.90 25.29 8.65
N LEU B 414 -0.15 24.95 7.60
CA LEU B 414 -0.79 24.33 6.43
C LEU B 414 -1.44 23.01 6.80
N ASN B 415 -0.81 22.22 7.66
CA ASN B 415 -1.38 20.94 8.05
C ASN B 415 -2.69 21.11 8.81
N ILE B 416 -2.77 22.08 9.72
CA ILE B 416 -4.07 22.41 10.31
C ILE B 416 -5.08 22.73 9.23
N LYS B 417 -4.77 23.69 8.36
CA LYS B 417 -5.76 24.08 7.37
C LYS B 417 -6.15 22.93 6.46
N SER B 418 -5.28 21.93 6.31
CA SER B 418 -5.63 20.73 5.56
C SER B 418 -6.57 19.82 6.36
N ALA B 419 -6.32 19.68 7.66
CA ALA B 419 -7.19 18.85 8.50
C ALA B 419 -8.63 19.32 8.45
N LEU B 420 -8.84 20.64 8.50
CA LEU B 420 -10.19 21.19 8.41
C LEU B 420 -10.79 21.06 7.03
N GLY B 421 -10.02 20.62 6.04
CA GLY B 421 -10.51 20.59 4.67
C GLY B 421 -10.71 21.94 4.04
N THR B 422 -10.23 23.01 4.67
CA THR B 422 -10.38 24.37 4.16
C THR B 422 -9.07 24.90 3.59
N LEU B 423 -8.30 24.03 2.92
CA LEU B 423 -7.05 24.44 2.30
C LEU B 423 -7.31 24.84 0.86
N ASN B 424 -7.02 26.10 0.53
CA ASN B 424 -7.34 26.65 -0.78
C ASN B 424 -6.27 27.69 -1.13
N GLU B 425 -6.49 28.39 -2.24
CA GLU B 425 -5.46 29.30 -2.75
C GLU B 425 -5.22 30.49 -1.83
N GLN B 426 -6.23 30.94 -1.09
CA GLN B 426 -6.02 32.07 -0.19
C GLN B 426 -5.09 31.70 0.96
N ASP B 427 -5.16 30.46 1.42
CA ASP B 427 -4.20 29.99 2.41
C ASP B 427 -2.79 30.00 1.86
N LEU B 428 -2.62 29.93 0.54
CA LEU B 428 -1.31 30.10 -0.06
C LEU B 428 -0.96 31.56 -0.27
N ILE B 429 -1.96 32.41 -0.47
CA ILE B 429 -1.70 33.85 -0.56
C ILE B 429 -1.16 34.38 0.75
N ALA B 430 -1.72 33.92 1.87
CA ALA B 430 -1.16 34.28 3.17
C ALA B 430 0.33 33.96 3.23
N LEU B 431 0.70 32.73 2.91
CA LEU B 431 2.11 32.35 2.92
C LEU B 431 2.90 33.25 1.99
N ASN B 432 2.53 33.30 0.72
CA ASN B 432 3.25 34.13 -0.24
C ASN B 432 3.43 35.55 0.28
N ASN B 433 2.52 36.01 1.14
CA ASN B 433 2.75 37.28 1.81
C ASN B 433 3.80 37.16 2.92
N THR B 434 3.91 36.00 3.57
CA THR B 434 4.99 35.87 4.56
C THR B 434 6.38 35.86 3.92
N LEU B 435 6.49 35.66 2.61
CA LEU B 435 7.78 35.51 1.95
C LEU B 435 8.35 36.90 1.60
N GLY B 436 9.53 36.90 0.99
CA GLY B 436 10.24 38.15 0.74
C GLY B 436 11.15 38.12 -0.48
N LYS B 437 12.36 38.61 -0.32
CA LYS B 437 13.26 38.80 -1.45
C LYS B 437 13.68 37.45 -2.02
N PRO B 438 13.99 37.39 -3.31
CA PRO B 438 14.39 36.12 -3.91
C PRO B 438 15.78 35.67 -3.47
N ILE B 439 16.03 34.38 -3.66
CA ILE B 439 17.28 33.74 -3.27
C ILE B 439 17.53 32.60 -4.24
N SER B 440 18.80 32.34 -4.53
CA SER B 440 19.15 31.37 -5.55
C SER B 440 19.17 29.97 -4.96
N THR B 441 18.68 29.01 -5.75
CA THR B 441 18.64 27.61 -5.35
C THR B 441 19.89 26.85 -5.74
N SER B 442 20.80 27.46 -6.49
CA SER B 442 22.03 26.80 -6.88
C SER B 442 22.92 26.59 -5.67
N ALA B 443 23.53 25.41 -5.59
CA ALA B 443 24.42 25.09 -4.48
C ALA B 443 25.79 25.70 -4.70
N ASP B 444 25.84 27.00 -4.93
CA ASP B 444 27.10 27.71 -5.15
C ASP B 444 27.02 29.11 -4.54
N GLU C 23 29.17 -16.26 -0.34
CA GLU C 23 30.61 -16.43 -0.67
C GLU C 23 31.12 -15.24 -1.46
N ASN C 24 30.25 -14.67 -2.27
CA ASN C 24 30.51 -13.45 -3.02
C ASN C 24 29.16 -13.00 -3.59
N LEU C 25 29.16 -11.99 -4.44
CA LEU C 25 27.89 -11.44 -4.88
C LEU C 25 27.28 -12.23 -6.04
N LEU C 26 28.11 -12.78 -6.94
CA LEU C 26 27.56 -13.57 -8.04
C LEU C 26 26.92 -14.86 -7.53
N GLN C 27 27.62 -15.60 -6.67
CA GLN C 27 27.03 -16.84 -6.18
C GLN C 27 25.78 -16.57 -5.36
N VAL C 28 25.82 -15.54 -4.52
CA VAL C 28 24.64 -15.17 -3.74
C VAL C 28 23.49 -14.86 -4.68
N TYR C 29 23.75 -14.06 -5.71
CA TYR C 29 22.69 -13.70 -6.65
C TYR C 29 22.18 -14.92 -7.40
N GLN C 30 23.04 -15.90 -7.67
CA GLN C 30 22.58 -17.09 -8.38
C GLN C 30 21.64 -17.92 -7.51
N GLN C 31 22.03 -18.19 -6.26
CA GLN C 31 21.07 -18.85 -5.37
C GLN C 31 19.77 -18.05 -5.26
N ALA C 32 19.87 -16.72 -5.15
CA ALA C 32 18.66 -15.92 -5.03
C ALA C 32 17.77 -16.07 -6.25
N ARG C 33 18.33 -15.82 -7.43
CA ARG C 33 17.56 -15.93 -8.67
C ARG C 33 16.94 -17.31 -8.82
N ILE C 34 17.65 -18.36 -8.36
CA ILE C 34 17.10 -19.70 -8.53
C ILE C 34 16.00 -19.99 -7.52
N SER C 35 16.07 -19.44 -6.32
CA SER C 35 15.15 -19.80 -5.25
C SER C 35 14.16 -18.70 -4.88
N ASN C 36 14.48 -17.44 -5.13
CA ASN C 36 13.65 -16.33 -4.67
C ASN C 36 12.20 -16.54 -5.10
N PRO C 37 11.24 -16.55 -4.17
CA PRO C 37 9.86 -16.87 -4.53
C PRO C 37 9.13 -15.70 -5.20
N ASP C 38 9.54 -14.47 -4.94
CA ASP C 38 8.90 -13.32 -5.59
C ASP C 38 9.05 -13.41 -7.10
N LEU C 39 10.25 -13.73 -7.59
CA LEU C 39 10.42 -13.91 -9.03
C LEU C 39 9.55 -15.04 -9.56
N ARG C 40 9.49 -16.17 -8.84
CA ARG C 40 8.72 -17.27 -9.37
C ARG C 40 7.24 -16.94 -9.41
N LYS C 41 6.75 -16.16 -8.45
CA LYS C 41 5.37 -15.72 -8.53
C LYS C 41 5.13 -14.76 -9.69
N SER C 42 6.05 -13.82 -9.89
CA SER C 42 5.90 -12.91 -11.03
C SER C 42 5.95 -13.67 -12.35
N ALA C 43 6.79 -14.70 -12.43
CA ALA C 43 6.83 -15.53 -13.62
C ALA C 43 5.53 -16.30 -13.79
N ALA C 44 4.97 -16.81 -12.71
CA ALA C 44 3.67 -17.46 -12.78
C ALA C 44 2.62 -16.51 -13.33
N ASP C 45 2.62 -15.26 -12.86
CA ASP C 45 1.66 -14.29 -13.37
C ASP C 45 1.88 -14.00 -14.85
N ARG C 46 3.14 -13.82 -15.26
CA ARG C 46 3.47 -13.63 -16.66
C ARG C 46 2.92 -14.76 -17.52
N ASP C 47 3.20 -16.01 -17.12
CA ASP C 47 2.74 -17.15 -17.90
C ASP C 47 1.22 -17.26 -17.88
N ALA C 48 0.60 -16.94 -16.74
CA ALA C 48 -0.86 -16.98 -16.67
C ALA C 48 -1.47 -16.00 -17.66
N ALA C 49 -0.89 -14.81 -17.80
CA ALA C 49 -1.39 -13.86 -18.79
C ALA C 49 -1.16 -14.37 -20.21
N PHE C 50 0.05 -14.84 -20.50
CA PHE C 50 0.34 -15.35 -21.83
C PHE C 50 -0.51 -16.56 -22.19
N GLU C 51 -1.10 -17.23 -21.20
CA GLU C 51 -2.05 -18.30 -21.46
C GLU C 51 -3.47 -17.79 -21.56
N LYS C 52 -3.83 -16.78 -20.77
CA LYS C 52 -5.13 -16.15 -20.90
C LYS C 52 -5.32 -15.57 -22.29
N ILE C 53 -4.22 -15.29 -22.99
CA ILE C 53 -4.35 -14.92 -24.41
C ILE C 53 -5.19 -15.95 -25.15
N ASN C 54 -4.98 -17.24 -24.87
CA ASN C 54 -5.71 -18.28 -25.59
C ASN C 54 -7.17 -18.34 -25.18
N GLU C 55 -7.47 -18.13 -23.89
CA GLU C 55 -8.86 -18.03 -23.48
C GLU C 55 -9.55 -16.87 -24.17
N ALA C 56 -8.82 -15.78 -24.40
CA ALA C 56 -9.41 -14.62 -25.07
C ALA C 56 -9.59 -14.89 -26.56
N ARG C 57 -8.72 -15.69 -27.16
CA ARG C 57 -8.87 -16.04 -28.56
C ARG C 57 -9.94 -17.10 -28.79
N SER C 58 -10.26 -17.90 -27.77
CA SER C 58 -11.20 -19.01 -27.97
C SER C 58 -12.53 -18.60 -28.55
N PRO C 59 -13.23 -17.56 -28.06
CA PRO C 59 -14.57 -17.27 -28.59
C PRO C 59 -14.62 -17.08 -30.10
N LEU C 60 -13.47 -16.88 -30.76
CA LEU C 60 -13.43 -16.76 -32.21
C LEU C 60 -13.35 -18.11 -32.92
N LEU C 61 -13.32 -19.22 -32.18
CA LEU C 61 -13.17 -20.54 -32.74
C LEU C 61 -14.49 -21.32 -32.66
N PRO C 62 -14.64 -22.37 -33.45
CA PRO C 62 -15.93 -23.10 -33.47
C PRO C 62 -16.30 -23.62 -32.10
N GLN C 63 -17.42 -23.12 -31.57
CA GLN C 63 -18.00 -23.61 -30.33
C GLN C 63 -18.98 -24.72 -30.66
N LEU C 64 -18.68 -25.94 -30.21
CA LEU C 64 -19.52 -27.09 -30.47
C LEU C 64 -20.11 -27.59 -29.16
N GLY C 65 -21.42 -27.74 -29.12
CA GLY C 65 -22.10 -28.17 -27.91
C GLY C 65 -23.17 -29.19 -28.22
N LEU C 66 -23.59 -29.89 -27.18
CA LEU C 66 -24.59 -30.95 -27.29
C LEU C 66 -25.65 -30.73 -26.23
N GLY C 67 -26.90 -30.98 -26.59
CA GLY C 67 -28.01 -30.85 -25.66
C GLY C 67 -28.97 -31.99 -25.83
N ALA C 68 -29.71 -32.29 -24.76
CA ALA C 68 -30.68 -33.37 -24.77
C ALA C 68 -31.76 -33.07 -23.75
N ASP C 69 -33.01 -33.29 -24.16
CA ASP C 69 -34.18 -32.98 -23.34
C ASP C 69 -35.15 -34.14 -23.33
N TYR C 70 -35.85 -34.29 -22.21
CA TYR C 70 -36.95 -35.23 -22.08
C TYR C 70 -38.06 -34.50 -21.36
N THR C 71 -39.22 -34.40 -22.00
CA THR C 71 -40.34 -33.62 -21.47
C THR C 71 -41.61 -34.45 -21.49
N TYR C 72 -42.43 -34.28 -20.45
CA TYR C 72 -43.75 -34.89 -20.37
C TYR C 72 -44.77 -33.76 -20.24
N THR C 73 -45.43 -33.44 -21.35
CA THR C 73 -46.40 -32.35 -21.37
C THR C 73 -47.79 -32.87 -21.13
N SER C 74 -48.56 -32.16 -20.30
CA SER C 74 -49.92 -32.51 -19.98
C SER C 74 -50.77 -31.26 -19.98
N GLY C 75 -51.89 -31.29 -20.70
CA GLY C 75 -52.78 -30.16 -20.79
C GLY C 75 -53.95 -30.30 -19.83
N PHE C 76 -54.51 -29.15 -19.43
CA PHE C 76 -55.59 -29.16 -18.46
C PHE C 76 -56.69 -28.15 -18.78
N ARG C 77 -56.64 -27.50 -19.95
CA ARG C 77 -57.69 -26.55 -20.33
C ARG C 77 -57.80 -26.59 -21.84
N ASP C 78 -58.92 -27.12 -22.33
CA ASP C 78 -59.16 -27.42 -23.74
C ASP C 78 -58.17 -28.44 -24.31
N TYR C 79 -57.33 -29.03 -23.45
CA TYR C 79 -56.33 -30.02 -23.84
C TYR C 79 -56.35 -31.25 -22.94
N LYS C 80 -57.35 -31.42 -22.09
CA LYS C 80 -57.37 -32.59 -21.23
C LYS C 80 -57.19 -33.85 -22.07
N ASP C 81 -56.52 -34.83 -21.47
CA ASP C 81 -56.27 -36.11 -22.13
C ASP C 81 -55.43 -35.95 -23.40
N GLN C 82 -54.67 -34.88 -23.51
CA GLN C 82 -53.71 -34.68 -24.60
C GLN C 82 -52.32 -34.58 -23.96
N ASN C 83 -51.69 -35.72 -23.75
CA ASN C 83 -50.38 -35.80 -23.13
C ASN C 83 -49.33 -36.15 -24.18
N SER C 84 -48.09 -35.75 -23.91
CA SER C 84 -47.00 -35.94 -24.86
C SER C 84 -45.73 -36.30 -24.12
N ASN C 85 -44.92 -37.17 -24.74
CA ASN C 85 -43.60 -37.54 -24.24
C ASN C 85 -42.59 -37.26 -25.34
N VAL C 86 -41.76 -36.24 -25.14
CA VAL C 86 -40.80 -35.82 -26.15
C VAL C 86 -39.40 -36.14 -25.65
N THR C 87 -38.59 -36.74 -26.51
CA THR C 87 -37.19 -37.02 -26.22
C THR C 87 -36.37 -36.50 -27.37
N SER C 88 -35.63 -35.40 -27.14
CA SER C 88 -34.92 -34.72 -28.20
C SER C 88 -33.43 -34.65 -27.88
N GLY C 89 -32.62 -34.59 -28.93
CA GLY C 89 -31.19 -34.45 -28.80
C GLY C 89 -30.62 -33.66 -29.96
N SER C 90 -29.86 -32.61 -29.65
CA SER C 90 -29.35 -31.70 -30.67
C SER C 90 -27.85 -31.54 -30.51
N LEU C 91 -27.18 -31.33 -31.65
CA LEU C 91 -25.74 -31.09 -31.73
C LEU C 91 -25.56 -29.74 -32.42
N GLN C 92 -25.35 -28.70 -31.62
CA GLN C 92 -25.26 -27.33 -32.11
C GLN C 92 -23.80 -26.93 -32.33
N LEU C 93 -23.56 -26.15 -33.38
CA LEU C 93 -22.25 -25.60 -33.68
C LEU C 93 -22.41 -24.11 -33.94
N THR C 94 -21.37 -23.35 -33.57
CA THR C 94 -21.42 -21.90 -33.70
C THR C 94 -20.06 -21.37 -34.11
N GLN C 95 -20.05 -20.45 -35.05
CA GLN C 95 -18.85 -19.79 -35.52
C GLN C 95 -19.14 -18.30 -35.67
N VAL C 96 -18.11 -17.49 -35.43
CA VAL C 96 -18.24 -16.03 -35.44
C VAL C 96 -17.52 -15.54 -36.69
N LEU C 97 -18.29 -15.01 -37.63
CA LEU C 97 -17.73 -14.51 -38.88
C LEU C 97 -17.35 -13.03 -38.80
N PHE C 98 -18.05 -12.27 -37.96
CA PHE C 98 -17.76 -10.84 -37.81
C PHE C 98 -18.22 -10.43 -36.42
N ASP C 99 -17.26 -10.21 -35.52
CA ASP C 99 -17.56 -9.66 -34.20
C ASP C 99 -16.30 -8.93 -33.74
N MET C 100 -16.29 -7.61 -33.89
CA MET C 100 -15.06 -6.86 -33.63
C MET C 100 -14.78 -6.74 -32.14
N SER C 101 -15.82 -6.81 -31.30
CA SER C 101 -15.59 -6.73 -29.87
C SER C 101 -14.67 -7.86 -29.40
N LYS C 102 -14.79 -9.04 -30.00
CA LYS C 102 -13.97 -10.16 -29.56
C LYS C 102 -12.54 -10.06 -30.09
N TRP C 103 -12.35 -9.56 -31.31
CA TRP C 103 -11.01 -9.28 -31.78
C TRP C 103 -10.33 -8.23 -30.90
N ARG C 104 -11.08 -7.20 -30.52
CA ARG C 104 -10.51 -6.19 -29.64
C ARG C 104 -10.18 -6.78 -28.28
N ALA C 105 -11.00 -7.70 -27.78
CA ALA C 105 -10.68 -8.36 -26.52
C ALA C 105 -9.39 -9.16 -26.63
N LEU C 106 -9.22 -9.88 -27.74
CA LEU C 106 -7.98 -10.62 -27.96
C LEU C 106 -6.77 -9.68 -27.97
N THR C 107 -6.89 -8.56 -28.68
CA THR C 107 -5.79 -7.61 -28.72
C THR C 107 -5.50 -7.02 -27.35
N LEU C 108 -6.55 -6.68 -26.60
CA LEU C 108 -6.35 -6.22 -25.22
C LEU C 108 -5.60 -7.26 -24.41
N GLN C 109 -5.93 -8.54 -24.57
CA GLN C 109 -5.23 -9.54 -23.78
C GLN C 109 -3.78 -9.66 -24.20
N GLU C 110 -3.49 -9.53 -25.49
CA GLU C 110 -2.09 -9.49 -25.91
C GLU C 110 -1.34 -8.33 -25.26
N LYS C 111 -1.96 -7.14 -25.23
CA LYS C 111 -1.32 -5.99 -24.60
C LYS C 111 -1.13 -6.21 -23.10
N ALA C 112 -2.13 -6.80 -22.43
CA ALA C 112 -2.01 -7.09 -21.01
C ALA C 112 -0.88 -8.08 -20.76
N ALA C 113 -0.71 -9.05 -21.64
CA ALA C 113 0.42 -9.98 -21.53
C ALA C 113 1.74 -9.24 -21.67
N GLY C 114 1.82 -8.30 -22.61
CA GLY C 114 3.03 -7.49 -22.73
C GLY C 114 3.32 -6.71 -21.45
N ILE C 115 2.28 -6.14 -20.85
CA ILE C 115 2.45 -5.40 -19.60
C ILE C 115 2.94 -6.33 -18.50
N GLN C 116 2.42 -7.55 -18.45
CA GLN C 116 2.88 -8.51 -17.45
C GLN C 116 4.34 -8.88 -17.68
N ASP C 117 4.75 -9.00 -18.94
CA ASP C 117 6.16 -9.28 -19.22
C ASP C 117 7.04 -8.14 -18.73
N VAL C 118 6.61 -6.89 -18.93
CA VAL C 118 7.40 -5.77 -18.44
C VAL C 118 7.44 -5.78 -16.91
N THR C 119 6.34 -6.15 -16.26
CA THR C 119 6.35 -6.26 -14.81
C THR C 119 7.33 -7.34 -14.35
N TYR C 120 7.40 -8.44 -15.09
CA TYR C 120 8.39 -9.47 -14.77
C TYR C 120 9.80 -8.95 -14.89
N GLN C 121 10.08 -8.16 -15.94
CA GLN C 121 11.40 -7.55 -16.05
C GLN C 121 11.70 -6.64 -14.86
N THR C 122 10.72 -5.83 -14.47
CA THR C 122 10.90 -4.96 -13.32
C THR C 122 11.20 -5.78 -12.08
N ASP C 123 10.56 -6.94 -11.94
CA ASP C 123 10.79 -7.78 -10.77
C ASP C 123 12.19 -8.41 -10.80
N GLN C 124 12.67 -8.80 -11.98
CA GLN C 124 14.06 -9.24 -12.09
C GLN C 124 15.03 -8.17 -11.60
N GLN C 125 14.86 -6.94 -12.10
CA GLN C 125 15.75 -5.87 -11.65
C GLN C 125 15.62 -5.64 -10.15
N THR C 126 14.40 -5.66 -9.64
CA THR C 126 14.18 -5.48 -8.20
C THR C 126 14.90 -6.56 -7.41
N LEU C 127 14.89 -7.80 -7.90
CA LEU C 127 15.60 -8.86 -7.18
C LEU C 127 17.09 -8.59 -7.18
N ILE C 128 17.64 -8.22 -8.33
CA ILE C 128 19.06 -7.91 -8.39
C ILE C 128 19.42 -6.82 -7.38
N LEU C 129 18.62 -5.75 -7.36
CA LEU C 129 18.90 -4.62 -6.48
C LEU C 129 18.77 -5.02 -5.03
N ASN C 130 17.73 -5.80 -4.68
CA ASN C 130 17.55 -6.21 -3.30
C ASN C 130 18.69 -7.12 -2.85
N THR C 131 19.08 -8.07 -3.69
CA THR C 131 20.19 -8.95 -3.36
C THR C 131 21.43 -8.13 -3.03
N ALA C 132 21.81 -7.23 -3.94
CA ALA C 132 23.01 -6.43 -3.72
C ALA C 132 22.89 -5.57 -2.48
N THR C 133 21.73 -4.94 -2.29
CA THR C 133 21.55 -4.06 -1.15
C THR C 133 21.66 -4.82 0.16
N ALA C 134 21.06 -6.00 0.24
CA ALA C 134 21.14 -6.80 1.46
C ALA C 134 22.56 -7.30 1.71
N TYR C 135 23.25 -7.73 0.65
CA TYR C 135 24.61 -8.23 0.81
C TYR C 135 25.52 -7.13 1.34
N PHE C 136 25.40 -5.92 0.76
CA PHE C 136 26.21 -4.81 1.23
C PHE C 136 25.76 -4.35 2.61
N LYS C 137 24.48 -4.49 2.94
CA LYS C 137 24.04 -4.17 4.29
C LYS C 137 24.73 -5.08 5.30
N VAL C 138 24.89 -6.36 4.94
CA VAL C 138 25.59 -7.29 5.82
C VAL C 138 27.04 -6.86 5.97
N LEU C 139 27.70 -6.55 4.85
CA LEU C 139 29.10 -6.15 4.92
C LEU C 139 29.27 -4.88 5.76
N ALA C 140 28.37 -3.91 5.58
CA ALA C 140 28.44 -2.68 6.34
C ALA C 140 28.23 -2.94 7.82
N ALA C 141 27.31 -3.84 8.15
CA ALA C 141 27.09 -4.17 9.56
C ALA C 141 28.33 -4.82 10.16
N ILE C 142 29.00 -5.67 9.39
CA ILE C 142 30.25 -6.28 9.89
C ILE C 142 31.27 -5.19 10.16
N ASP C 143 31.41 -4.23 9.23
CA ASP C 143 32.37 -3.16 9.43
C ASP C 143 32.02 -2.32 10.66
N THR C 144 30.73 -2.03 10.83
CA THR C 144 30.31 -1.21 11.97
C THR C 144 30.63 -1.92 13.27
N LEU C 145 30.35 -3.22 13.34
CA LEU C 145 30.66 -3.96 14.56
C LEU C 145 32.16 -3.98 14.81
N SER C 146 32.95 -4.17 13.75
CA SER C 146 34.40 -4.21 13.93
C SER C 146 34.93 -2.88 14.45
N TYR C 147 34.42 -1.76 13.92
CA TYR C 147 34.88 -0.46 14.39
C TYR C 147 34.40 -0.17 15.81
N THR C 148 33.20 -0.62 16.16
CA THR C 148 32.75 -0.46 17.54
C THR C 148 33.64 -1.24 18.49
N GLU C 149 34.04 -2.45 18.08
CA GLU C 149 34.93 -3.24 18.93
C GLU C 149 36.30 -2.58 19.02
N ALA C 150 36.78 -1.99 17.93
CA ALA C 150 38.09 -1.35 17.97
C ALA C 150 38.06 -0.11 18.86
N GLN C 151 36.96 0.64 18.83
CA GLN C 151 36.79 1.76 19.75
C GLN C 151 36.76 1.27 21.19
N LYS C 152 36.05 0.18 21.44
CA LYS C 152 36.01 -0.39 22.78
C LYS C 152 37.41 -0.74 23.25
N GLN C 153 38.20 -1.39 22.39
CA GLN C 153 39.55 -1.77 22.78
C GLN C 153 40.41 -0.55 23.06
N ALA C 154 40.29 0.49 22.24
CA ALA C 154 41.09 1.69 22.46
C ALA C 154 40.74 2.34 23.80
N ILE C 155 39.45 2.49 24.07
CA ILE C 155 39.04 3.10 25.32
C ILE C 155 39.43 2.23 26.50
N TYR C 156 39.38 0.90 26.35
CA TYR C 156 39.81 0.02 27.43
C TYR C 156 41.31 0.14 27.69
N ARG C 157 42.11 0.30 26.65
CA ARG C 157 43.54 0.55 26.88
C ARG C 157 43.74 1.85 27.66
N GLN C 158 43.05 2.91 27.25
CA GLN C 158 43.17 4.17 27.99
C GLN C 158 42.73 4.00 29.44
N LEU C 159 41.64 3.27 29.65
CA LEU C 159 41.14 3.05 31.01
C LEU C 159 42.14 2.27 31.85
N ASP C 160 42.77 1.26 31.26
CA ASP C 160 43.78 0.49 31.99
C ASP C 160 44.99 1.35 32.32
N GLN C 161 45.45 2.15 31.37
CA GLN C 161 46.56 3.05 31.66
C GLN C 161 46.23 3.97 32.83
N THR C 162 45.02 4.54 32.83
CA THR C 162 44.64 5.42 33.93
C THR C 162 44.53 4.67 35.25
N THR C 163 43.94 3.47 35.22
CA THR C 163 43.80 2.70 36.45
C THR C 163 45.17 2.36 37.04
N GLN C 164 46.13 2.00 36.18
CA GLN C 164 47.47 1.71 36.68
C GLN C 164 48.13 2.96 37.23
N ARG C 165 48.12 4.06 36.45
CA ARG C 165 48.73 5.29 36.93
C ARG C 165 48.07 5.81 38.19
N PHE C 166 46.83 5.41 38.47
CA PHE C 166 46.17 5.81 39.69
C PHE C 166 46.56 4.91 40.85
N ASN C 167 46.48 3.59 40.66
CA ASN C 167 46.93 2.66 41.69
C ASN C 167 48.38 2.92 42.08
N VAL C 168 49.18 3.52 41.19
CA VAL C 168 50.52 3.91 41.58
C VAL C 168 50.52 5.29 42.22
N GLY C 169 49.58 6.15 41.87
CA GLY C 169 49.47 7.47 42.42
C GLY C 169 49.82 8.66 41.52
N LEU C 170 49.87 8.47 40.20
CA LEU C 170 50.23 9.55 39.29
C LEU C 170 49.01 10.27 38.72
N VAL C 171 47.79 9.91 39.14
CA VAL C 171 46.58 10.52 38.60
C VAL C 171 45.47 10.36 39.62
N ALA C 172 44.42 11.15 39.48
CA ALA C 172 43.30 11.15 40.41
C ALA C 172 42.19 10.23 39.89
N ILE C 173 41.18 10.01 40.74
CA ILE C 173 40.08 9.13 40.38
C ILE C 173 39.18 9.76 39.33
N THR C 174 39.26 11.07 39.13
CA THR C 174 38.40 11.73 38.15
C THR C 174 38.59 11.10 36.77
N ASP C 175 39.85 10.93 36.35
CA ASP C 175 40.12 10.35 35.04
C ASP C 175 39.63 8.92 34.96
N VAL C 176 39.84 8.14 36.02
CA VAL C 176 39.38 6.76 36.02
C VAL C 176 37.87 6.71 35.83
N GLN C 177 37.13 7.55 36.53
CA GLN C 177 35.68 7.52 36.44
C GLN C 177 35.19 7.98 35.07
N ASN C 178 35.79 9.03 34.52
CA ASN C 178 35.43 9.46 33.17
C ASN C 178 35.67 8.35 32.16
N ALA C 179 36.84 7.71 32.24
CA ALA C 179 37.14 6.61 31.31
C ALA C 179 36.14 5.49 31.47
N ARG C 180 35.73 5.20 32.71
CA ARG C 180 34.75 4.15 32.94
C ARG C 180 33.41 4.48 32.29
N SER C 181 32.97 5.73 32.43
CA SER C 181 31.72 6.14 31.79
C SER C 181 31.79 5.96 30.28
N GLN C 182 32.88 6.43 29.68
CA GLN C 182 33.02 6.29 28.23
C GLN C 182 33.04 4.83 27.81
N TYR C 183 33.74 3.99 28.58
CA TYR C 183 33.78 2.57 28.28
C TYR C 183 32.40 1.94 28.31
N ASP C 184 31.59 2.28 29.32
CA ASP C 184 30.25 1.73 29.40
C ASP C 184 29.39 2.17 28.22
N ALA C 185 29.51 3.43 27.82
CA ALA C 185 28.78 3.89 26.63
C ALA C 185 29.17 3.06 25.42
N VAL C 186 30.46 2.82 25.23
CA VAL C 186 30.91 2.03 24.09
C VAL C 186 30.37 0.62 24.18
N LEU C 187 30.28 0.07 25.39
CA LEU C 187 29.70 -1.27 25.56
C LEU C 187 28.27 -1.32 25.04
N ALA C 188 27.48 -0.31 25.42
CA ALA C 188 26.10 -0.28 24.94
C ALA C 188 26.06 -0.21 23.41
N ASN C 189 26.92 0.62 22.82
CA ASN C 189 26.97 0.70 21.36
C ASN C 189 27.35 -0.65 20.76
N GLU C 190 28.24 -1.39 21.40
CA GLU C 190 28.62 -2.70 20.89
C GLU C 190 27.43 -3.64 20.87
N VAL C 191 26.63 -3.61 21.94
CA VAL C 191 25.42 -4.44 21.96
C VAL C 191 24.54 -4.10 20.77
N THR C 192 24.28 -2.81 20.57
CA THR C 192 23.45 -2.40 19.44
C THR C 192 24.03 -2.90 18.11
N ALA C 193 25.35 -2.79 17.94
CA ALA C 193 25.97 -3.18 16.68
C ALA C 193 25.87 -4.68 16.43
N ARG C 194 26.08 -5.49 17.48
CA ARG C 194 25.91 -6.93 17.30
C ARG C 194 24.50 -7.26 16.87
N ASN C 195 23.51 -6.64 17.53
CA ASN C 195 22.13 -6.89 17.13
C ASN C 195 21.92 -6.54 15.66
N ASP C 196 22.49 -5.41 15.24
CA ASP C 196 22.29 -4.96 13.86
C ASP C 196 22.90 -5.96 12.88
N LEU C 197 24.07 -6.50 13.21
CA LEU C 197 24.71 -7.48 12.34
C LEU C 197 23.86 -8.74 12.22
N ASP C 198 23.32 -9.21 13.35
CA ASP C 198 22.50 -10.41 13.32
C ASP C 198 21.25 -10.19 12.48
N ASN C 199 20.61 -9.04 12.63
CA ASN C 199 19.42 -8.74 11.84
C ASN C 199 19.75 -8.61 10.36
N ALA C 200 20.91 -8.04 10.04
CA ALA C 200 21.30 -7.91 8.63
C ALA C 200 21.54 -9.28 8.01
N VAL C 201 22.15 -10.20 8.76
CA VAL C 201 22.35 -11.54 8.21
C VAL C 201 21.00 -12.24 8.04
N GLU C 202 20.06 -11.95 8.93
CA GLU C 202 18.73 -12.58 8.83
C GLU C 202 17.99 -12.06 7.61
N GLU C 203 18.14 -10.77 7.31
CA GLU C 203 17.51 -10.21 6.10
C GLU C 203 18.18 -10.77 4.86
N LEU C 204 19.50 -10.94 4.88
CA LEU C 204 20.16 -11.53 3.72
C LEU C 204 19.64 -12.93 3.48
N ARG C 205 19.42 -13.70 4.56
CA ARG C 205 18.85 -15.03 4.38
C ARG C 205 17.44 -14.95 3.83
N GLN C 206 16.65 -13.97 4.28
CA GLN C 206 15.30 -13.82 3.73
C GLN C 206 15.34 -13.55 2.24
N VAL C 207 16.32 -12.78 1.79
CA VAL C 207 16.41 -12.45 0.37
C VAL C 207 16.86 -13.67 -0.43
N THR C 208 17.98 -14.27 -0.03
CA THR C 208 18.54 -15.37 -0.81
C THR C 208 17.86 -16.69 -0.46
N GLY C 209 17.96 -17.11 0.79
CA GLY C 209 17.38 -18.37 1.21
C GLY C 209 18.36 -19.24 1.96
N ASN C 210 19.60 -18.78 2.11
CA ASN C 210 20.64 -19.52 2.78
C ASN C 210 21.30 -18.62 3.83
N TYR C 211 21.89 -19.25 4.84
CA TYR C 211 22.66 -18.53 5.85
C TYR C 211 24.12 -18.55 5.44
N TYR C 212 24.69 -17.37 5.24
CA TYR C 212 26.06 -17.25 4.74
C TYR C 212 27.00 -16.90 5.88
N PRO C 213 27.79 -17.84 6.39
CA PRO C 213 28.72 -17.49 7.48
C PRO C 213 29.96 -16.76 7.00
N GLU C 214 30.28 -16.84 5.71
CA GLU C 214 31.41 -16.13 5.14
C GLU C 214 30.98 -15.44 3.85
N LEU C 215 31.27 -14.15 3.74
CA LEU C 215 30.94 -13.37 2.55
C LEU C 215 32.21 -12.68 2.06
N ALA C 216 32.34 -12.55 0.75
CA ALA C 216 33.49 -11.83 0.21
C ALA C 216 33.44 -10.39 0.67
N SER C 217 34.57 -9.89 1.15
CA SER C 217 34.61 -8.56 1.73
C SER C 217 35.04 -7.53 0.69
N LEU C 218 34.78 -6.28 0.99
CA LEU C 218 35.16 -5.21 0.08
C LEU C 218 36.66 -4.99 0.11
N ASN C 219 37.25 -4.80 -1.06
CA ASN C 219 38.68 -4.55 -1.19
C ASN C 219 38.87 -3.04 -1.18
N VAL C 220 39.11 -2.50 0.01
CA VAL C 220 39.22 -1.04 0.14
C VAL C 220 40.52 -0.53 -0.46
N ASP C 221 41.55 -1.37 -0.55
CA ASP C 221 42.79 -0.95 -1.18
C ASP C 221 42.59 -0.70 -2.66
N GLY C 222 42.08 -1.69 -3.38
CA GLY C 222 41.77 -1.51 -4.79
C GLY C 222 40.35 -1.06 -5.02
N PHE C 223 39.92 -0.01 -4.31
CA PHE C 223 38.59 0.55 -4.44
C PHE C 223 38.69 1.85 -5.20
N LYS C 224 37.99 1.94 -6.32
CA LYS C 224 38.02 3.12 -7.18
C LYS C 224 36.61 3.70 -7.31
N THR C 225 36.55 5.02 -7.41
CA THR C 225 35.29 5.73 -7.62
C THR C 225 35.38 6.47 -8.94
N SER C 226 34.56 6.06 -9.91
CA SER C 226 34.52 6.68 -11.22
C SER C 226 33.27 7.55 -11.34
N LYS C 227 33.44 8.76 -11.86
CA LYS C 227 32.31 9.66 -12.02
C LYS C 227 31.35 9.09 -13.06
N PRO C 228 30.05 9.12 -12.79
CA PRO C 228 29.09 8.61 -13.78
C PRO C 228 29.04 9.52 -15.00
N GLN C 229 28.55 8.95 -16.10
CA GLN C 229 28.49 9.72 -17.33
C GLN C 229 27.50 10.88 -17.17
N ALA C 230 27.58 11.82 -18.10
CA ALA C 230 26.78 13.03 -18.02
C ALA C 230 25.31 12.71 -17.82
N VAL C 231 24.62 13.61 -17.11
CA VAL C 231 23.23 13.34 -16.76
C VAL C 231 22.32 13.38 -17.98
N ASN C 232 22.73 14.09 -19.04
CA ASN C 232 21.91 14.11 -20.25
C ASN C 232 21.89 12.74 -20.91
N ALA C 233 23.05 12.08 -21.01
CA ALA C 233 23.09 10.73 -21.54
C ALA C 233 22.29 9.77 -20.66
N LEU C 234 22.39 9.93 -19.34
CA LEU C 234 21.59 9.10 -18.45
C LEU C 234 20.11 9.31 -18.71
N LEU C 235 19.68 10.56 -18.90
CA LEU C 235 18.27 10.81 -19.12
C LEU C 235 17.79 10.26 -20.45
N LYS C 236 18.61 10.37 -21.50
CA LYS C 236 18.23 9.78 -22.78
C LYS C 236 18.08 8.27 -22.67
N GLU C 237 19.11 7.59 -22.14
CA GLU C 237 19.00 6.14 -21.99
C GLU C 237 17.85 5.75 -21.08
N ALA C 238 17.52 6.59 -20.09
CA ALA C 238 16.41 6.27 -19.20
C ALA C 238 15.09 6.37 -19.93
N GLU C 239 14.87 7.48 -20.65
CA GLU C 239 13.67 7.61 -21.46
C GLU C 239 13.54 6.46 -22.45
N ASN C 240 14.66 5.92 -22.93
CA ASN C 240 14.61 4.85 -23.90
C ASN C 240 14.46 3.45 -23.30
N ARG C 241 14.88 3.26 -22.04
CA ARG C 241 14.99 1.90 -21.52
C ARG C 241 14.26 1.71 -20.19
N ASN C 242 14.10 2.78 -19.42
CA ASN C 242 13.48 2.65 -18.10
C ASN C 242 12.14 1.94 -18.20
N LEU C 243 11.88 1.07 -17.22
CA LEU C 243 10.71 0.19 -17.28
C LEU C 243 9.45 0.86 -16.76
N SER C 244 9.57 1.73 -15.76
CA SER C 244 8.41 2.48 -15.31
C SER C 244 7.81 3.31 -16.45
N LEU C 245 8.59 3.59 -17.48
CA LEU C 245 8.09 4.26 -18.68
C LEU C 245 7.53 3.28 -19.70
N LEU C 246 8.14 2.11 -19.88
CA LEU C 246 7.57 1.14 -20.80
C LEU C 246 6.20 0.70 -20.33
N GLN C 247 6.04 0.47 -19.03
CA GLN C 247 4.72 0.15 -18.51
C GLN C 247 3.71 1.26 -18.82
N ALA C 248 4.12 2.51 -18.65
CA ALA C 248 3.20 3.62 -18.88
C ALA C 248 2.82 3.74 -20.35
N ARG C 249 3.80 3.58 -21.25
CA ARG C 249 3.51 3.62 -22.68
C ARG C 249 2.59 2.49 -23.08
N LEU C 250 2.81 1.30 -22.52
CA LEU C 250 1.96 0.17 -22.84
C LEU C 250 0.56 0.36 -22.29
N ASN C 251 0.44 0.98 -21.11
CA ASN C 251 -0.88 1.29 -20.58
C ASN C 251 -1.58 2.34 -21.43
N GLN C 252 -0.84 3.29 -21.98
CA GLN C 252 -1.44 4.26 -22.90
C GLN C 252 -1.97 3.56 -24.15
N ASP C 253 -1.16 2.67 -24.73
CA ASP C 253 -1.64 1.91 -25.88
C ASP C 253 -2.85 1.07 -25.53
N LEU C 254 -2.86 0.51 -24.32
CA LEU C 254 -4.01 -0.28 -23.88
C LEU C 254 -5.25 0.59 -23.77
N ALA C 255 -5.10 1.82 -23.28
CA ALA C 255 -6.24 2.73 -23.20
C ALA C 255 -6.75 3.11 -24.59
N ARG C 256 -5.83 3.32 -25.54
CA ARG C 256 -6.25 3.58 -26.92
C ARG C 256 -7.04 2.40 -27.47
N GLU C 257 -6.55 1.18 -27.28
CA GLU C 257 -7.27 0.03 -27.79
C GLU C 257 -8.59 -0.16 -27.06
N GLN C 258 -8.67 0.26 -25.80
CA GLN C 258 -9.95 0.22 -25.09
C GLN C 258 -10.94 1.21 -25.70
N ILE C 259 -10.48 2.41 -26.07
CA ILE C 259 -11.35 3.32 -26.81
C ILE C 259 -11.89 2.63 -28.05
N ARG C 260 -10.99 2.01 -28.81
CA ARG C 260 -11.40 1.34 -30.04
C ARG C 260 -12.44 0.26 -29.75
N GLN C 261 -12.18 -0.57 -28.73
CA GLN C 261 -13.13 -1.60 -28.35
C GLN C 261 -14.49 -1.00 -27.98
N ALA C 262 -14.48 0.14 -27.30
CA ALA C 262 -15.72 0.76 -26.87
C ALA C 262 -16.53 1.26 -28.06
N GLN C 263 -15.89 1.98 -28.96
CA GLN C 263 -16.57 2.46 -30.16
C GLN C 263 -16.72 1.37 -31.22
N ASP C 264 -16.45 0.12 -30.87
CA ASP C 264 -16.75 -1.02 -31.72
C ASP C 264 -18.06 -1.69 -31.32
N GLY C 265 -18.91 -1.01 -30.56
CA GLY C 265 -20.19 -1.53 -30.19
C GLY C 265 -21.28 -1.13 -31.16
N HIS C 266 -21.05 -0.05 -31.91
CA HIS C 266 -21.98 0.35 -32.96
C HIS C 266 -22.03 -0.68 -34.08
N LEU C 267 -21.07 -1.58 -34.17
CA LEU C 267 -20.94 -2.43 -35.33
C LEU C 267 -21.84 -3.66 -35.22
N PRO C 268 -22.22 -4.25 -36.34
CA PRO C 268 -23.05 -5.46 -36.31
C PRO C 268 -22.20 -6.68 -35.98
N THR C 269 -22.86 -7.83 -35.94
CA THR C 269 -22.20 -9.10 -35.75
C THR C 269 -22.87 -10.15 -36.61
N LEU C 270 -22.07 -11.09 -37.13
CA LEU C 270 -22.59 -12.19 -37.91
C LEU C 270 -22.23 -13.50 -37.23
N ASP C 271 -23.08 -14.51 -37.39
CA ASP C 271 -22.91 -15.82 -36.79
C ASP C 271 -23.32 -16.89 -37.76
N LEU C 272 -22.73 -18.08 -37.59
CA LEU C 272 -22.94 -19.19 -38.51
C LEU C 272 -23.58 -20.37 -37.78
N ASN C 273 -24.62 -20.11 -37.02
CA ASN C 273 -25.27 -21.15 -36.22
C ASN C 273 -25.68 -22.33 -37.08
N ALA C 274 -25.09 -23.49 -36.83
CA ALA C 274 -25.49 -24.74 -37.43
C ALA C 274 -26.00 -25.69 -36.36
N SER C 275 -26.76 -26.70 -36.78
CA SER C 275 -27.40 -27.60 -35.83
C SER C 275 -27.76 -28.90 -36.52
N SER C 276 -27.62 -30.01 -35.80
CA SER C 276 -28.16 -31.30 -36.23
C SER C 276 -29.00 -31.86 -35.08
N GLY C 277 -30.32 -31.84 -35.23
CA GLY C 277 -31.22 -32.22 -34.16
C GLY C 277 -32.07 -33.41 -34.55
N VAL C 278 -32.46 -34.20 -33.54
CA VAL C 278 -33.34 -35.35 -33.72
C VAL C 278 -34.29 -35.37 -32.53
N SER C 279 -35.49 -35.89 -32.75
CA SER C 279 -36.53 -35.85 -31.74
C SER C 279 -37.44 -37.06 -31.91
N ASN C 280 -38.02 -37.49 -30.80
CA ASN C 280 -39.00 -38.57 -30.79
C ASN C 280 -40.17 -38.11 -29.93
N ASN C 281 -41.30 -37.80 -30.58
CA ASN C 281 -42.51 -37.39 -29.90
C ASN C 281 -43.47 -38.56 -29.87
N ARG C 282 -44.04 -38.83 -28.68
CA ARG C 282 -45.00 -39.90 -28.49
C ARG C 282 -46.23 -39.29 -27.81
N TYR C 283 -47.30 -39.12 -28.58
CA TYR C 283 -48.54 -38.55 -28.06
C TYR C 283 -49.42 -39.66 -27.54
N SER C 284 -49.84 -39.54 -26.28
CA SER C 284 -50.57 -40.61 -25.58
C SER C 284 -51.70 -39.98 -24.78
N GLY C 285 -52.92 -40.05 -25.31
CA GLY C 285 -54.09 -39.56 -24.60
C GLY C 285 -55.38 -39.93 -25.29
N SER C 286 -56.48 -40.01 -24.53
CA SER C 286 -57.75 -40.38 -25.11
C SER C 286 -58.19 -39.38 -26.18
N LYS C 287 -58.01 -38.09 -25.91
CA LYS C 287 -58.29 -37.04 -26.88
C LYS C 287 -57.06 -36.70 -27.73
N SER C 288 -56.02 -37.53 -27.69
CA SER C 288 -54.80 -37.26 -28.43
C SER C 288 -55.01 -37.50 -29.92
N ILE C 289 -55.32 -36.44 -30.67
CA ILE C 289 -55.57 -36.59 -32.10
C ILE C 289 -54.27 -36.79 -32.87
N SER C 290 -53.20 -36.14 -32.44
CA SER C 290 -51.93 -36.22 -33.15
C SER C 290 -51.38 -37.66 -33.12
N GLN C 291 -50.38 -37.91 -33.96
CA GLN C 291 -49.75 -39.21 -34.07
C GLN C 291 -48.29 -39.12 -33.66
N ASP C 292 -47.71 -40.27 -33.33
CA ASP C 292 -46.31 -40.34 -32.94
C ASP C 292 -45.42 -39.90 -34.11
N ALA C 293 -44.23 -39.40 -33.78
CA ALA C 293 -43.31 -38.96 -34.81
C ALA C 293 -41.87 -39.13 -34.34
N ASP C 294 -40.98 -39.43 -35.29
CA ASP C 294 -39.55 -39.49 -35.05
C ASP C 294 -38.89 -38.58 -36.10
N ILE C 295 -38.59 -37.35 -35.71
CA ILE C 295 -38.26 -36.28 -36.63
C ILE C 295 -36.76 -36.00 -36.55
N GLY C 296 -36.21 -35.51 -37.66
CA GLY C 296 -34.83 -35.08 -37.71
C GLY C 296 -34.70 -33.81 -38.52
N GLN C 297 -33.63 -33.07 -38.27
CA GLN C 297 -33.42 -31.80 -38.95
C GLN C 297 -31.95 -31.45 -38.93
N ASN C 298 -31.50 -30.77 -39.99
CA ASN C 298 -30.13 -30.29 -40.13
C ASN C 298 -30.20 -28.84 -40.62
N LYS C 299 -29.99 -27.90 -39.71
CA LYS C 299 -30.05 -26.49 -40.02
C LYS C 299 -28.65 -25.95 -40.23
N ILE C 300 -28.49 -25.09 -41.22
CA ILE C 300 -27.25 -24.34 -41.44
C ILE C 300 -27.66 -22.87 -41.55
N GLY C 301 -27.65 -22.18 -40.42
CA GLY C 301 -28.16 -20.83 -40.34
C GLY C 301 -27.08 -19.76 -40.45
N LEU C 302 -27.54 -18.52 -40.53
CA LEU C 302 -26.65 -17.37 -40.60
C LEU C 302 -27.39 -16.21 -39.94
N SER C 303 -26.98 -15.84 -38.74
CA SER C 303 -27.66 -14.81 -37.97
C SER C 303 -26.91 -13.49 -38.06
N PHE C 304 -27.65 -12.40 -38.16
CA PHE C 304 -27.07 -11.06 -38.26
C PHE C 304 -27.71 -10.19 -37.18
N SER C 305 -26.87 -9.49 -36.43
CA SER C 305 -27.33 -8.66 -35.31
C SER C 305 -26.80 -7.25 -35.51
N LEU C 306 -27.63 -6.27 -35.20
CA LEU C 306 -27.24 -4.88 -35.37
C LEU C 306 -28.00 -4.01 -34.37
N PRO C 307 -27.33 -3.50 -33.33
CA PRO C 307 -28.01 -2.59 -32.41
C PRO C 307 -28.04 -1.18 -32.99
N LEU C 308 -29.24 -0.60 -33.02
CA LEU C 308 -29.44 0.73 -33.58
C LEU C 308 -29.53 1.81 -32.51
N TYR C 309 -29.99 1.45 -31.32
CA TYR C 309 -30.10 2.40 -30.22
C TYR C 309 -30.14 1.61 -28.92
N GLN C 310 -29.46 2.14 -27.90
CA GLN C 310 -29.42 1.49 -26.60
C GLN C 310 -29.57 2.47 -25.45
N GLY C 311 -29.72 3.76 -25.72
CA GLY C 311 -29.92 4.75 -24.68
C GLY C 311 -28.62 5.44 -24.32
N GLY C 312 -27.79 5.67 -25.32
CA GLY C 312 -26.51 6.32 -25.07
C GLY C 312 -25.50 5.43 -24.37
N MET C 313 -25.73 4.12 -24.35
CA MET C 313 -24.79 3.22 -23.71
C MET C 313 -23.42 3.27 -24.39
N VAL C 314 -23.41 3.12 -25.73
CA VAL C 314 -22.14 3.04 -26.43
C VAL C 314 -21.43 4.39 -26.43
N ASN C 315 -22.16 5.48 -26.62
CA ASN C 315 -21.55 6.79 -26.57
C ASN C 315 -20.95 7.05 -25.19
N SER C 316 -21.66 6.66 -24.14
CA SER C 316 -21.14 6.83 -22.79
C SER C 316 -19.90 5.99 -22.57
N GLN C 317 -19.90 4.75 -23.05
CA GLN C 317 -18.72 3.92 -22.92
C GLN C 317 -17.53 4.51 -23.66
N VAL C 318 -17.77 5.08 -24.85
CA VAL C 318 -16.68 5.67 -25.61
C VAL C 318 -16.13 6.89 -24.89
N LYS C 319 -17.01 7.74 -24.33
CA LYS C 319 -16.52 8.89 -23.60
C LYS C 319 -15.76 8.48 -22.35
N GLN C 320 -16.24 7.45 -21.64
CA GLN C 320 -15.49 6.95 -20.49
C GLN C 320 -14.13 6.43 -20.91
N ALA C 321 -14.05 5.74 -22.06
CA ALA C 321 -12.78 5.25 -22.53
C ALA C 321 -11.84 6.39 -22.90
N GLN C 322 -12.39 7.46 -23.49
CA GLN C 322 -11.56 8.63 -23.78
C GLN C 322 -11.04 9.27 -22.51
N TYR C 323 -11.88 9.37 -21.48
CA TYR C 323 -11.40 9.93 -20.21
C TYR C 323 -10.35 9.03 -19.58
N ASN C 324 -10.50 7.71 -19.71
CA ASN C 324 -9.49 6.80 -19.21
C ASN C 324 -8.19 6.94 -19.99
N PHE C 325 -8.28 7.19 -21.29
CA PHE C 325 -7.08 7.45 -22.07
C PHE C 325 -6.39 8.74 -21.63
N VAL C 326 -7.18 9.76 -21.32
CA VAL C 326 -6.59 10.98 -20.77
C VAL C 326 -5.87 10.66 -19.46
N GLY C 327 -6.52 9.87 -18.60
CA GLY C 327 -5.87 9.49 -17.36
C GLY C 327 -4.58 8.71 -17.59
N ALA C 328 -4.57 7.86 -18.62
CA ALA C 328 -3.37 7.09 -18.93
C ALA C 328 -2.26 7.99 -19.45
N SER C 329 -2.60 8.99 -20.27
CA SER C 329 -1.61 9.96 -20.72
C SER C 329 -1.03 10.72 -19.53
N GLU C 330 -1.86 11.07 -18.55
CA GLU C 330 -1.34 11.77 -17.38
C GLU C 330 -0.49 10.84 -16.52
N GLN C 331 -0.86 9.57 -16.42
CA GLN C 331 0.01 8.60 -15.77
C GLN C 331 1.36 8.52 -16.48
N LEU C 332 1.35 8.59 -17.80
CA LEU C 332 2.60 8.56 -18.55
C LEU C 332 3.45 9.78 -18.23
N GLU C 333 2.83 10.95 -18.17
CA GLU C 333 3.58 12.16 -17.79
C GLU C 333 4.11 12.06 -16.36
N SER C 334 3.30 11.54 -15.44
CA SER C 334 3.77 11.34 -14.07
C SER C 334 4.95 10.39 -14.03
N ALA C 335 4.91 9.32 -14.82
CA ALA C 335 6.02 8.39 -14.87
C ALA C 335 7.26 9.06 -15.45
N HIS C 336 7.07 9.89 -16.47
CA HIS C 336 8.20 10.63 -17.03
C HIS C 336 8.84 11.54 -15.99
N ARG C 337 8.03 12.25 -15.21
CA ARG C 337 8.57 13.11 -14.17
C ARG C 337 9.29 12.31 -13.10
N SER C 338 8.70 11.18 -12.70
CA SER C 338 9.35 10.34 -11.69
C SER C 338 10.68 9.79 -12.19
N VAL C 339 10.73 9.38 -13.46
CA VAL C 339 11.98 8.89 -14.03
C VAL C 339 13.03 9.98 -14.05
N VAL C 340 12.68 11.16 -14.54
CA VAL C 340 13.65 12.27 -14.56
C VAL C 340 14.14 12.54 -13.14
N GLN C 341 13.22 12.63 -12.19
CA GLN C 341 13.60 12.95 -10.82
C GLN C 341 14.56 11.90 -10.27
N THR C 342 14.22 10.62 -10.45
CA THR C 342 15.05 9.56 -9.87
C THR C 342 16.40 9.48 -10.56
N VAL C 343 16.45 9.69 -11.87
CA VAL C 343 17.73 9.66 -12.58
C VAL C 343 18.63 10.77 -12.08
N ARG C 344 18.11 12.00 -12.02
CA ARG C 344 18.92 13.11 -11.56
C ARG C 344 19.31 12.96 -10.10
N SER C 345 18.40 12.43 -9.28
CA SER C 345 18.70 12.17 -7.89
C SER C 345 19.83 11.16 -7.75
N SER C 346 19.79 10.09 -8.54
CA SER C 346 20.84 9.08 -8.45
C SER C 346 22.17 9.62 -8.93
N PHE C 347 22.15 10.45 -9.98
CA PHE C 347 23.37 11.12 -10.40
C PHE C 347 23.96 11.95 -9.27
N ASN C 348 23.13 12.81 -8.66
CA ASN C 348 23.61 13.65 -7.58
C ASN C 348 24.07 12.82 -6.40
N ASN C 349 23.40 11.70 -6.13
CA ASN C 349 23.78 10.88 -4.98
C ASN C 349 25.11 10.18 -5.21
N VAL C 350 25.38 9.73 -6.44
CA VAL C 350 26.69 9.16 -6.72
C VAL C 350 27.78 10.22 -6.60
N ASN C 351 27.56 11.40 -7.19
CA ASN C 351 28.56 12.46 -7.08
C ASN C 351 28.80 12.83 -5.62
N ALA C 352 27.72 12.89 -4.83
CA ALA C 352 27.85 13.22 -3.42
C ALA C 352 28.58 12.12 -2.67
N SER C 353 28.35 10.87 -3.00
CA SER C 353 29.04 9.77 -2.33
C SER C 353 30.53 9.79 -2.66
N ILE C 354 30.89 10.14 -3.89
CA ILE C 354 32.30 10.31 -4.22
C ILE C 354 32.91 11.42 -3.38
N SER C 355 32.28 12.59 -3.38
CA SER C 355 32.79 13.71 -2.60
C SER C 355 32.88 13.35 -1.12
N SER C 356 31.92 12.55 -0.64
CA SER C 356 31.91 12.18 0.77
C SER C 356 33.02 11.18 1.08
N ILE C 357 33.28 10.24 0.18
CA ILE C 357 34.42 9.35 0.38
C ILE C 357 35.69 10.16 0.53
N ASN C 358 35.91 11.12 -0.37
CA ASN C 358 37.13 11.93 -0.27
C ASN C 358 37.16 12.73 1.04
N ALA C 359 36.04 13.36 1.37
CA ALA C 359 35.97 14.17 2.58
C ALA C 359 36.24 13.33 3.82
N TYR C 360 35.66 12.13 3.87
CA TYR C 360 35.82 11.29 5.05
C TYR C 360 37.20 10.66 5.12
N LYS C 361 37.86 10.43 3.98
CA LYS C 361 39.26 10.07 4.02
C LYS C 361 40.07 11.16 4.71
N GLN C 362 39.89 12.40 4.25
CA GLN C 362 40.63 13.50 4.86
C GLN C 362 40.28 13.62 6.34
N ALA C 363 39.00 13.44 6.67
CA ALA C 363 38.55 13.54 8.06
C ALA C 363 39.20 12.48 8.91
N VAL C 364 39.31 11.25 8.40
CA VAL C 364 39.91 10.17 9.18
C VAL C 364 41.38 10.47 9.43
N VAL C 365 42.09 10.96 8.42
CA VAL C 365 43.50 11.28 8.61
C VAL C 365 43.66 12.38 9.64
N SER C 366 42.84 13.44 9.53
CA SER C 366 42.92 14.55 10.46
C SER C 366 42.53 14.11 11.87
N ALA C 367 41.54 13.22 11.99
CA ALA C 367 41.14 12.73 13.30
C ALA C 367 42.24 11.89 13.94
N GLN C 368 42.95 11.10 13.15
CA GLN C 368 44.05 10.33 13.72
C GLN C 368 45.15 11.27 14.21
N SER C 369 45.42 12.32 13.43
CA SER C 369 46.43 13.29 13.86
C SER C 369 46.00 13.98 15.15
N SER C 370 44.75 14.44 15.20
CA SER C 370 44.25 15.11 16.40
C SER C 370 44.24 14.17 17.60
N LEU C 371 44.01 12.87 17.38
CA LEU C 371 44.07 11.93 18.50
C LEU C 371 45.48 11.81 19.03
N ASP C 372 46.47 11.70 18.15
CA ASP C 372 47.86 11.71 18.60
C ASP C 372 48.16 13.00 19.36
N ALA C 373 47.65 14.13 18.86
CA ALA C 373 47.88 15.40 19.52
C ALA C 373 47.29 15.42 20.93
N MET C 374 46.07 14.90 21.08
CA MET C 374 45.45 14.84 22.40
C MET C 374 46.23 13.93 23.34
N GLU C 375 46.71 12.79 22.84
CA GLU C 375 47.49 11.92 23.70
C GLU C 375 48.77 12.62 24.17
N ALA C 376 49.47 13.29 23.25
CA ALA C 376 50.65 14.04 23.64
C ALA C 376 50.31 15.12 24.66
N GLY C 377 49.28 15.92 24.39
CA GLY C 377 48.90 16.97 25.31
C GLY C 377 48.54 16.44 26.69
N TYR C 378 47.83 15.32 26.74
CA TYR C 378 47.49 14.71 28.03
C TYR C 378 48.75 14.27 28.74
N SER C 379 49.73 13.75 27.99
CA SER C 379 51.00 13.39 28.61
C SER C 379 51.69 14.60 29.20
N VAL C 380 51.63 15.75 28.51
CA VAL C 380 52.26 16.96 29.00
C VAL C 380 51.34 17.81 29.88
N GLY C 381 50.08 17.39 30.04
CA GLY C 381 49.17 18.06 30.96
C GLY C 381 48.37 19.21 30.37
N THR C 382 48.61 19.59 29.12
CA THR C 382 47.85 20.70 28.54
C THR C 382 46.38 20.34 28.35
N ARG C 383 46.07 19.06 28.14
CA ARG C 383 44.72 18.60 27.89
C ARG C 383 44.29 17.70 29.05
N THR C 384 43.09 17.14 28.93
CA THR C 384 42.54 16.21 29.91
C THR C 384 42.26 14.88 29.21
N ILE C 385 41.69 13.94 29.95
CA ILE C 385 41.41 12.63 29.38
C ILE C 385 40.07 12.60 28.68
N VAL C 386 39.10 13.37 29.15
CA VAL C 386 37.84 13.47 28.43
C VAL C 386 38.11 13.89 26.98
N ASP C 387 39.10 14.76 26.79
CA ASP C 387 39.47 15.16 25.43
C ASP C 387 40.05 13.99 24.65
N VAL C 388 40.91 13.19 25.28
CA VAL C 388 41.49 12.04 24.60
C VAL C 388 40.40 11.06 24.16
N LEU C 389 39.47 10.78 25.06
CA LEU C 389 38.42 9.81 24.73
C LEU C 389 37.45 10.39 23.70
N ASP C 390 37.18 11.70 23.76
CA ASP C 390 36.38 12.34 22.72
C ASP C 390 37.08 12.24 21.37
N ALA C 391 38.40 12.41 21.34
CA ALA C 391 39.13 12.28 20.09
C ALA C 391 39.09 10.85 19.56
N THR C 392 39.18 9.87 20.46
CA THR C 392 39.06 8.48 20.04
C THR C 392 37.68 8.22 19.41
N THR C 393 36.63 8.67 20.09
CA THR C 393 35.28 8.53 19.54
C THR C 393 35.17 9.20 18.18
N THR C 394 35.72 10.41 18.05
CA THR C 394 35.67 11.12 16.79
C THR C 394 36.37 10.32 15.69
N LEU C 395 37.56 9.80 15.99
CA LEU C 395 38.29 9.03 15.00
C LEU C 395 37.47 7.85 14.51
N TYR C 396 36.90 7.09 15.44
CA TYR C 396 36.22 5.87 15.01
C TYR C 396 34.87 6.17 14.37
N ASN C 397 34.22 7.28 14.75
CA ASN C 397 33.04 7.72 14.02
C ASN C 397 33.40 8.09 12.59
N ALA C 398 34.54 8.76 12.40
CA ALA C 398 34.98 9.08 11.04
C ALA C 398 35.24 7.83 10.23
N LYS C 399 35.85 6.81 10.85
CA LYS C 399 36.10 5.56 10.14
C LYS C 399 34.79 4.88 9.74
N GLN C 400 33.83 4.80 10.67
CA GLN C 400 32.52 4.24 10.33
C GLN C 400 31.86 5.01 9.20
N GLN C 401 31.93 6.33 9.24
CA GLN C 401 31.32 7.14 8.19
C GLN C 401 31.97 6.88 6.85
N LEU C 402 33.30 6.74 6.83
CA LEU C 402 33.99 6.42 5.58
C LEU C 402 33.52 5.09 5.01
N SER C 403 33.45 4.06 5.85
CA SER C 403 32.96 2.77 5.36
C SER C 403 31.55 2.87 4.81
N ASN C 404 30.65 3.49 5.57
CA ASN C 404 29.29 3.66 5.09
C ASN C 404 29.26 4.43 3.78
N ALA C 405 30.17 5.39 3.61
CA ALA C 405 30.22 6.15 2.37
C ALA C 405 30.59 5.26 1.20
N ARG C 406 31.57 4.37 1.39
CA ARG C 406 31.94 3.44 0.33
C ARG C 406 30.75 2.57 -0.07
N TYR C 407 30.10 1.96 0.92
CA TYR C 407 29.00 1.06 0.61
C TYR C 407 27.83 1.81 -0.03
N ASN C 408 27.57 3.03 0.42
CA ASN C 408 26.52 3.83 -0.20
C ASN C 408 26.89 4.23 -1.61
N TYR C 409 28.17 4.45 -1.89
CA TYR C 409 28.58 4.70 -3.26
C TYR C 409 28.25 3.51 -4.15
N LEU C 410 28.55 2.31 -3.68
CA LEU C 410 28.22 1.12 -4.47
C LEU C 410 26.71 1.02 -4.71
N ILE C 411 25.92 1.18 -3.65
CA ILE C 411 24.48 1.10 -3.80
C ILE C 411 23.97 2.19 -4.73
N ASN C 412 24.59 3.35 -4.74
CA ASN C 412 24.14 4.44 -5.59
C ASN C 412 24.49 4.20 -7.05
N GLU C 413 25.64 3.60 -7.31
CA GLU C 413 25.94 3.12 -8.65
C GLU C 413 24.85 2.16 -9.13
N LEU C 414 24.47 1.22 -8.26
CA LEU C 414 23.40 0.29 -8.63
C LEU C 414 22.09 1.04 -8.87
N ASN C 415 21.81 2.05 -8.06
CA ASN C 415 20.56 2.80 -8.24
C ASN C 415 20.52 3.53 -9.58
N ILE C 416 21.63 4.16 -9.98
CA ILE C 416 21.69 4.69 -11.34
C ILE C 416 21.38 3.59 -12.36
N LYS C 417 22.15 2.51 -12.31
CA LYS C 417 21.96 1.47 -13.33
C LYS C 417 20.55 0.91 -13.32
N SER C 418 19.85 0.99 -12.19
CA SER C 418 18.45 0.60 -12.12
C SER C 418 17.53 1.63 -12.75
N ALA C 419 17.81 2.91 -12.53
CA ALA C 419 17.00 3.98 -13.12
C ALA C 419 16.98 3.88 -14.64
N LEU C 420 18.12 3.59 -15.25
CA LEU C 420 18.17 3.42 -16.70
C LEU C 420 17.51 2.14 -17.17
N GLY C 421 17.09 1.27 -16.25
CA GLY C 421 16.55 -0.01 -16.65
C GLY C 421 17.55 -0.98 -17.23
N THR C 422 18.85 -0.70 -17.11
CA THR C 422 19.92 -1.54 -17.64
C THR C 422 20.65 -2.29 -16.54
N LEU C 423 19.92 -2.73 -15.51
CA LEU C 423 20.52 -3.48 -14.42
C LEU C 423 20.40 -4.97 -14.71
N ASN C 424 21.55 -5.64 -14.81
CA ASN C 424 21.61 -7.05 -15.19
C ASN C 424 22.80 -7.69 -14.48
N GLU C 425 23.09 -8.95 -14.83
CA GLU C 425 24.12 -9.68 -14.10
C GLU C 425 25.50 -9.09 -14.29
N GLN C 426 25.77 -8.45 -15.43
CA GLN C 426 27.10 -7.87 -15.65
C GLN C 426 27.38 -6.72 -14.70
N ASP C 427 26.35 -5.94 -14.36
CA ASP C 427 26.52 -4.90 -13.37
C ASP C 427 26.89 -5.48 -12.01
N LEU C 428 26.53 -6.73 -11.75
CA LEU C 428 26.99 -7.42 -10.54
C LEU C 428 28.34 -8.07 -10.71
N ILE C 429 28.70 -8.45 -11.94
CA ILE C 429 30.05 -8.95 -12.17
C ILE C 429 31.07 -7.86 -11.87
N ALA C 430 30.75 -6.62 -12.28
CA ALA C 430 31.59 -5.49 -11.91
C ALA C 430 31.82 -5.43 -10.40
N LEU C 431 30.74 -5.44 -9.63
CA LEU C 431 30.88 -5.41 -8.17
C LEU C 431 31.69 -6.59 -7.66
N ASN C 432 31.24 -7.81 -7.99
CA ASN C 432 31.96 -9.00 -7.54
C ASN C 432 33.43 -8.93 -7.85
N ASN C 433 33.81 -8.19 -8.90
CA ASN C 433 35.23 -7.92 -9.11
C ASN C 433 35.73 -6.87 -8.13
N THR C 434 34.85 -5.94 -7.70
CA THR C 434 35.24 -4.98 -6.69
C THR C 434 35.48 -5.61 -5.33
N LEU C 435 35.04 -6.85 -5.11
CA LEU C 435 35.15 -7.49 -3.81
C LEU C 435 36.50 -8.18 -3.67
N GLY C 436 36.72 -8.80 -2.51
CA GLY C 436 38.02 -9.36 -2.18
C GLY C 436 37.97 -10.54 -1.25
N LYS C 437 38.84 -10.54 -0.24
CA LYS C 437 39.00 -11.68 0.63
C LYS C 437 37.73 -11.91 1.45
N PRO C 438 37.46 -13.16 1.85
CA PRO C 438 36.25 -13.43 2.63
C PRO C 438 36.36 -12.92 4.06
N ILE C 439 35.19 -12.78 4.68
CA ILE C 439 35.08 -12.28 6.04
C ILE C 439 33.85 -12.92 6.66
N SER C 440 33.92 -13.19 7.96
CA SER C 440 32.87 -13.93 8.63
C SER C 440 31.72 -13.01 9.02
N THR C 441 30.50 -13.51 8.88
CA THR C 441 29.31 -12.77 9.24
C THR C 441 28.89 -13.01 10.69
N SER C 442 29.55 -13.92 11.40
CA SER C 442 29.21 -14.18 12.78
C SER C 442 29.58 -12.98 13.65
N ALA C 443 28.70 -12.66 14.59
CA ALA C 443 28.93 -11.53 15.48
C ALA C 443 29.87 -11.94 16.61
N ASP C 444 31.04 -12.47 16.25
CA ASP C 444 32.04 -12.87 17.23
C ASP C 444 33.44 -12.60 16.71
N ALA D 77 30.55 12.70 26.58
CA ALA D 77 30.27 11.64 25.62
C ALA D 77 29.40 12.16 24.47
N THR D 78 29.51 13.47 24.21
CA THR D 78 28.66 14.08 23.19
C THR D 78 29.03 13.60 21.81
N ALA D 79 30.34 13.57 21.51
CA ALA D 79 30.81 12.98 20.26
C ALA D 79 30.28 11.57 20.10
N LYS D 80 30.11 10.84 21.20
CA LYS D 80 29.50 9.52 21.15
C LYS D 80 28.00 9.58 21.26
N TRP D 81 27.46 10.62 21.91
CA TRP D 81 26.02 10.68 22.15
C TRP D 81 25.28 10.91 20.84
N THR D 82 25.82 11.78 19.98
CA THR D 82 25.17 12.05 18.70
C THR D 82 25.08 10.77 17.87
N THR D 83 26.19 10.04 17.75
CA THR D 83 26.18 8.81 16.96
C THR D 83 25.30 7.74 17.60
N GLU D 84 25.27 7.70 18.94
CA GLU D 84 24.39 6.76 19.62
C GLU D 84 22.93 7.05 19.27
N ASN D 85 22.53 8.32 19.35
CA ASN D 85 21.16 8.68 19.02
C ASN D 85 20.87 8.43 17.54
N LEU D 86 21.86 8.58 16.68
CA LEU D 86 21.64 8.33 15.26
C LEU D 86 21.42 6.84 15.00
N ALA D 87 22.23 5.99 15.64
CA ALA D 87 22.01 4.54 15.51
C ALA D 87 20.68 4.13 16.13
N LYS D 88 20.28 4.78 17.23
CA LYS D 88 18.95 4.51 17.80
C LYS D 88 17.85 4.89 16.82
N THR D 89 18.02 6.02 16.12
CA THR D 89 17.04 6.43 15.14
C THR D 89 17.03 5.50 13.94
N GLN D 90 18.19 4.92 13.59
CA GLN D 90 18.23 3.93 12.53
C GLN D 90 17.50 2.65 12.94
N ALA D 91 17.69 2.21 14.19
CA ALA D 91 16.92 1.06 14.69
C ALA D 91 15.43 1.36 14.68
N ALA D 92 15.06 2.58 15.06
CA ALA D 92 13.65 2.99 14.99
C ALA D 92 13.15 3.02 13.55
N GLN D 93 14.02 3.41 12.61
CA GLN D 93 13.65 3.35 11.19
C GLN D 93 13.43 1.92 10.74
N ALA D 94 14.23 0.99 11.24
CA ALA D 94 14.00 -0.42 10.93
C ALA D 94 12.68 -0.91 11.51
N GLU D 95 12.36 -0.47 12.73
CA GLU D 95 11.04 -0.77 13.29
C GLU D 95 9.92 -0.16 12.43
N ARG D 96 10.13 1.06 11.95
CA ARG D 96 9.16 1.67 11.05
C ARG D 96 9.01 0.86 9.77
N ALA D 97 10.12 0.33 9.26
CA ALA D 97 10.07 -0.54 8.09
C ALA D 97 9.24 -1.78 8.39
N LYS D 98 9.42 -2.37 9.56
CA LYS D 98 8.62 -3.53 9.95
C LYS D 98 7.13 -3.18 10.01
N ALA D 99 6.80 -2.01 10.58
CA ALA D 99 5.41 -1.58 10.60
C ALA D 99 4.87 -1.36 9.19
N ALA D 100 5.68 -0.76 8.32
CA ALA D 100 5.28 -0.58 6.93
C ALA D 100 5.06 -1.91 6.25
N MET D 101 5.88 -2.91 6.57
CA MET D 101 5.69 -4.24 6.00
C MET D 101 4.38 -4.85 6.48
N LEU D 102 4.05 -4.67 7.76
CA LEU D 102 2.75 -5.12 8.25
C LEU D 102 1.61 -4.41 7.53
N SER D 103 1.78 -3.12 7.27
CA SER D 103 0.77 -2.37 6.53
C SER D 103 0.60 -2.91 5.12
N GLN D 104 1.72 -3.17 4.44
CA GLN D 104 1.67 -3.72 3.09
C GLN D 104 1.08 -5.13 3.08
N GLN D 105 1.32 -5.90 4.14
CA GLN D 105 0.68 -7.21 4.25
C GLN D 105 -0.82 -7.06 4.40
N ALA D 106 -1.27 -6.07 5.17
CA ALA D 106 -2.69 -5.81 5.29
C ALA D 106 -3.28 -5.43 3.94
N ALA D 107 -2.65 -4.48 3.25
CA ALA D 107 -3.14 -4.02 1.96
C ALA D 107 -3.18 -5.17 0.95
N LYS D 108 -2.14 -5.99 0.91
CA LYS D 108 -2.12 -7.14 0.01
C LYS D 108 -3.22 -8.13 0.36
N ALA D 109 -3.47 -8.34 1.66
CA ALA D 109 -4.56 -9.20 2.07
C ALA D 109 -5.90 -8.64 1.58
N LYS D 110 -6.09 -7.33 1.69
CA LYS D 110 -7.33 -6.72 1.22
C LYS D 110 -7.48 -6.89 -0.28
N GLN D 111 -6.38 -6.69 -1.02
CA GLN D 111 -6.41 -6.91 -2.46
C GLN D 111 -6.76 -8.35 -2.79
N ALA D 112 -6.18 -9.31 -2.08
CA ALA D 112 -6.50 -10.71 -2.29
C ALA D 112 -7.97 -11.00 -2.01
N LYS D 113 -8.50 -10.40 -0.94
CA LYS D 113 -9.91 -10.58 -0.62
C LYS D 113 -10.78 -10.01 -1.73
N LEU D 114 -10.40 -8.85 -2.26
CA LEU D 114 -11.16 -8.26 -3.37
C LEU D 114 -11.09 -9.16 -4.59
N THR D 115 -9.93 -9.79 -4.83
CA THR D 115 -9.77 -10.64 -5.99
C THR D 115 -10.65 -11.87 -5.86
N GLN D 116 -10.62 -12.52 -4.69
CA GLN D 116 -11.46 -13.71 -4.50
C GLN D 116 -12.93 -13.34 -4.51
N HIS D 117 -13.26 -12.13 -4.08
CA HIS D 117 -14.65 -11.68 -4.12
C HIS D 117 -15.11 -11.55 -5.57
N LEU D 118 -14.35 -10.81 -6.38
CA LEU D 118 -14.72 -10.66 -7.79
C LEU D 118 -14.74 -12.02 -8.48
N LYS D 119 -13.85 -12.92 -8.07
CA LYS D 119 -13.83 -14.27 -8.63
C LYS D 119 -15.16 -14.97 -8.37
N ASP D 120 -15.53 -15.08 -7.09
CA ASP D 120 -16.77 -15.76 -6.74
C ASP D 120 -17.96 -15.09 -7.42
N VAL D 121 -17.97 -13.75 -7.45
CA VAL D 121 -19.08 -13.03 -8.06
C VAL D 121 -19.20 -13.36 -9.54
N VAL D 122 -18.07 -13.38 -10.25
CA VAL D 122 -18.12 -13.70 -11.68
C VAL D 122 -18.54 -15.14 -11.91
N ASP D 123 -18.06 -16.06 -11.07
CA ASP D 123 -18.46 -17.46 -11.21
C ASP D 123 -19.95 -17.62 -10.99
N ARG D 124 -20.50 -16.94 -9.99
CA ARG D 124 -21.94 -16.98 -9.74
C ARG D 124 -22.72 -16.37 -10.90
N ALA D 125 -22.27 -15.21 -11.39
CA ALA D 125 -23.00 -14.51 -12.44
C ALA D 125 -23.05 -15.31 -13.73
N LEU D 126 -21.98 -16.05 -14.05
CA LEU D 126 -21.91 -16.79 -15.30
C LEU D 126 -22.37 -18.23 -15.16
N GLN D 127 -22.76 -18.66 -13.96
CA GLN D 127 -23.22 -20.03 -13.75
C GLN D 127 -24.74 -20.09 -13.81
N ASN D 128 -25.40 -19.44 -12.84
CA ASN D 128 -26.85 -19.55 -12.71
C ASN D 128 -27.54 -19.12 -13.99
N ASN D 129 -27.20 -17.93 -14.50
CA ASN D 129 -27.89 -17.40 -15.68
C ASN D 129 -27.76 -18.36 -16.86
N LYS D 130 -26.62 -19.05 -16.97
CA LYS D 130 -26.39 -19.93 -18.10
C LYS D 130 -26.89 -21.34 -17.86
N THR D 131 -27.00 -21.77 -16.60
CA THR D 131 -27.44 -23.13 -16.32
C THR D 131 -28.87 -23.34 -16.81
N ARG D 132 -29.73 -22.33 -16.65
CA ARG D 132 -31.05 -22.39 -17.25
C ARG D 132 -30.91 -22.52 -18.75
N PRO D 133 -31.82 -23.28 -19.37
CA PRO D 133 -31.57 -23.69 -20.74
C PRO D 133 -31.65 -22.50 -21.68
N THR D 134 -30.64 -21.65 -21.65
CA THR D 134 -30.50 -20.52 -22.54
C THR D 134 -29.60 -20.82 -23.73
N VAL D 135 -29.00 -22.00 -23.78
CA VAL D 135 -28.14 -22.37 -24.89
C VAL D 135 -28.93 -22.40 -26.19
N ILE D 136 -28.28 -22.00 -27.29
CA ILE D 136 -28.92 -22.08 -28.59
C ILE D 136 -29.29 -23.53 -28.89
N ASP D 137 -28.48 -24.48 -28.42
CA ASP D 137 -28.76 -25.88 -28.64
C ASP D 137 -30.13 -26.25 -28.07
N LEU D 138 -30.34 -25.95 -26.78
CA LEU D 138 -31.56 -26.36 -26.11
C LEU D 138 -32.78 -25.66 -26.71
N ALA D 139 -32.63 -24.36 -27.02
CA ALA D 139 -33.72 -23.64 -27.68
C ALA D 139 -34.05 -24.23 -29.04
N HIS D 140 -33.02 -24.61 -29.81
CA HIS D 140 -33.24 -25.18 -31.12
C HIS D 140 -33.98 -26.52 -31.04
N GLN D 141 -33.61 -27.37 -30.07
CA GLN D 141 -34.32 -28.64 -29.94
C GLN D 141 -35.75 -28.41 -29.46
N ASN D 142 -35.94 -27.43 -28.58
CA ASN D 142 -37.30 -27.11 -28.15
C ASN D 142 -38.10 -26.60 -29.33
N ASN D 143 -37.46 -25.88 -30.25
CA ASN D 143 -38.16 -25.38 -31.42
C ASN D 143 -38.53 -26.53 -32.34
N GLN D 144 -37.70 -27.58 -32.39
CA GLN D 144 -38.09 -28.74 -33.18
C GLN D 144 -39.30 -29.43 -32.56
N GLN D 145 -39.32 -29.53 -31.23
CA GLN D 145 -40.48 -30.14 -30.57
C GLN D 145 -41.73 -29.30 -30.85
N MET D 146 -41.63 -27.97 -30.77
CA MET D 146 -42.79 -27.13 -31.09
C MET D 146 -43.21 -27.28 -32.55
N ALA D 147 -42.25 -27.47 -33.45
CA ALA D 147 -42.59 -27.69 -34.86
C ALA D 147 -43.35 -29.00 -35.02
N ALA D 148 -42.87 -30.07 -34.38
CA ALA D 148 -43.57 -31.34 -34.43
C ALA D 148 -44.95 -31.24 -33.80
N MET D 149 -45.13 -30.28 -32.89
CA MET D 149 -46.36 -30.20 -32.13
C MET D 149 -47.56 -29.88 -33.03
N ALA D 150 -47.42 -28.90 -33.92
CA ALA D 150 -48.52 -28.53 -34.79
C ALA D 150 -48.88 -29.59 -35.83
N GLU D 151 -48.11 -30.66 -35.96
CA GLU D 151 -48.48 -31.73 -36.89
C GLU D 151 -48.89 -32.98 -36.11
#